data_1RGR
#
_entry.id   1RGR
#
loop_
_entity.id
_entity.type
_entity.pdbx_description
1 polymer 'Presynaptic density protein 95'
2 polymer 'postsynaptic protein CRIPT peptide'
3 non-polymer BETA-ALANINE
#
loop_
_entity_poly.entity_id
_entity_poly.type
_entity_poly.pdbx_seq_one_letter_code
_entity_poly.pdbx_strand_id
1 'polypeptide(L)'
;EYEEITLERGNSGLGFSIAGGTDNPHIGDDPSIFITKIIPGGAAAQDGRLRVNDSILFVNEVDVREVTHSAAVEALKEAG
SIVRLYVMRRKPPHHHHHH
;
A
2 'polypeptide(L)' YKKTEV B
#
# COMPACT_ATOMS: atom_id res chain seq x y z
N GLU A 1 -6.02 11.38 -10.50
CA GLU A 1 -6.16 9.98 -10.96
C GLU A 1 -5.98 9.04 -9.74
N TYR A 2 -6.98 8.96 -8.84
CA TYR A 2 -6.91 8.09 -7.63
C TYR A 2 -8.15 7.17 -7.57
N GLU A 3 -7.87 5.88 -7.37
CA GLU A 3 -8.91 4.81 -7.33
C GLU A 3 -9.23 4.46 -5.86
N GLU A 4 -10.53 4.30 -5.57
CA GLU A 4 -11.02 4.06 -4.18
C GLU A 4 -11.35 2.54 -4.07
N ILE A 5 -10.62 1.84 -3.19
CA ILE A 5 -10.71 0.38 -3.00
C ILE A 5 -10.86 0.18 -1.48
N THR A 6 -12.03 -0.29 -1.00
CA THR A 6 -12.18 -0.76 0.40
C THR A 6 -11.96 -2.28 0.39
N LEU A 7 -11.11 -2.71 1.32
CA LEU A 7 -10.65 -4.10 1.43
C LEU A 7 -10.71 -4.54 2.92
N GLU A 8 -11.10 -5.80 3.15
CA GLU A 8 -11.17 -6.39 4.52
C GLU A 8 -9.77 -6.85 4.97
N ARG A 9 -9.21 -6.16 5.97
CA ARG A 9 -7.89 -6.49 6.53
C ARG A 9 -7.96 -7.81 7.36
N GLY A 10 -6.93 -8.67 7.19
CA GLY A 10 -6.66 -9.80 8.09
C GLY A 10 -6.36 -9.42 9.56
N ASN A 11 -6.34 -10.41 10.46
CA ASN A 11 -6.33 -10.16 11.94
C ASN A 11 -5.07 -9.38 12.44
N SER A 12 -3.91 -10.04 12.43
CA SER A 12 -2.59 -9.43 12.80
C SER A 12 -1.67 -9.07 11.58
N GLY A 13 -1.82 -9.79 10.45
CA GLY A 13 -1.18 -9.44 9.17
C GLY A 13 -2.26 -9.29 8.09
N LEU A 14 -2.02 -8.34 7.18
CA LEU A 14 -2.96 -8.01 6.10
C LEU A 14 -2.84 -9.11 5.00
N GLY A 15 -1.90 -8.95 4.06
CA GLY A 15 -1.83 -9.71 2.81
C GLY A 15 -1.42 -8.93 1.53
N PHE A 16 -0.51 -7.98 1.70
CA PHE A 16 0.12 -7.17 0.63
C PHE A 16 1.64 -7.10 1.00
N SER A 17 2.44 -6.49 0.13
CA SER A 17 3.89 -6.28 0.37
C SER A 17 4.30 -4.98 -0.33
N ILE A 18 4.79 -4.04 0.48
CA ILE A 18 5.09 -2.67 0.03
C ILE A 18 6.58 -2.51 -0.31
N ALA A 19 6.88 -1.91 -1.48
CA ALA A 19 8.16 -1.22 -1.72
C ALA A 19 8.18 0.20 -1.08
N GLY A 20 9.30 0.88 -1.33
CA GLY A 20 9.83 1.85 -0.38
C GLY A 20 9.43 3.31 -0.60
N GLY A 21 9.63 4.08 0.48
CA GLY A 21 9.38 5.52 0.53
C GLY A 21 10.64 6.38 0.53
N THR A 22 10.49 7.60 1.04
CA THR A 22 11.61 8.58 1.19
C THR A 22 12.85 8.08 2.01
N ASP A 23 12.62 7.39 3.15
CA ASP A 23 13.70 6.72 3.95
C ASP A 23 14.51 5.58 3.26
N ASN A 24 13.79 4.76 2.47
CA ASN A 24 14.25 3.48 1.90
C ASN A 24 13.59 3.57 0.49
N PRO A 25 14.18 4.12 -0.59
CA PRO A 25 13.47 4.27 -1.88
C PRO A 25 13.89 3.15 -2.86
N HIS A 26 12.91 2.47 -3.47
CA HIS A 26 13.12 1.80 -4.80
C HIS A 26 13.58 2.77 -5.97
N ILE A 27 13.29 4.07 -5.83
CA ILE A 27 13.42 5.12 -6.87
C ILE A 27 13.52 6.44 -6.05
N GLY A 28 14.67 7.14 -6.18
CA GLY A 28 14.76 8.55 -5.73
C GLY A 28 14.12 9.66 -6.62
N ASP A 29 13.38 9.26 -7.67
CA ASP A 29 12.67 10.19 -8.60
C ASP A 29 11.16 10.38 -8.30
N ASP A 30 10.52 9.55 -7.44
CA ASP A 30 9.11 9.72 -7.04
C ASP A 30 8.96 9.03 -5.65
N PRO A 31 9.16 9.69 -4.46
CA PRO A 31 8.94 9.04 -3.14
C PRO A 31 7.43 8.81 -2.90
N SER A 32 7.01 7.60 -3.25
CA SER A 32 5.60 7.17 -3.23
C SER A 32 5.65 5.70 -2.84
N ILE A 33 4.84 5.38 -1.82
CA ILE A 33 4.77 4.01 -1.26
C ILE A 33 4.00 3.17 -2.28
N PHE A 34 4.72 2.20 -2.82
CA PHE A 34 4.19 1.27 -3.83
C PHE A 34 3.93 -0.07 -3.13
N ILE A 35 3.03 -0.86 -3.71
CA ILE A 35 2.97 -2.31 -3.45
C ILE A 35 3.77 -2.97 -4.63
N THR A 36 4.85 -3.71 -4.33
CA THR A 36 5.55 -4.58 -5.33
C THR A 36 5.03 -6.05 -5.34
N LYS A 37 4.46 -6.58 -4.24
CA LYS A 37 3.95 -7.97 -4.20
C LYS A 37 2.59 -8.03 -3.44
N ILE A 38 1.77 -9.00 -3.85
CA ILE A 38 0.51 -9.41 -3.16
C ILE A 38 0.90 -10.65 -2.34
N ILE A 39 0.61 -10.64 -1.03
CA ILE A 39 0.87 -11.84 -0.17
C ILE A 39 -0.21 -12.93 -0.48
N PRO A 40 0.15 -14.16 -0.94
CA PRO A 40 -0.80 -15.21 -1.36
C PRO A 40 -1.61 -15.80 -0.18
N GLY A 41 -2.93 -15.89 -0.37
CA GLY A 41 -3.86 -16.22 0.75
C GLY A 41 -4.18 -15.11 1.80
N GLY A 42 -3.61 -13.90 1.65
CA GLY A 42 -3.88 -12.78 2.57
C GLY A 42 -5.09 -11.92 2.14
N ALA A 43 -5.14 -10.71 2.70
CA ALA A 43 -6.20 -9.71 2.47
C ALA A 43 -6.40 -9.29 0.98
N ALA A 44 -5.35 -8.77 0.32
CA ALA A 44 -5.37 -8.47 -1.14
C ALA A 44 -5.84 -9.60 -2.09
N ALA A 45 -5.33 -10.82 -1.86
CA ALA A 45 -5.70 -12.04 -2.62
C ALA A 45 -7.14 -12.58 -2.38
N GLN A 46 -7.63 -12.57 -1.11
CA GLN A 46 -9.00 -13.03 -0.75
C GLN A 46 -10.12 -12.04 -1.20
N ASP A 47 -10.02 -10.77 -0.79
CA ASP A 47 -11.06 -9.75 -1.01
C ASP A 47 -11.18 -9.25 -2.48
N GLY A 48 -10.05 -9.09 -3.18
CA GLY A 48 -10.03 -8.80 -4.62
C GLY A 48 -8.89 -9.55 -5.33
N ARG A 49 -8.43 -8.87 -6.37
CA ARG A 49 -7.49 -9.41 -7.39
C ARG A 49 -6.92 -8.19 -8.16
N LEU A 50 -6.26 -7.28 -7.43
CA LEU A 50 -5.77 -6.00 -7.97
C LEU A 50 -4.44 -6.26 -8.74
N ARG A 51 -3.73 -5.17 -9.00
CA ARG A 51 -2.28 -5.24 -9.22
C ARG A 51 -1.62 -4.79 -7.90
N VAL A 52 -0.38 -5.24 -7.79
CA VAL A 52 0.56 -4.81 -6.73
C VAL A 52 0.77 -3.28 -6.79
N ASN A 53 1.38 -2.78 -7.88
CA ASN A 53 1.74 -1.36 -8.11
C ASN A 53 0.81 -0.19 -7.68
N ASP A 54 -0.50 -0.44 -7.44
CA ASP A 54 -1.43 0.47 -6.72
C ASP A 54 -0.78 1.27 -5.54
N SER A 55 -0.47 2.52 -5.90
CA SER A 55 0.49 3.37 -5.16
C SER A 55 -0.26 4.04 -4.02
N ILE A 56 -0.07 3.57 -2.77
CA ILE A 56 -0.90 4.00 -1.63
C ILE A 56 -0.86 5.56 -1.42
N LEU A 57 -1.97 6.17 -1.85
CA LEU A 57 -2.21 7.64 -1.86
C LEU A 57 -2.69 8.12 -0.48
N PHE A 58 -3.86 7.62 -0.08
CA PHE A 58 -4.43 7.84 1.26
C PHE A 58 -4.88 6.45 1.74
N VAL A 59 -4.56 6.14 2.99
CA VAL A 59 -5.07 4.92 3.68
C VAL A 59 -5.89 5.44 4.89
N ASN A 60 -7.22 5.23 4.86
CA ASN A 60 -8.18 5.75 5.88
C ASN A 60 -8.44 7.26 5.64
N GLU A 61 -7.48 8.04 6.10
CA GLU A 61 -7.42 9.52 6.10
C GLU A 61 -5.95 10.03 6.23
N VAL A 62 -4.96 9.17 6.58
CA VAL A 62 -3.53 9.50 6.65
C VAL A 62 -2.96 9.77 5.21
N ASP A 63 -2.19 10.85 5.13
CA ASP A 63 -1.51 11.30 3.91
C ASP A 63 -0.13 10.59 3.81
N VAL A 64 -0.10 9.49 3.04
CA VAL A 64 1.13 8.67 2.83
C VAL A 64 1.81 9.09 1.48
N ARG A 65 2.37 8.14 0.71
CA ARG A 65 3.17 8.40 -0.52
C ARG A 65 4.57 9.02 -0.16
N GLU A 66 4.60 10.35 0.05
CA GLU A 66 5.78 11.13 0.46
C GLU A 66 5.95 11.06 2.00
N VAL A 67 6.31 9.84 2.43
CA VAL A 67 6.45 9.44 3.83
C VAL A 67 7.65 8.47 3.85
N THR A 68 8.10 8.22 5.08
CA THR A 68 8.75 6.95 5.45
C THR A 68 7.78 5.75 5.14
N HIS A 69 8.25 4.70 4.43
CA HIS A 69 7.50 3.42 4.28
C HIS A 69 6.92 2.78 5.59
N SER A 70 7.64 2.99 6.72
CA SER A 70 7.16 2.70 8.08
C SER A 70 5.84 3.43 8.47
N ALA A 71 5.67 4.74 8.20
CA ALA A 71 4.36 5.43 8.35
C ALA A 71 3.18 4.89 7.48
N ALA A 72 3.44 4.48 6.22
CA ALA A 72 2.43 3.80 5.37
C ALA A 72 2.11 2.34 5.71
N VAL A 73 3.11 1.49 5.99
CA VAL A 73 2.86 0.15 6.58
C VAL A 73 2.10 0.17 7.94
N GLU A 74 2.49 1.06 8.86
CA GLU A 74 1.74 1.34 10.10
C GLU A 74 0.30 1.84 9.80
N ALA A 75 0.08 2.86 8.95
CA ALA A 75 -1.28 3.27 8.52
C ALA A 75 -2.18 2.22 7.78
N LEU A 76 -1.56 1.30 7.00
CA LEU A 76 -2.19 0.05 6.51
C LEU A 76 -2.69 -0.90 7.64
N LYS A 77 -1.84 -1.28 8.61
CA LYS A 77 -2.28 -2.05 9.82
C LYS A 77 -3.19 -1.30 10.86
N GLU A 78 -2.95 0.01 11.07
CA GLU A 78 -3.84 0.94 11.83
C GLU A 78 -5.25 1.19 11.24
N ALA A 79 -5.51 0.84 9.98
CA ALA A 79 -6.89 0.66 9.46
C ALA A 79 -7.84 -0.33 10.21
N GLY A 80 -7.30 -1.30 10.95
CA GLY A 80 -8.08 -2.14 11.88
C GLY A 80 -8.57 -3.43 11.21
N SER A 81 -9.87 -3.71 11.26
CA SER A 81 -10.46 -4.80 10.43
C SER A 81 -10.73 -4.44 8.92
N ILE A 82 -10.50 -3.19 8.49
CA ILE A 82 -10.98 -2.65 7.20
C ILE A 82 -9.95 -1.58 6.73
N VAL A 83 -9.17 -1.95 5.71
CA VAL A 83 -8.26 -1.02 4.97
C VAL A 83 -9.06 -0.21 3.91
N ARG A 84 -9.09 1.11 4.07
CA ARG A 84 -9.72 2.03 3.10
C ARG A 84 -8.60 2.62 2.21
N LEU A 85 -8.32 1.93 1.10
CA LEU A 85 -7.16 2.21 0.24
C LEU A 85 -7.60 3.15 -0.89
N TYR A 86 -6.85 4.23 -1.05
CA TYR A 86 -7.09 5.24 -2.10
C TYR A 86 -5.71 5.36 -2.79
N VAL A 87 -5.60 5.12 -4.11
CA VAL A 87 -4.29 4.86 -4.76
C VAL A 87 -4.11 5.72 -6.04
N MET A 88 -3.09 6.59 -6.08
CA MET A 88 -2.85 7.53 -7.22
C MET A 88 -1.91 6.90 -8.28
N ARG A 89 -2.15 7.29 -9.54
CA ARG A 89 -1.29 6.90 -10.68
C ARG A 89 -0.27 8.03 -10.92
N ARG A 90 1.00 7.73 -10.58
CA ARG A 90 2.15 8.63 -10.77
C ARG A 90 3.15 7.97 -11.74
N LYS A 91 3.79 6.85 -11.33
CA LYS A 91 4.75 6.12 -12.20
C LYS A 91 4.32 4.63 -12.28
N PRO A 92 3.37 4.21 -13.20
CA PRO A 92 3.07 2.80 -13.47
C PRO A 92 4.11 2.18 -14.46
N PRO A 93 4.96 1.17 -14.11
CA PRO A 93 5.93 0.56 -15.05
C PRO A 93 5.25 -0.31 -16.13
N TYR B 1 16.97 -0.43 -1.17
CA TYR B 1 15.58 -0.56 -0.69
C TYR B 1 15.35 -1.93 0.03
N LYS B 2 14.27 -1.97 0.80
CA LYS B 2 13.74 -3.21 1.41
C LYS B 2 12.20 -3.16 1.29
N LYS B 3 11.62 -4.25 0.74
CA LYS B 3 10.17 -4.46 0.72
C LYS B 3 9.68 -4.98 2.10
N THR B 4 8.87 -4.15 2.77
CA THR B 4 8.23 -4.52 4.06
C THR B 4 6.88 -5.21 3.77
N GLU B 5 6.75 -6.39 4.37
CA GLU B 5 5.56 -7.27 4.22
C GLU B 5 4.45 -6.76 5.15
N VAL B 6 3.24 -6.67 4.59
CA VAL B 6 2.10 -6.02 5.25
C VAL B 6 0.89 -6.88 4.91
N GLU A 1 -5.34 9.18 -12.84
CA GLU A 1 -6.39 8.22 -12.42
C GLU A 1 -6.03 7.69 -11.04
N TYR A 2 -6.98 7.84 -10.11
CA TYR A 2 -6.86 7.32 -8.73
C TYR A 2 -8.18 6.61 -8.35
N GLU A 3 -8.02 5.42 -7.76
CA GLU A 3 -9.15 4.51 -7.48
C GLU A 3 -9.32 4.38 -5.96
N GLU A 4 -10.59 4.32 -5.54
CA GLU A 4 -10.97 4.21 -4.11
C GLU A 4 -11.42 2.75 -3.90
N ILE A 5 -10.69 2.04 -3.04
CA ILE A 5 -10.87 0.59 -2.78
C ILE A 5 -11.12 0.48 -1.26
N THR A 6 -12.17 -0.25 -0.91
CA THR A 6 -12.34 -0.77 0.47
C THR A 6 -11.92 -2.25 0.44
N LEU A 7 -11.00 -2.57 1.36
CA LEU A 7 -10.40 -3.90 1.49
C LEU A 7 -10.41 -4.29 2.96
N GLU A 8 -10.89 -5.48 3.30
CA GLU A 8 -10.91 -5.93 4.72
C GLU A 8 -9.51 -6.38 5.14
N ARG A 9 -9.00 -5.95 6.29
CA ARG A 9 -7.68 -6.43 6.81
C ARG A 9 -7.84 -7.88 7.32
N GLY A 10 -6.82 -8.71 6.99
CA GLY A 10 -6.72 -10.12 7.43
C GLY A 10 -6.98 -10.37 8.92
N ASN A 11 -5.96 -10.16 9.77
CA ASN A 11 -6.09 -10.33 11.25
C ASN A 11 -4.83 -9.67 11.91
N SER A 12 -3.75 -10.45 12.00
CA SER A 12 -2.40 -9.99 12.47
C SER A 12 -1.49 -9.44 11.33
N GLY A 13 -1.71 -9.86 10.08
CA GLY A 13 -1.26 -9.14 8.90
C GLY A 13 -2.46 -8.66 8.05
N LEU A 14 -2.07 -8.12 6.92
CA LEU A 14 -3.00 -7.68 5.86
C LEU A 14 -2.87 -8.60 4.61
N GLY A 15 -1.64 -8.93 4.18
CA GLY A 15 -1.37 -9.89 3.09
C GLY A 15 -0.97 -9.33 1.72
N PHE A 16 -0.08 -8.34 1.77
CA PHE A 16 0.52 -7.69 0.60
C PHE A 16 1.83 -6.99 1.05
N SER A 17 2.64 -6.55 0.10
CA SER A 17 4.04 -6.19 0.32
C SER A 17 4.37 -4.83 -0.31
N ILE A 18 4.78 -3.91 0.55
CA ILE A 18 5.03 -2.51 0.19
C ILE A 18 6.53 -2.29 -0.14
N ALA A 19 6.79 -1.70 -1.30
CA ALA A 19 8.09 -1.06 -1.59
C ALA A 19 8.07 0.43 -1.12
N GLY A 20 9.16 1.13 -1.45
CA GLY A 20 9.78 2.03 -0.49
C GLY A 20 9.36 3.50 -0.57
N GLY A 21 9.63 4.14 0.57
CA GLY A 21 9.30 5.55 0.79
C GLY A 21 10.49 6.52 0.72
N THR A 22 10.26 7.69 1.30
CA THR A 22 11.25 8.81 1.36
C THR A 22 12.64 8.46 1.98
N ASP A 23 12.67 7.66 3.06
CA ASP A 23 13.94 7.17 3.69
C ASP A 23 14.53 5.84 3.12
N ASN A 24 13.89 5.23 2.12
CA ASN A 24 14.27 3.93 1.55
C ASN A 24 13.49 3.94 0.20
N PRO A 25 13.97 4.47 -0.94
CA PRO A 25 13.15 4.57 -2.19
C PRO A 25 13.45 3.40 -3.14
N HIS A 26 12.41 2.92 -3.82
CA HIS A 26 12.56 2.00 -4.98
C HIS A 26 12.31 2.63 -6.39
N ILE A 27 11.62 3.77 -6.45
CA ILE A 27 11.02 4.34 -7.68
C ILE A 27 12.07 5.34 -8.24
N GLY A 28 12.12 5.44 -9.58
CA GLY A 28 12.86 6.55 -10.25
C GLY A 28 12.38 8.01 -10.04
N ASP A 29 11.27 8.23 -9.30
CA ASP A 29 10.90 9.56 -8.74
C ASP A 29 11.43 9.83 -7.29
N ASP A 30 11.97 8.82 -6.56
CA ASP A 30 12.31 8.86 -5.12
C ASP A 30 11.09 8.31 -4.29
N PRO A 31 10.05 9.07 -3.85
CA PRO A 31 9.24 8.71 -2.66
C PRO A 31 7.78 8.38 -3.03
N SER A 32 7.45 7.09 -3.05
CA SER A 32 6.09 6.64 -3.40
C SER A 32 5.93 5.29 -2.72
N ILE A 33 5.10 5.21 -1.68
CA ILE A 33 4.77 3.91 -1.03
C ILE A 33 3.83 3.19 -1.99
N PHE A 34 4.30 2.03 -2.44
CA PHE A 34 3.60 1.31 -3.50
C PHE A 34 3.73 -0.18 -3.22
N ILE A 35 2.61 -0.90 -3.33
CA ILE A 35 2.62 -2.37 -3.13
C ILE A 35 3.07 -3.00 -4.47
N THR A 36 4.16 -3.75 -4.34
CA THR A 36 4.73 -4.58 -5.42
C THR A 36 4.30 -6.09 -5.34
N LYS A 37 3.95 -6.65 -4.16
CA LYS A 37 3.55 -8.07 -4.04
C LYS A 37 2.25 -8.23 -3.21
N ILE A 38 1.61 -9.38 -3.44
CA ILE A 38 0.38 -9.83 -2.76
C ILE A 38 0.80 -11.17 -2.15
N ILE A 39 0.75 -11.24 -0.82
CA ILE A 39 1.01 -12.50 -0.10
C ILE A 39 -0.20 -13.47 -0.32
N PRO A 40 0.01 -14.77 -0.69
CA PRO A 40 -1.07 -15.79 -0.75
C PRO A 40 -1.72 -16.07 0.63
N GLY A 41 -3.07 -16.13 0.63
CA GLY A 41 -3.84 -15.97 1.90
C GLY A 41 -4.00 -14.55 2.47
N GLY A 42 -3.67 -13.54 1.67
CA GLY A 42 -3.81 -12.13 2.03
C GLY A 42 -5.13 -11.52 1.57
N ALA A 43 -5.39 -10.35 2.13
CA ALA A 43 -6.65 -9.63 1.90
C ALA A 43 -6.86 -9.04 0.49
N ALA A 44 -5.83 -8.46 -0.17
CA ALA A 44 -5.97 -8.02 -1.59
C ALA A 44 -6.10 -9.14 -2.64
N ALA A 45 -5.56 -10.33 -2.35
CA ALA A 45 -5.93 -11.57 -3.08
C ALA A 45 -7.38 -12.08 -2.75
N GLN A 46 -7.69 -12.26 -1.44
CA GLN A 46 -8.99 -12.73 -0.91
C GLN A 46 -10.20 -11.85 -1.31
N ASP A 47 -10.18 -10.57 -0.91
CA ASP A 47 -11.19 -9.57 -1.28
C ASP A 47 -11.13 -9.24 -2.79
N GLY A 48 -9.93 -8.97 -3.34
CA GLY A 48 -9.72 -8.94 -4.80
C GLY A 48 -10.43 -7.77 -5.47
N ARG A 49 -9.79 -6.61 -5.38
CA ARG A 49 -10.27 -5.36 -6.02
C ARG A 49 -9.28 -4.73 -7.02
N LEU A 50 -7.99 -4.92 -6.77
CA LEU A 50 -6.91 -4.37 -7.58
C LEU A 50 -5.84 -5.48 -7.73
N ARG A 51 -4.65 -5.04 -8.13
CA ARG A 51 -3.43 -5.85 -8.04
C ARG A 51 -2.92 -5.93 -6.57
N VAL A 52 -1.59 -5.99 -6.50
CA VAL A 52 -0.72 -5.69 -5.35
C VAL A 52 -1.22 -4.48 -4.51
N ASN A 53 -0.99 -3.33 -5.09
CA ASN A 53 -1.75 -2.08 -4.88
C ASN A 53 -1.48 -1.11 -6.04
N ASP A 54 -0.43 -1.32 -6.87
CA ASP A 54 0.14 -0.34 -7.80
C ASP A 54 0.92 0.72 -7.01
N SER A 55 0.25 1.77 -6.48
CA SER A 55 0.88 2.92 -5.82
C SER A 55 -0.15 3.53 -4.84
N ILE A 56 -0.12 3.10 -3.57
CA ILE A 56 -0.98 3.68 -2.50
C ILE A 56 -0.58 5.15 -2.24
N LEU A 57 -1.59 6.03 -2.30
CA LEU A 57 -1.46 7.44 -1.91
C LEU A 57 -1.90 7.80 -0.47
N PHE A 58 -3.11 7.38 -0.14
CA PHE A 58 -3.78 7.67 1.13
C PHE A 58 -4.39 6.32 1.54
N VAL A 59 -4.25 6.05 2.83
CA VAL A 59 -4.87 4.88 3.46
C VAL A 59 -5.68 5.44 4.64
N ASN A 60 -7.02 5.20 4.65
CA ASN A 60 -7.95 5.73 5.69
C ASN A 60 -8.31 7.19 5.36
N GLU A 61 -7.35 8.00 5.75
CA GLU A 61 -7.33 9.47 5.73
C GLU A 61 -5.86 9.97 5.89
N VAL A 62 -4.91 9.13 6.38
CA VAL A 62 -3.49 9.48 6.58
C VAL A 62 -2.83 9.76 5.21
N ASP A 63 -2.04 10.84 5.26
CA ASP A 63 -1.23 11.35 4.14
C ASP A 63 0.15 10.63 4.08
N VAL A 64 0.13 9.41 3.51
CA VAL A 64 1.32 8.55 3.37
C VAL A 64 2.02 8.94 2.05
N ARG A 65 1.94 8.12 0.97
CA ARG A 65 2.54 8.40 -0.36
C ARG A 65 4.05 8.77 -0.38
N GLU A 66 4.29 10.08 -0.26
CA GLU A 66 5.61 10.66 0.01
C GLU A 66 5.83 10.69 1.54
N VAL A 67 6.07 9.49 2.07
CA VAL A 67 6.37 9.27 3.49
C VAL A 67 7.48 8.19 3.53
N THR A 68 8.03 8.00 4.72
CA THR A 68 8.75 6.77 5.12
C THR A 68 7.85 5.51 4.99
N HIS A 69 8.40 4.42 4.44
CA HIS A 69 7.71 3.08 4.42
C HIS A 69 7.07 2.60 5.74
N SER A 70 7.75 2.88 6.87
CA SER A 70 7.26 2.66 8.24
C SER A 70 5.90 3.33 8.57
N ALA A 71 5.72 4.65 8.35
CA ALA A 71 4.40 5.30 8.52
C ALA A 71 3.25 4.77 7.62
N ALA A 72 3.56 4.40 6.36
CA ALA A 72 2.62 3.74 5.46
C ALA A 72 2.26 2.30 5.79
N VAL A 73 3.25 1.43 5.98
CA VAL A 73 3.00 0.06 6.49
C VAL A 73 2.20 -0.01 7.82
N GLU A 74 2.58 0.86 8.78
CA GLU A 74 1.85 1.06 10.04
C GLU A 74 0.43 1.60 9.81
N ALA A 75 0.19 2.66 9.01
CA ALA A 75 -1.19 3.07 8.62
C ALA A 75 -2.04 2.06 7.79
N LEU A 76 -1.39 1.19 6.98
CA LEU A 76 -2.01 -0.01 6.35
C LEU A 76 -2.56 -1.03 7.37
N LYS A 77 -1.73 -1.48 8.32
CA LYS A 77 -2.18 -2.31 9.46
C LYS A 77 -3.10 -1.60 10.51
N GLU A 78 -2.82 -0.32 10.83
CA GLU A 78 -3.68 0.57 11.66
C GLU A 78 -4.97 1.11 11.00
N ALA A 79 -5.24 0.75 9.74
CA ALA A 79 -6.59 0.78 9.19
C ALA A 79 -7.71 -0.04 9.88
N GLY A 80 -7.36 -0.87 10.89
CA GLY A 80 -8.32 -1.62 11.70
C GLY A 80 -8.71 -2.92 11.01
N SER A 81 -10.00 -3.24 11.05
CA SER A 81 -10.57 -4.35 10.24
C SER A 81 -10.84 -4.00 8.73
N ILE A 82 -10.73 -2.72 8.31
CA ILE A 82 -11.26 -2.22 7.02
C ILE A 82 -10.31 -1.09 6.54
N VAL A 83 -9.63 -1.42 5.45
CA VAL A 83 -8.51 -0.67 4.88
C VAL A 83 -9.06 0.13 3.69
N ARG A 84 -9.04 1.45 3.85
CA ARG A 84 -9.57 2.38 2.83
C ARG A 84 -8.40 2.86 1.95
N LEU A 85 -8.18 2.12 0.87
CA LEU A 85 -7.03 2.32 -0.03
C LEU A 85 -7.42 3.31 -1.13
N TYR A 86 -6.51 4.23 -1.41
CA TYR A 86 -6.65 5.18 -2.54
C TYR A 86 -5.33 5.06 -3.32
N VAL A 87 -5.39 4.71 -4.60
CA VAL A 87 -4.19 4.42 -5.42
C VAL A 87 -4.30 5.25 -6.70
N MET A 88 -3.29 6.09 -6.94
CA MET A 88 -3.05 6.73 -8.25
C MET A 88 -1.96 5.99 -9.01
N ARG A 89 -2.12 5.89 -10.32
CA ARG A 89 -1.05 5.43 -11.23
C ARG A 89 -0.11 6.60 -11.57
N ARG A 90 1.18 6.27 -11.61
CA ARG A 90 2.26 7.21 -11.97
C ARG A 90 2.08 7.79 -13.42
N LYS A 91 2.54 9.04 -13.61
CA LYS A 91 2.43 9.79 -14.89
C LYS A 91 2.98 8.99 -16.13
N PRO A 92 4.28 8.57 -16.24
CA PRO A 92 4.76 7.72 -17.33
C PRO A 92 4.16 6.26 -17.28
N PRO A 93 3.77 5.63 -18.42
CA PRO A 93 3.34 4.21 -18.47
C PRO A 93 4.54 3.25 -18.25
N TYR B 1 17.10 -0.33 -1.19
CA TYR B 1 15.74 -0.32 -0.62
C TYR B 1 15.53 -1.53 0.34
N LYS B 2 14.35 -1.55 0.96
CA LYS B 2 13.87 -2.66 1.79
C LYS B 2 12.32 -2.68 1.69
N LYS B 3 11.81 -3.76 1.08
CA LYS B 3 10.36 -3.98 0.97
C LYS B 3 9.87 -4.72 2.25
N THR B 4 8.85 -4.11 2.88
CA THR B 4 8.20 -4.69 4.07
C THR B 4 6.89 -5.40 3.66
N GLU B 5 6.72 -6.59 4.24
CA GLU B 5 5.49 -7.40 4.12
C GLU B 5 4.47 -6.91 5.18
N VAL B 6 3.26 -6.63 4.73
CA VAL B 6 2.13 -6.20 5.59
C VAL B 6 0.95 -7.09 5.21
N GLU A 1 -4.78 10.63 -11.88
CA GLU A 1 -6.04 9.96 -11.52
C GLU A 1 -5.83 9.11 -10.27
N TYR A 2 -6.72 9.29 -9.29
CA TYR A 2 -6.71 8.51 -8.03
C TYR A 2 -7.91 7.53 -8.01
N GLU A 3 -7.60 6.29 -7.65
CA GLU A 3 -8.58 5.19 -7.57
C GLU A 3 -8.78 4.84 -6.08
N GLU A 4 -10.05 4.74 -5.70
CA GLU A 4 -10.48 4.32 -4.36
C GLU A 4 -10.71 2.79 -4.34
N ILE A 5 -10.04 2.14 -3.39
CA ILE A 5 -10.11 0.68 -3.20
C ILE A 5 -10.41 0.50 -1.71
N THR A 6 -11.48 -0.25 -1.39
CA THR A 6 -11.73 -0.69 -0.01
C THR A 6 -11.46 -2.21 0.01
N LEU A 7 -10.62 -2.58 0.96
CA LEU A 7 -10.28 -3.98 1.24
C LEU A 7 -10.52 -4.22 2.75
N GLU A 8 -10.63 -5.50 3.11
CA GLU A 8 -10.60 -5.93 4.53
C GLU A 8 -9.13 -6.16 4.93
N ARG A 9 -8.82 -5.86 6.20
CA ARG A 9 -7.51 -6.19 6.79
C ARG A 9 -7.75 -7.43 7.69
N GLY A 10 -6.97 -8.48 7.42
CA GLY A 10 -6.88 -9.63 8.34
C GLY A 10 -6.41 -9.26 9.77
N ASN A 11 -6.90 -10.04 10.74
CA ASN A 11 -6.68 -9.77 12.20
C ASN A 11 -5.19 -9.62 12.64
N SER A 12 -4.36 -10.61 12.27
CA SER A 12 -2.89 -10.58 12.53
C SER A 12 -2.02 -9.80 11.49
N GLY A 13 -2.58 -9.49 10.32
CA GLY A 13 -1.90 -8.81 9.22
C GLY A 13 -2.82 -8.91 8.00
N LEU A 14 -2.50 -8.10 6.99
CA LEU A 14 -3.29 -8.04 5.73
C LEU A 14 -2.86 -9.26 4.90
N GLY A 15 -1.77 -9.12 4.13
CA GLY A 15 -1.33 -10.12 3.15
C GLY A 15 -1.03 -9.56 1.76
N PHE A 16 -0.24 -8.49 1.74
CA PHE A 16 0.45 -7.94 0.55
C PHE A 16 1.74 -7.25 1.06
N SER A 17 2.72 -7.08 0.20
CA SER A 17 3.91 -6.28 0.48
C SER A 17 3.75 -4.86 -0.05
N ILE A 18 4.50 -4.01 0.63
CA ILE A 18 4.75 -2.62 0.22
C ILE A 18 6.25 -2.46 -0.06
N ALA A 19 6.55 -1.83 -1.20
CA ALA A 19 7.89 -1.28 -1.49
C ALA A 19 7.96 0.17 -0.95
N GLY A 20 9.06 0.82 -1.31
CA GLY A 20 9.72 1.75 -0.41
C GLY A 20 9.27 3.21 -0.53
N GLY A 21 9.50 3.90 0.59
CA GLY A 21 9.14 5.30 0.76
C GLY A 21 10.34 6.24 0.71
N THR A 22 10.17 7.43 1.28
CA THR A 22 11.22 8.49 1.33
C THR A 22 12.60 8.12 1.92
N ASP A 23 12.60 7.35 3.03
CA ASP A 23 13.84 6.78 3.62
C ASP A 23 14.45 5.55 2.88
N ASN A 24 13.70 4.91 1.97
CA ASN A 24 14.11 3.68 1.25
C ASN A 24 13.35 3.82 -0.11
N PRO A 25 13.78 4.56 -1.17
CA PRO A 25 12.91 4.82 -2.33
C PRO A 25 13.34 3.97 -3.55
N HIS A 26 12.43 3.13 -4.04
CA HIS A 26 12.72 2.24 -5.21
C HIS A 26 12.03 2.63 -6.55
N ILE A 27 10.78 3.16 -6.51
CA ILE A 27 9.79 2.95 -7.59
C ILE A 27 9.22 4.34 -8.01
N GLY A 28 8.96 4.47 -9.31
CA GLY A 28 8.20 5.60 -9.87
C GLY A 28 8.98 6.92 -9.84
N ASP A 29 8.47 7.85 -9.03
CA ASP A 29 9.20 9.09 -8.66
C ASP A 29 10.39 8.92 -7.65
N ASP A 30 10.58 7.73 -7.04
CA ASP A 30 11.57 7.43 -5.98
C ASP A 30 10.78 7.42 -4.62
N PRO A 31 10.44 8.54 -3.91
CA PRO A 31 9.74 8.49 -2.60
C PRO A 31 8.20 8.44 -2.77
N SER A 32 7.70 7.22 -2.92
CA SER A 32 6.27 6.97 -3.14
C SER A 32 6.06 5.54 -2.64
N ILE A 33 5.08 5.36 -1.75
CA ILE A 33 4.76 4.02 -1.19
C ILE A 33 4.01 3.26 -2.29
N PHE A 34 4.60 2.13 -2.64
CA PHE A 34 4.02 1.22 -3.63
C PHE A 34 3.54 -0.02 -2.91
N ILE A 35 2.51 -0.60 -3.53
CA ILE A 35 2.07 -1.95 -3.23
C ILE A 35 2.82 -2.82 -4.30
N THR A 36 3.91 -3.46 -3.88
CA THR A 36 4.78 -4.27 -4.78
C THR A 36 4.27 -5.68 -5.10
N LYS A 37 3.84 -6.44 -4.07
CA LYS A 37 3.46 -7.87 -4.23
C LYS A 37 2.28 -8.24 -3.34
N ILE A 38 1.52 -9.24 -3.77
CA ILE A 38 0.32 -9.75 -3.06
C ILE A 38 0.80 -11.06 -2.43
N ILE A 39 0.67 -11.17 -1.10
CA ILE A 39 0.97 -12.44 -0.38
C ILE A 39 -0.19 -13.44 -0.70
N PRO A 40 0.08 -14.67 -1.21
CA PRO A 40 -0.97 -15.69 -1.49
C PRO A 40 -1.79 -16.13 -0.26
N GLY A 41 -3.13 -16.09 -0.38
CA GLY A 41 -4.02 -16.27 0.79
C GLY A 41 -4.14 -15.11 1.81
N GLY A 42 -3.52 -13.97 1.50
CA GLY A 42 -3.64 -12.74 2.28
C GLY A 42 -4.92 -11.96 2.03
N ALA A 43 -5.02 -10.79 2.65
CA ALA A 43 -6.24 -9.95 2.61
C ALA A 43 -6.62 -9.38 1.22
N ALA A 44 -5.63 -8.93 0.42
CA ALA A 44 -5.87 -8.51 -0.98
C ALA A 44 -6.26 -9.63 -1.97
N ALA A 45 -5.67 -10.83 -1.80
CA ALA A 45 -6.12 -12.08 -2.46
C ALA A 45 -7.49 -12.66 -1.99
N GLN A 46 -7.81 -12.53 -0.70
CA GLN A 46 -9.07 -12.97 -0.06
C GLN A 46 -10.28 -12.09 -0.48
N ASP A 47 -10.20 -10.77 -0.24
CA ASP A 47 -11.28 -9.79 -0.52
C ASP A 47 -11.42 -9.49 -2.04
N GLY A 48 -10.33 -9.05 -2.70
CA GLY A 48 -10.29 -8.87 -4.16
C GLY A 48 -9.30 -9.85 -4.81
N ARG A 49 -8.76 -9.43 -5.95
CA ARG A 49 -7.73 -10.18 -6.71
C ARG A 49 -7.28 -9.24 -7.87
N LEU A 50 -6.50 -8.22 -7.49
CA LEU A 50 -5.97 -7.24 -8.44
C LEU A 50 -4.46 -7.53 -8.67
N ARG A 51 -3.84 -6.53 -9.29
CA ARG A 51 -2.39 -6.35 -9.18
C ARG A 51 -2.26 -5.23 -8.13
N VAL A 52 -1.42 -5.59 -7.19
CA VAL A 52 -0.79 -4.71 -6.21
C VAL A 52 -0.38 -3.31 -6.70
N ASN A 53 0.59 -3.24 -7.64
CA ASN A 53 1.15 -1.99 -8.24
C ASN A 53 0.17 -0.79 -8.38
N ASP A 54 0.09 -0.07 -7.27
CA ASP A 54 -0.79 1.08 -7.12
C ASP A 54 -0.10 1.92 -6.03
N SER A 55 0.00 3.21 -6.36
CA SER A 55 0.80 4.17 -5.58
C SER A 55 -0.11 4.78 -4.49
N ILE A 56 -0.11 4.12 -3.32
CA ILE A 56 -0.92 4.53 -2.15
C ILE A 56 -0.50 5.93 -1.65
N LEU A 57 -1.50 6.80 -1.64
CA LEU A 57 -1.40 8.18 -1.12
C LEU A 57 -2.09 8.45 0.22
N PHE A 58 -3.35 8.05 0.30
CA PHE A 58 -4.15 8.16 1.52
C PHE A 58 -4.62 6.73 1.81
N VAL A 59 -4.45 6.36 3.07
CA VAL A 59 -5.06 5.14 3.63
C VAL A 59 -5.92 5.64 4.80
N ASN A 60 -7.26 5.44 4.72
CA ASN A 60 -8.27 5.96 5.70
C ASN A 60 -8.56 7.45 5.42
N GLU A 61 -7.56 8.23 5.80
CA GLU A 61 -7.49 9.70 5.79
C GLU A 61 -6.01 10.17 6.04
N VAL A 62 -5.10 9.31 6.56
CA VAL A 62 -3.66 9.61 6.78
C VAL A 62 -2.94 9.79 5.43
N ASP A 63 -2.14 10.86 5.39
CA ASP A 63 -1.29 11.20 4.24
C ASP A 63 0.07 10.44 4.37
N VAL A 64 0.14 9.33 3.63
CA VAL A 64 1.37 8.49 3.51
C VAL A 64 2.11 8.94 2.22
N ARG A 65 2.02 8.21 1.08
CA ARG A 65 2.65 8.57 -0.23
C ARG A 65 4.16 8.90 -0.18
N GLU A 66 4.45 10.19 0.01
CA GLU A 66 5.81 10.69 0.25
C GLU A 66 6.10 10.66 1.78
N VAL A 67 6.14 9.44 2.30
CA VAL A 67 6.47 9.12 3.70
C VAL A 67 7.55 8.02 3.65
N THR A 68 8.13 7.74 4.81
CA THR A 68 8.82 6.45 5.09
C THR A 68 7.82 5.26 4.96
N HIS A 69 8.25 4.19 4.28
CA HIS A 69 7.50 2.90 4.23
C HIS A 69 6.97 2.32 5.57
N SER A 70 7.73 2.54 6.65
CA SER A 70 7.34 2.19 8.04
C SER A 70 6.07 2.90 8.59
N ALA A 71 5.85 4.20 8.29
CA ALA A 71 4.55 4.87 8.52
C ALA A 71 3.37 4.39 7.61
N ALA A 72 3.64 4.03 6.35
CA ALA A 72 2.64 3.44 5.43
C ALA A 72 2.21 2.01 5.72
N VAL A 73 3.17 1.10 5.91
CA VAL A 73 2.91 -0.23 6.52
C VAL A 73 2.13 -0.20 7.86
N GLU A 74 2.52 0.73 8.76
CA GLU A 74 1.78 1.01 9.99
C GLU A 74 0.36 1.56 9.72
N ALA A 75 0.18 2.58 8.87
CA ALA A 75 -1.16 3.12 8.51
C ALA A 75 -2.14 2.16 7.78
N LEU A 76 -1.62 1.24 6.95
CA LEU A 76 -2.33 0.03 6.48
C LEU A 76 -2.85 -0.92 7.59
N LYS A 77 -2.01 -1.24 8.57
CA LYS A 77 -2.43 -1.99 9.80
C LYS A 77 -3.30 -1.16 10.79
N GLU A 78 -3.00 0.14 10.95
CA GLU A 78 -3.81 1.14 11.70
C GLU A 78 -5.21 1.47 11.10
N ALA A 79 -5.44 1.18 9.82
CA ALA A 79 -6.81 1.09 9.27
C ALA A 79 -7.84 0.18 9.98
N GLY A 80 -7.39 -0.67 10.92
CA GLY A 80 -8.24 -1.65 11.60
C GLY A 80 -8.64 -2.78 10.66
N SER A 81 -9.78 -3.41 10.94
CA SER A 81 -10.35 -4.47 10.07
C SER A 81 -10.72 -4.11 8.59
N ILE A 82 -10.61 -2.83 8.19
CA ILE A 82 -11.10 -2.28 6.91
C ILE A 82 -10.10 -1.19 6.47
N VAL A 83 -9.29 -1.55 5.46
CA VAL A 83 -8.32 -0.64 4.80
C VAL A 83 -9.03 0.17 3.69
N ARG A 84 -8.95 1.49 3.81
CA ARG A 84 -9.57 2.41 2.82
C ARG A 84 -8.44 3.05 2.00
N LEU A 85 -8.10 2.39 0.91
CA LEU A 85 -6.92 2.73 0.09
C LEU A 85 -7.33 3.73 -1.01
N TYR A 86 -6.46 4.70 -1.24
CA TYR A 86 -6.66 5.75 -2.27
C TYR A 86 -5.30 5.86 -2.97
N VAL A 87 -5.27 5.55 -4.28
CA VAL A 87 -4.01 5.28 -5.00
C VAL A 87 -3.99 6.14 -6.29
N MET A 88 -3.02 7.05 -6.44
CA MET A 88 -2.82 7.83 -7.70
C MET A 88 -1.46 7.52 -8.30
N ARG A 89 -1.49 7.28 -9.61
CA ARG A 89 -0.24 7.13 -10.38
C ARG A 89 0.31 8.53 -10.77
N ARG A 90 1.49 8.81 -10.21
CA ARG A 90 2.32 9.95 -10.63
C ARG A 90 3.37 9.40 -11.62
N LYS A 91 3.07 9.61 -12.90
CA LYS A 91 3.97 9.23 -14.01
C LYS A 91 5.27 10.09 -14.05
N PRO A 92 6.48 9.56 -14.43
CA PRO A 92 7.73 10.34 -14.49
C PRO A 92 7.67 11.57 -15.45
N PRO A 93 7.86 12.85 -15.01
CA PRO A 93 7.81 14.04 -15.90
C PRO A 93 9.06 14.11 -16.81
N TYR B 1 16.93 -0.88 -1.37
CA TYR B 1 15.53 -0.82 -0.90
C TYR B 1 15.22 -2.00 0.07
N LYS B 2 14.08 -1.86 0.76
CA LYS B 2 13.49 -2.92 1.58
C LYS B 2 11.95 -2.96 1.33
N LYS B 3 11.50 -4.17 1.01
CA LYS B 3 10.07 -4.49 0.89
C LYS B 3 9.61 -5.12 2.21
N THR B 4 8.77 -4.37 2.92
CA THR B 4 8.11 -4.85 4.15
C THR B 4 6.72 -5.42 3.77
N GLU B 5 6.36 -6.48 4.51
CA GLU B 5 5.06 -7.17 4.36
C GLU B 5 4.01 -6.47 5.25
N VAL B 6 2.80 -6.46 4.73
CA VAL B 6 1.63 -5.83 5.34
C VAL B 6 0.47 -6.73 4.98
N GLU A 1 -7.11 11.54 -11.82
CA GLU A 1 -8.02 10.47 -11.39
C GLU A 1 -7.36 9.71 -10.23
N TYR A 2 -8.12 9.55 -9.14
CA TYR A 2 -7.76 8.69 -7.99
C TYR A 2 -8.89 7.68 -7.71
N GLU A 3 -8.49 6.41 -7.50
CA GLU A 3 -9.41 5.29 -7.23
C GLU A 3 -9.40 5.00 -5.73
N GLU A 4 -10.60 4.85 -5.17
CA GLU A 4 -10.79 4.37 -3.79
C GLU A 4 -11.12 2.86 -3.80
N ILE A 5 -10.36 2.10 -3.00
CA ILE A 5 -10.44 0.61 -2.98
C ILE A 5 -10.40 0.21 -1.49
N THR A 6 -11.54 -0.31 -1.00
CA THR A 6 -11.64 -0.80 0.39
C THR A 6 -11.28 -2.31 0.37
N LEU A 7 -10.24 -2.64 1.11
CA LEU A 7 -9.79 -4.04 1.31
C LEU A 7 -9.94 -4.36 2.81
N GLU A 8 -10.43 -5.56 3.14
CA GLU A 8 -10.56 -5.97 4.55
C GLU A 8 -9.22 -6.47 5.12
N ARG A 9 -8.72 -5.86 6.22
CA ARG A 9 -7.52 -6.37 6.92
C ARG A 9 -7.79 -7.78 7.48
N GLY A 10 -7.20 -8.79 6.80
CA GLY A 10 -7.43 -10.23 7.08
C GLY A 10 -7.47 -10.64 8.56
N ASN A 11 -6.36 -10.41 9.28
CA ASN A 11 -6.35 -10.50 10.75
C ASN A 11 -5.20 -9.61 11.33
N SER A 12 -4.07 -10.22 11.70
CA SER A 12 -2.80 -9.52 12.04
C SER A 12 -2.03 -8.93 10.83
N GLY A 13 -2.24 -9.49 9.62
CA GLY A 13 -1.91 -8.86 8.35
C GLY A 13 -3.17 -8.63 7.50
N LEU A 14 -2.86 -7.96 6.41
CA LEU A 14 -3.77 -7.61 5.29
C LEU A 14 -3.29 -8.21 3.94
N GLY A 15 -2.24 -9.04 3.93
CA GLY A 15 -1.91 -9.91 2.81
C GLY A 15 -1.43 -9.28 1.50
N PHE A 16 -0.64 -8.23 1.65
CA PHE A 16 0.05 -7.53 0.56
C PHE A 16 1.35 -6.92 1.10
N SER A 17 2.22 -6.57 0.18
CA SER A 17 3.60 -6.17 0.46
C SER A 17 3.86 -4.82 -0.20
N ILE A 18 4.35 -3.91 0.64
CA ILE A 18 4.65 -2.53 0.22
C ILE A 18 6.18 -2.40 0.00
N ALA A 19 6.53 -1.97 -1.20
CA ALA A 19 7.84 -1.35 -1.47
C ALA A 19 7.80 0.16 -1.14
N GLY A 20 8.88 0.84 -1.53
CA GLY A 20 9.48 1.82 -0.64
C GLY A 20 8.99 3.27 -0.84
N GLY A 21 9.24 4.00 0.25
CA GLY A 21 8.90 5.42 0.37
C GLY A 21 10.12 6.33 0.25
N THR A 22 9.91 7.57 0.71
CA THR A 22 10.92 8.66 0.67
C THR A 22 12.32 8.33 1.31
N ASP A 23 12.33 7.63 2.46
CA ASP A 23 13.57 7.17 3.12
C ASP A 23 14.21 5.86 2.56
N ASN A 24 13.47 5.07 1.77
CA ASN A 24 13.92 3.77 1.25
C ASN A 24 13.19 3.71 -0.12
N PRO A 25 13.75 4.08 -1.29
CA PRO A 25 13.03 4.00 -2.58
C PRO A 25 13.38 2.69 -3.34
N HIS A 26 12.37 2.14 -4.02
CA HIS A 26 12.59 1.05 -5.02
C HIS A 26 12.44 1.47 -6.52
N ILE A 27 11.63 2.49 -6.80
CA ILE A 27 11.37 3.04 -8.16
C ILE A 27 12.23 4.31 -8.44
N GLY A 28 12.32 4.63 -9.73
CA GLY A 28 12.95 5.88 -10.20
C GLY A 28 12.10 7.18 -10.23
N ASP A 29 10.91 7.19 -9.60
CA ASP A 29 10.20 8.46 -9.25
C ASP A 29 10.71 9.16 -7.94
N ASP A 30 11.56 8.50 -7.11
CA ASP A 30 11.94 8.94 -5.74
C ASP A 30 10.97 8.30 -4.72
N PRO A 31 9.75 8.81 -4.36
CA PRO A 31 9.02 8.36 -3.14
C PRO A 31 7.79 7.52 -3.52
N SER A 32 6.66 7.71 -2.83
CA SER A 32 5.34 7.16 -3.24
C SER A 32 5.30 5.67 -2.87
N ILE A 33 4.53 5.37 -1.83
CA ILE A 33 4.47 4.03 -1.22
C ILE A 33 3.63 3.17 -2.18
N PHE A 34 4.25 2.14 -2.72
CA PHE A 34 3.65 1.33 -3.78
C PHE A 34 3.74 -0.14 -3.36
N ILE A 35 2.63 -0.85 -3.55
CA ILE A 35 2.58 -2.30 -3.30
C ILE A 35 3.38 -2.99 -4.46
N THR A 36 4.45 -3.70 -4.09
CA THR A 36 5.19 -4.58 -5.03
C THR A 36 4.64 -6.03 -5.12
N LYS A 37 4.04 -6.56 -4.04
CA LYS A 37 3.59 -7.96 -3.99
C LYS A 37 2.27 -8.08 -3.18
N ILE A 38 1.67 -9.22 -3.42
CA ILE A 38 0.47 -9.73 -2.75
C ILE A 38 0.98 -10.98 -2.03
N ILE A 39 0.67 -11.08 -0.72
CA ILE A 39 0.92 -12.33 0.04
C ILE A 39 -0.14 -13.39 -0.42
N PRO A 40 0.27 -14.61 -0.90
CA PRO A 40 -0.66 -15.73 -1.19
C PRO A 40 -1.48 -16.21 0.04
N GLY A 41 -2.80 -16.36 -0.15
CA GLY A 41 -3.72 -16.55 0.99
C GLY A 41 -4.00 -15.33 1.90
N GLY A 42 -3.56 -14.14 1.48
CA GLY A 42 -3.79 -12.88 2.19
C GLY A 42 -5.07 -12.18 1.72
N ALA A 43 -5.31 -11.03 2.34
CA ALA A 43 -6.54 -10.26 2.09
C ALA A 43 -6.69 -9.53 0.73
N ALA A 44 -5.60 -9.02 0.13
CA ALA A 44 -5.60 -8.59 -1.29
C ALA A 44 -5.90 -9.65 -2.38
N ALA A 45 -5.50 -10.91 -2.14
CA ALA A 45 -5.97 -12.04 -2.98
C ALA A 45 -7.51 -12.33 -2.89
N GLN A 46 -8.11 -12.22 -1.68
CA GLN A 46 -9.59 -12.37 -1.46
C GLN A 46 -10.42 -11.17 -2.01
N ASP A 47 -10.10 -9.94 -1.55
CA ASP A 47 -10.83 -8.72 -1.95
C ASP A 47 -10.76 -8.40 -3.49
N GLY A 48 -9.59 -8.63 -4.09
CA GLY A 48 -9.32 -8.42 -5.52
C GLY A 48 -8.40 -7.21 -5.80
N ARG A 49 -7.37 -7.01 -4.94
CA ARG A 49 -6.31 -5.99 -5.13
C ARG A 49 -4.92 -6.67 -5.36
N LEU A 50 -4.96 -7.76 -6.15
CA LEU A 50 -3.81 -8.48 -6.70
C LEU A 50 -2.86 -7.71 -7.64
N ARG A 51 -3.36 -6.64 -8.27
CA ARG A 51 -2.50 -5.63 -8.90
C ARG A 51 -1.96 -4.73 -7.79
N VAL A 52 -0.77 -5.19 -7.46
CA VAL A 52 0.09 -4.70 -6.38
C VAL A 52 0.34 -3.20 -6.61
N ASN A 53 1.08 -2.85 -7.67
CA ASN A 53 1.53 -1.48 -8.03
C ASN A 53 0.42 -0.40 -8.18
N ASP A 54 -0.15 -0.08 -7.02
CA ASP A 54 -1.12 0.99 -6.79
C ASP A 54 -0.39 1.79 -5.71
N SER A 55 0.19 2.90 -6.19
CA SER A 55 1.02 3.80 -5.36
C SER A 55 0.10 4.63 -4.44
N ILE A 56 -0.21 4.05 -3.29
CA ILE A 56 -1.16 4.59 -2.29
C ILE A 56 -0.63 5.92 -1.70
N LEU A 57 -1.47 6.93 -1.89
CA LEU A 57 -1.23 8.32 -1.45
C LEU A 57 -2.01 8.67 -0.18
N PHE A 58 -3.30 8.38 -0.21
CA PHE A 58 -4.15 8.44 0.98
C PHE A 58 -4.53 6.98 1.30
N VAL A 59 -4.55 6.70 2.60
CA VAL A 59 -5.18 5.48 3.15
C VAL A 59 -6.14 6.00 4.25
N ASN A 60 -7.45 5.71 4.10
CA ASN A 60 -8.53 6.20 5.02
C ASN A 60 -8.90 7.66 4.68
N GLU A 61 -7.97 8.51 5.10
CA GLU A 61 -7.93 9.97 4.93
C GLU A 61 -6.48 10.51 5.22
N VAL A 62 -5.55 9.69 5.79
CA VAL A 62 -4.16 10.05 6.11
C VAL A 62 -3.35 10.20 4.82
N ASP A 63 -2.58 11.29 4.79
CA ASP A 63 -1.61 11.58 3.73
C ASP A 63 -0.26 10.86 4.06
N VAL A 64 -0.08 9.73 3.39
CA VAL A 64 1.19 8.96 3.39
C VAL A 64 1.97 9.38 2.12
N ARG A 65 1.90 8.61 1.00
CA ARG A 65 2.63 8.88 -0.28
C ARG A 65 4.13 9.22 -0.14
N GLU A 66 4.37 10.54 0.02
CA GLU A 66 5.69 11.15 0.24
C GLU A 66 6.02 11.11 1.76
N VAL A 67 6.17 9.88 2.23
CA VAL A 67 6.46 9.53 3.63
C VAL A 67 7.51 8.39 3.56
N THR A 68 8.08 8.10 4.73
CA THR A 68 8.73 6.81 5.01
C THR A 68 7.68 5.65 4.87
N HIS A 69 8.07 4.58 4.15
CA HIS A 69 7.27 3.32 4.09
C HIS A 69 6.73 2.72 5.44
N SER A 70 7.49 2.92 6.51
CA SER A 70 7.10 2.57 7.89
C SER A 70 5.85 3.31 8.45
N ALA A 71 5.68 4.63 8.18
CA ALA A 71 4.41 5.33 8.45
C ALA A 71 3.20 4.88 7.60
N ALA A 72 3.43 4.56 6.31
CA ALA A 72 2.40 3.94 5.44
C ALA A 72 1.96 2.54 5.80
N VAL A 73 2.90 1.60 5.98
CA VAL A 73 2.59 0.25 6.50
C VAL A 73 1.82 0.21 7.86
N GLU A 74 2.21 1.08 8.80
CA GLU A 74 1.49 1.24 10.08
C GLU A 74 0.14 1.97 9.94
N ALA A 75 0.01 3.02 9.10
CA ALA A 75 -1.31 3.57 8.67
C ALA A 75 -2.27 2.61 7.90
N LEU A 76 -1.70 1.65 7.17
CA LEU A 76 -2.38 0.47 6.61
C LEU A 76 -3.00 -0.49 7.65
N LYS A 77 -2.22 -0.87 8.66
CA LYS A 77 -2.75 -1.58 9.86
C LYS A 77 -3.66 -0.69 10.77
N GLU A 78 -3.37 0.62 10.90
CA GLU A 78 -4.21 1.64 11.56
C GLU A 78 -5.59 1.94 10.90
N ALA A 79 -5.74 1.66 9.60
CA ALA A 79 -7.08 1.55 8.99
C ALA A 79 -8.11 0.56 9.61
N GLY A 80 -7.66 -0.31 10.54
CA GLY A 80 -8.53 -1.19 11.33
C GLY A 80 -8.75 -2.51 10.60
N SER A 81 -9.99 -2.96 10.62
CA SER A 81 -10.43 -4.12 9.79
C SER A 81 -10.68 -3.81 8.28
N ILE A 82 -10.57 -2.54 7.82
CA ILE A 82 -10.97 -2.10 6.46
C ILE A 82 -10.01 -0.95 6.05
N VAL A 83 -9.12 -1.29 5.13
CA VAL A 83 -8.10 -0.39 4.54
C VAL A 83 -8.70 0.32 3.33
N ARG A 84 -8.82 1.65 3.40
CA ARG A 84 -9.47 2.42 2.31
C ARG A 84 -8.37 3.13 1.51
N LEU A 85 -7.87 2.43 0.50
CA LEU A 85 -6.66 2.86 -0.24
C LEU A 85 -7.08 3.79 -1.39
N TYR A 86 -6.31 4.84 -1.56
CA TYR A 86 -6.54 5.85 -2.61
C TYR A 86 -5.28 5.85 -3.48
N VAL A 87 -5.45 5.70 -4.80
CA VAL A 87 -4.33 5.79 -5.78
C VAL A 87 -4.74 6.70 -6.98
N MET A 88 -4.06 7.85 -7.04
CA MET A 88 -3.93 8.72 -8.21
C MET A 88 -2.73 8.30 -9.08
N ARG A 89 -3.01 8.12 -10.37
CA ARG A 89 -2.01 7.61 -11.35
C ARG A 89 -1.52 8.81 -12.18
N ARG A 90 -0.25 9.11 -11.93
CA ARG A 90 0.50 10.15 -12.69
C ARG A 90 1.35 9.58 -13.85
N LYS A 91 1.80 8.31 -13.73
CA LYS A 91 2.63 7.66 -14.75
C LYS A 91 2.08 6.22 -14.96
N PRO A 92 1.05 5.96 -15.83
CA PRO A 92 0.72 4.60 -16.31
C PRO A 92 1.89 3.76 -16.94
N PRO A 93 2.76 4.22 -17.90
CA PRO A 93 3.87 3.41 -18.45
C PRO A 93 4.97 3.10 -17.42
N TYR B 1 16.98 -0.88 -0.90
CA TYR B 1 15.56 -0.82 -0.49
C TYR B 1 15.21 -1.99 0.49
N LYS B 2 14.03 -1.87 1.09
CA LYS B 2 13.41 -2.93 1.90
C LYS B 2 11.89 -2.92 1.63
N LYS B 3 11.41 -4.10 1.27
CA LYS B 3 9.96 -4.35 1.18
C LYS B 3 9.45 -4.86 2.55
N THR B 4 8.48 -4.12 3.10
CA THR B 4 7.73 -4.54 4.30
C THR B 4 6.46 -5.31 3.87
N GLU B 5 6.24 -6.42 4.58
CA GLU B 5 5.06 -7.30 4.37
C GLU B 5 3.95 -6.84 5.33
N VAL B 6 2.74 -6.72 4.78
CA VAL B 6 1.59 -6.10 5.45
C VAL B 6 0.36 -6.93 5.10
N GLU A 1 -4.87 10.62 -10.98
CA GLU A 1 -6.09 10.25 -10.22
C GLU A 1 -5.80 9.09 -9.23
N TYR A 2 -6.68 8.97 -8.24
CA TYR A 2 -6.60 7.92 -7.19
C TYR A 2 -7.92 7.11 -7.14
N GLU A 3 -7.73 5.79 -7.02
CA GLU A 3 -8.84 4.81 -6.93
C GLU A 3 -8.91 4.29 -5.48
N GLU A 4 -10.13 4.22 -4.97
CA GLU A 4 -10.44 3.75 -3.61
C GLU A 4 -10.81 2.25 -3.62
N ILE A 5 -10.12 1.50 -2.76
CA ILE A 5 -10.28 0.03 -2.63
C ILE A 5 -10.32 -0.23 -1.12
N THR A 6 -11.41 -0.86 -0.65
CA THR A 6 -11.52 -1.30 0.75
C THR A 6 -11.33 -2.84 0.79
N LEU A 7 -10.33 -3.24 1.59
CA LEU A 7 -9.90 -4.65 1.71
C LEU A 7 -10.04 -5.08 3.18
N GLU A 8 -10.65 -6.25 3.37
CA GLU A 8 -10.95 -6.78 4.71
C GLU A 8 -9.95 -7.93 5.02
N ARG A 9 -9.11 -7.68 6.05
CA ARG A 9 -8.30 -8.73 6.69
C ARG A 9 -8.72 -8.92 8.19
N GLY A 10 -7.90 -8.36 9.09
CA GLY A 10 -7.88 -8.62 10.53
C GLY A 10 -6.71 -9.51 10.98
N ASN A 11 -5.47 -9.11 10.63
CA ASN A 11 -4.25 -9.85 10.99
C ASN A 11 -3.02 -8.90 10.86
N SER A 12 -1.87 -9.38 11.35
CA SER A 12 -0.54 -8.81 10.98
C SER A 12 -0.09 -9.08 9.50
N GLY A 13 -0.61 -10.12 8.82
CA GLY A 13 -0.52 -10.26 7.35
C GLY A 13 -1.87 -9.92 6.69
N LEU A 14 -2.05 -8.63 6.38
CA LEU A 14 -3.14 -8.08 5.52
C LEU A 14 -3.11 -8.38 4.01
N GLY A 15 -2.09 -9.08 3.54
CA GLY A 15 -2.03 -9.64 2.20
C GLY A 15 -1.25 -8.87 1.15
N PHE A 16 -0.32 -7.98 1.50
CA PHE A 16 0.30 -7.08 0.52
C PHE A 16 1.65 -6.58 1.04
N SER A 17 2.69 -6.94 0.31
CA SER A 17 4.05 -6.45 0.55
C SER A 17 4.29 -5.13 -0.21
N ILE A 18 4.75 -4.16 0.56
CA ILE A 18 5.01 -2.78 0.08
C ILE A 18 6.52 -2.57 -0.04
N ALA A 19 6.93 -2.12 -1.23
CA ALA A 19 8.22 -1.45 -1.42
C ALA A 19 8.16 0.03 -0.98
N GLY A 20 9.26 0.69 -1.27
CA GLY A 20 9.79 1.69 -0.37
C GLY A 20 9.50 3.15 -0.76
N GLY A 21 9.63 3.95 0.28
CA GLY A 21 9.29 5.37 0.28
C GLY A 21 10.54 6.25 0.29
N THR A 22 10.34 7.51 0.65
CA THR A 22 11.39 8.57 0.59
C THR A 22 12.76 8.27 1.28
N ASP A 23 12.72 7.69 2.49
CA ASP A 23 13.94 7.23 3.22
C ASP A 23 14.29 5.71 3.11
N ASN A 24 13.65 5.00 2.18
CA ASN A 24 13.94 3.59 1.88
C ASN A 24 13.44 3.46 0.41
N PRO A 25 14.01 4.03 -0.70
CA PRO A 25 13.27 4.15 -1.97
C PRO A 25 13.44 2.90 -2.88
N HIS A 26 12.31 2.32 -3.31
CA HIS A 26 12.30 1.44 -4.53
C HIS A 26 12.83 2.13 -5.85
N ILE A 27 12.61 3.44 -5.94
CA ILE A 27 12.83 4.27 -7.14
C ILE A 27 13.21 5.66 -6.56
N GLY A 28 14.38 6.15 -6.98
CA GLY A 28 14.74 7.58 -6.77
C GLY A 28 14.10 8.63 -7.73
N ASP A 29 13.15 8.21 -8.58
CA ASP A 29 12.40 9.08 -9.52
C ASP A 29 10.93 9.38 -9.08
N ASP A 30 10.40 8.71 -8.03
CA ASP A 30 9.04 8.93 -7.56
C ASP A 30 9.00 8.54 -6.05
N PRO A 31 9.29 9.43 -5.07
CA PRO A 31 9.08 9.14 -3.63
C PRO A 31 7.58 8.90 -3.28
N SER A 32 7.24 7.61 -3.25
CA SER A 32 5.86 7.12 -3.11
C SER A 32 5.97 5.64 -2.66
N ILE A 33 4.88 5.17 -2.06
CA ILE A 33 4.84 3.81 -1.47
C ILE A 33 4.13 2.93 -2.52
N PHE A 34 4.88 1.93 -2.95
CA PHE A 34 4.46 1.02 -4.03
C PHE A 34 4.21 -0.35 -3.40
N ILE A 35 3.29 -1.09 -3.99
CA ILE A 35 3.16 -2.54 -3.70
C ILE A 35 3.99 -3.25 -4.81
N THR A 36 5.12 -3.86 -4.44
CA THR A 36 5.88 -4.76 -5.37
C THR A 36 5.38 -6.23 -5.35
N LYS A 37 4.83 -6.76 -4.23
CA LYS A 37 4.22 -8.11 -4.23
C LYS A 37 2.94 -8.15 -3.35
N ILE A 38 2.16 -9.23 -3.56
CA ILE A 38 0.90 -9.50 -2.83
C ILE A 38 1.17 -10.80 -2.06
N ILE A 39 0.73 -10.84 -0.79
CA ILE A 39 0.71 -12.10 -0.01
C ILE A 39 -0.61 -12.86 -0.39
N PRO A 40 -0.56 -14.08 -1.00
CA PRO A 40 -1.75 -14.93 -1.24
C PRO A 40 -2.45 -15.41 0.06
N GLY A 41 -3.78 -15.54 0.00
CA GLY A 41 -4.59 -15.76 1.23
C GLY A 41 -4.93 -14.53 2.11
N GLY A 42 -4.25 -13.38 1.89
CA GLY A 42 -4.60 -12.13 2.57
C GLY A 42 -5.75 -11.38 1.90
N ALA A 43 -5.95 -10.13 2.34
CA ALA A 43 -7.13 -9.33 1.96
C ALA A 43 -7.11 -8.85 0.51
N ALA A 44 -6.00 -8.22 0.07
CA ALA A 44 -5.84 -7.88 -1.35
C ALA A 44 -5.84 -9.03 -2.35
N ALA A 45 -5.32 -10.22 -2.00
CA ALA A 45 -5.46 -11.43 -2.84
C ALA A 45 -6.92 -11.98 -2.95
N GLN A 46 -7.58 -12.17 -1.80
CA GLN A 46 -8.97 -12.66 -1.68
C GLN A 46 -10.02 -11.68 -2.29
N ASP A 47 -10.11 -10.47 -1.72
CA ASP A 47 -11.09 -9.42 -2.13
C ASP A 47 -10.90 -8.86 -3.57
N GLY A 48 -9.66 -8.68 -4.04
CA GLY A 48 -9.40 -8.08 -5.36
C GLY A 48 -8.61 -9.00 -6.30
N ARG A 49 -7.35 -9.28 -5.93
CA ARG A 49 -6.28 -9.73 -6.87
C ARG A 49 -6.03 -8.69 -8.00
N LEU A 50 -5.80 -7.46 -7.55
CA LEU A 50 -5.72 -6.25 -8.39
C LEU A 50 -4.34 -5.97 -9.03
N ARG A 51 -3.35 -6.85 -8.78
CA ARG A 51 -1.95 -6.64 -9.10
C ARG A 51 -1.35 -5.49 -8.29
N VAL A 52 -0.25 -5.91 -7.72
CA VAL A 52 0.54 -5.29 -6.66
C VAL A 52 0.77 -3.80 -6.94
N ASN A 53 1.61 -3.56 -7.94
CA ASN A 53 1.85 -2.28 -8.65
C ASN A 53 0.65 -1.30 -8.80
N ASP A 54 0.43 -0.67 -7.66
CA ASP A 54 -0.34 0.55 -7.50
C ASP A 54 0.64 1.56 -6.83
N SER A 55 0.08 2.63 -6.29
CA SER A 55 0.87 3.63 -5.52
C SER A 55 -0.03 4.14 -4.39
N ILE A 56 -0.05 3.39 -3.28
CA ILE A 56 -0.79 3.75 -2.03
C ILE A 56 -0.33 5.15 -1.50
N LEU A 57 -1.26 6.09 -1.67
CA LEU A 57 -1.15 7.50 -1.25
C LEU A 57 -1.86 7.86 0.05
N PHE A 58 -3.07 7.33 0.20
CA PHE A 58 -3.90 7.54 1.38
C PHE A 58 -4.30 6.14 1.85
N VAL A 59 -4.35 6.06 3.17
CA VAL A 59 -4.74 4.83 3.87
C VAL A 59 -5.66 5.39 4.95
N ASN A 60 -6.98 5.14 4.81
CA ASN A 60 -8.02 5.58 5.78
C ASN A 60 -8.40 7.05 5.51
N GLU A 61 -7.51 7.89 6.03
CA GLU A 61 -7.51 9.35 5.91
C GLU A 61 -6.06 9.94 6.02
N VAL A 62 -5.06 9.14 6.48
CA VAL A 62 -3.64 9.53 6.54
C VAL A 62 -3.07 9.64 5.10
N ASP A 63 -2.31 10.72 4.94
CA ASP A 63 -1.56 11.04 3.71
C ASP A 63 -0.10 10.54 3.85
N VAL A 64 0.15 9.40 3.21
CA VAL A 64 1.48 8.75 3.17
C VAL A 64 2.13 9.09 1.82
N ARG A 65 2.15 8.15 0.84
CA ARG A 65 2.92 8.27 -0.44
C ARG A 65 4.38 8.80 -0.27
N GLU A 66 4.53 10.13 -0.42
CA GLU A 66 5.76 10.87 -0.10
C GLU A 66 5.99 10.97 1.43
N VAL A 67 6.41 9.82 1.94
CA VAL A 67 6.67 9.58 3.35
C VAL A 67 7.81 8.53 3.38
N THR A 68 8.34 8.41 4.58
CA THR A 68 9.02 7.19 5.07
C THR A 68 8.07 5.96 4.95
N HIS A 69 8.49 4.90 4.22
CA HIS A 69 7.70 3.64 4.12
C HIS A 69 7.21 3.01 5.46
N SER A 70 7.99 3.21 6.53
CA SER A 70 7.65 2.86 7.92
C SER A 70 6.37 3.55 8.48
N ALA A 71 6.11 4.83 8.13
CA ALA A 71 4.78 5.49 8.33
C ALA A 71 3.62 4.96 7.44
N ALA A 72 3.91 4.60 6.17
CA ALA A 72 2.95 3.91 5.27
C ALA A 72 2.52 2.52 5.71
N VAL A 73 3.48 1.62 5.97
CA VAL A 73 3.21 0.35 6.66
C VAL A 73 2.48 0.48 8.02
N GLU A 74 2.87 1.45 8.87
CA GLU A 74 2.12 1.77 10.09
C GLU A 74 0.66 2.17 9.79
N ALA A 75 0.38 3.09 8.85
CA ALA A 75 -1.01 3.42 8.41
C ALA A 75 -1.82 2.27 7.74
N LEU A 76 -1.17 1.39 6.97
CA LEU A 76 -1.71 0.07 6.52
C LEU A 76 -2.16 -0.85 7.67
N LYS A 77 -1.28 -1.07 8.65
CA LYS A 77 -1.58 -1.83 9.88
C LYS A 77 -2.53 -1.11 10.91
N GLU A 78 -2.46 0.22 10.97
CA GLU A 78 -3.38 1.10 11.74
C GLU A 78 -4.85 1.14 11.22
N ALA A 79 -5.05 0.96 9.90
CA ALA A 79 -6.37 0.54 9.38
C ALA A 79 -7.04 -0.70 10.05
N GLY A 80 -6.20 -1.66 10.49
CA GLY A 80 -6.63 -2.75 11.40
C GLY A 80 -7.09 -3.95 10.58
N SER A 81 -8.31 -4.36 10.88
CA SER A 81 -9.03 -5.37 10.06
C SER A 81 -9.57 -4.92 8.68
N ILE A 82 -9.56 -3.62 8.37
CA ILE A 82 -10.22 -3.07 7.17
C ILE A 82 -9.33 -1.89 6.72
N VAL A 83 -8.59 -2.16 5.66
CA VAL A 83 -7.73 -1.18 4.97
C VAL A 83 -8.53 -0.41 3.93
N ARG A 84 -8.62 0.90 4.12
CA ARG A 84 -9.23 1.80 3.13
C ARG A 84 -8.07 2.39 2.31
N LEU A 85 -7.74 1.73 1.20
CA LEU A 85 -6.58 2.06 0.36
C LEU A 85 -7.03 3.01 -0.75
N TYR A 86 -6.19 4.00 -1.01
CA TYR A 86 -6.41 4.99 -2.09
C TYR A 86 -5.07 5.03 -2.84
N VAL A 87 -5.13 4.71 -4.13
CA VAL A 87 -3.91 4.41 -4.93
C VAL A 87 -3.96 5.23 -6.22
N MET A 88 -2.88 5.94 -6.53
CA MET A 88 -2.72 6.58 -7.87
C MET A 88 -2.00 5.65 -8.85
N ARG A 89 -2.33 5.86 -10.13
CA ARG A 89 -1.65 5.17 -11.23
C ARG A 89 -0.75 6.20 -11.96
N ARG A 90 0.53 5.82 -12.08
CA ARG A 90 1.49 6.50 -12.99
C ARG A 90 1.16 6.44 -14.49
N LYS A 91 0.41 5.41 -14.92
CA LYS A 91 -0.23 5.39 -16.24
C LYS A 91 -1.74 5.78 -16.03
N PRO A 92 -2.21 6.98 -16.44
CA PRO A 92 -3.65 7.32 -16.47
C PRO A 92 -4.48 6.50 -17.52
N PRO A 93 -5.82 6.36 -17.39
CA PRO A 93 -6.68 5.69 -18.42
C PRO A 93 -6.54 6.26 -19.86
N TYR B 1 16.68 -0.28 -0.13
CA TYR B 1 15.27 -0.33 0.32
C TYR B 1 14.88 -1.77 0.74
N LYS B 2 13.94 -1.81 1.70
CA LYS B 2 13.30 -3.06 2.17
C LYS B 2 11.82 -3.01 1.82
N LYS B 3 11.29 -4.22 1.58
CA LYS B 3 9.87 -4.43 1.31
C LYS B 3 9.24 -5.01 2.57
N THR B 4 8.41 -4.18 3.24
CA THR B 4 7.67 -4.64 4.44
C THR B 4 6.47 -5.51 3.99
N GLU B 5 6.34 -6.68 4.64
CA GLU B 5 5.26 -7.64 4.36
C GLU B 5 4.04 -7.23 5.21
N VAL B 6 2.94 -6.97 4.52
CA VAL B 6 1.75 -6.36 5.15
C VAL B 6 0.58 -7.20 4.63
N GLU A 1 -7.14 11.19 -11.82
CA GLU A 1 -8.35 10.64 -11.16
C GLU A 1 -7.98 9.52 -10.17
N TYR A 2 -8.59 9.59 -8.98
CA TYR A 2 -8.41 8.59 -7.92
C TYR A 2 -9.46 7.45 -7.98
N GLU A 3 -8.92 6.23 -7.86
CA GLU A 3 -9.69 5.00 -7.60
C GLU A 3 -9.56 4.66 -6.11
N GLU A 4 -10.72 4.43 -5.50
CA GLU A 4 -10.84 4.08 -4.06
C GLU A 4 -11.43 2.67 -3.94
N ILE A 5 -10.75 1.85 -3.15
CA ILE A 5 -11.08 0.41 -2.98
C ILE A 5 -10.97 0.14 -1.46
N THR A 6 -12.11 -0.20 -0.86
CA THR A 6 -12.17 -0.67 0.54
C THR A 6 -11.93 -2.20 0.50
N LEU A 7 -10.84 -2.57 1.15
CA LEU A 7 -10.27 -3.92 1.10
C LEU A 7 -10.19 -4.40 2.56
N GLU A 8 -10.50 -5.67 2.79
CA GLU A 8 -10.53 -6.23 4.16
C GLU A 8 -9.09 -6.63 4.59
N ARG A 9 -8.65 -6.23 5.79
CA ARG A 9 -7.34 -6.64 6.35
C ARG A 9 -7.35 -8.16 6.66
N GLY A 10 -6.90 -8.94 5.66
CA GLY A 10 -6.74 -10.42 5.71
C GLY A 10 -7.49 -11.21 6.80
N ASN A 11 -6.76 -11.44 7.90
CA ASN A 11 -7.29 -12.12 9.10
C ASN A 11 -6.41 -11.73 10.32
N SER A 12 -5.23 -12.37 10.44
CA SER A 12 -4.20 -12.07 11.48
C SER A 12 -3.28 -10.85 11.17
N GLY A 13 -3.10 -10.52 9.88
CA GLY A 13 -2.60 -9.22 9.43
C GLY A 13 -3.39 -8.83 8.18
N LEU A 14 -2.71 -8.14 7.26
CA LEU A 14 -3.28 -7.83 5.92
C LEU A 14 -2.94 -9.03 5.00
N GLY A 15 -1.81 -8.99 4.29
CA GLY A 15 -1.40 -10.01 3.33
C GLY A 15 -1.04 -9.46 1.93
N PHE A 16 -0.17 -8.45 1.93
CA PHE A 16 0.41 -7.85 0.72
C PHE A 16 1.72 -7.09 1.09
N SER A 17 2.65 -7.05 0.14
CA SER A 17 3.98 -6.47 0.33
C SER A 17 4.08 -5.05 -0.25
N ILE A 18 4.31 -4.09 0.64
CA ILE A 18 4.50 -2.67 0.25
C ILE A 18 6.00 -2.42 -0.05
N ALA A 19 6.27 -1.94 -1.26
CA ALA A 19 7.57 -1.35 -1.61
C ALA A 19 7.61 0.15 -1.17
N GLY A 20 8.68 0.82 -1.59
CA GLY A 20 9.38 1.72 -0.69
C GLY A 20 8.99 3.20 -0.77
N GLY A 21 9.36 3.87 0.32
CA GLY A 21 9.11 5.30 0.53
C GLY A 21 10.30 6.21 0.37
N THR A 22 10.09 7.41 0.92
CA THR A 22 11.10 8.50 0.91
C THR A 22 12.52 8.11 1.46
N ASP A 23 12.58 7.32 2.55
CA ASP A 23 13.85 6.73 3.08
C ASP A 23 14.40 5.48 2.32
N ASN A 24 13.53 4.65 1.72
CA ASN A 24 13.91 3.37 1.09
C ASN A 24 13.14 3.42 -0.25
N PRO A 25 13.64 3.92 -1.40
CA PRO A 25 12.86 3.95 -2.66
C PRO A 25 13.25 2.79 -3.60
N HIS A 26 12.28 2.31 -4.37
CA HIS A 26 12.54 1.39 -5.51
C HIS A 26 12.31 2.00 -6.92
N ILE A 27 11.36 2.94 -7.03
CA ILE A 27 11.01 3.62 -8.30
C ILE A 27 11.78 4.97 -8.43
N GLY A 28 11.96 5.36 -9.70
CA GLY A 28 12.53 6.68 -10.04
C GLY A 28 11.60 7.92 -10.00
N ASP A 29 10.39 7.81 -9.41
CA ASP A 29 9.60 8.98 -8.98
C ASP A 29 10.11 9.69 -7.67
N ASP A 30 11.07 9.11 -6.93
CA ASP A 30 11.56 9.55 -5.60
C ASP A 30 10.80 8.75 -4.48
N PRO A 31 9.53 9.04 -4.05
CA PRO A 31 8.95 8.46 -2.81
C PRO A 31 7.74 7.56 -3.15
N SER A 32 6.63 7.67 -2.39
CA SER A 32 5.31 7.09 -2.75
C SER A 32 5.33 5.59 -2.41
N ILE A 33 4.44 5.16 -1.52
CA ILE A 33 4.45 3.78 -0.97
C ILE A 33 3.45 3.01 -1.83
N PHE A 34 3.97 1.93 -2.36
CA PHE A 34 3.37 1.30 -3.53
C PHE A 34 3.47 -0.20 -3.32
N ILE A 35 2.35 -0.90 -3.47
CA ILE A 35 2.34 -2.36 -3.29
C ILE A 35 2.70 -2.94 -4.67
N THR A 36 3.85 -3.58 -4.69
CA THR A 36 4.30 -4.40 -5.84
C THR A 36 4.04 -5.92 -5.70
N LYS A 37 3.71 -6.43 -4.49
CA LYS A 37 3.58 -7.86 -4.21
C LYS A 37 2.37 -8.10 -3.26
N ILE A 38 1.93 -9.35 -3.34
CA ILE A 38 0.76 -9.92 -2.63
C ILE A 38 1.29 -11.15 -1.88
N ILE A 39 0.93 -11.23 -0.58
CA ILE A 39 1.11 -12.47 0.20
C ILE A 39 -0.05 -13.46 -0.17
N PRO A 40 0.22 -14.76 -0.47
CA PRO A 40 -0.84 -15.75 -0.81
C PRO A 40 -1.88 -16.00 0.31
N GLY A 41 -3.18 -15.95 -0.06
CA GLY A 41 -4.27 -15.92 0.96
C GLY A 41 -4.45 -14.63 1.80
N GLY A 42 -3.80 -13.55 1.39
CA GLY A 42 -3.77 -12.28 2.10
C GLY A 42 -4.89 -11.32 1.71
N ALA A 43 -4.68 -10.04 2.06
CA ALA A 43 -5.74 -9.02 1.95
C ALA A 43 -6.14 -8.66 0.48
N ALA A 44 -5.17 -8.31 -0.37
CA ALA A 44 -5.38 -8.17 -1.84
C ALA A 44 -5.63 -9.47 -2.63
N ALA A 45 -5.16 -10.64 -2.15
CA ALA A 45 -5.58 -11.95 -2.71
C ALA A 45 -7.06 -12.38 -2.43
N GLN A 46 -7.61 -12.05 -1.25
CA GLN A 46 -9.03 -12.28 -0.88
C GLN A 46 -10.00 -11.28 -1.57
N ASP A 47 -9.77 -9.96 -1.41
CA ASP A 47 -10.67 -8.91 -1.94
C ASP A 47 -10.50 -8.69 -3.46
N GLY A 48 -9.26 -8.54 -3.95
CA GLY A 48 -8.94 -8.74 -5.37
C GLY A 48 -8.42 -10.17 -5.60
N ARG A 49 -7.42 -10.27 -6.48
CA ARG A 49 -6.71 -11.55 -6.82
C ARG A 49 -5.26 -11.36 -7.38
N LEU A 50 -4.81 -10.13 -7.65
CA LEU A 50 -3.77 -9.82 -8.66
C LEU A 50 -3.17 -8.42 -8.41
N ARG A 51 -4.04 -7.40 -8.19
CA ARG A 51 -3.62 -6.02 -7.95
C ARG A 51 -3.19 -5.98 -6.50
N VAL A 52 -1.86 -6.14 -6.45
CA VAL A 52 -0.96 -5.72 -5.39
C VAL A 52 -1.43 -4.43 -4.68
N ASN A 53 -1.48 -3.38 -5.49
CA ASN A 53 -2.10 -2.05 -5.28
C ASN A 53 -1.47 -1.00 -6.24
N ASP A 54 -0.28 -1.31 -6.82
CA ASP A 54 0.39 -0.58 -7.90
C ASP A 54 1.17 0.58 -7.28
N SER A 55 0.49 1.69 -6.99
CA SER A 55 1.07 2.91 -6.37
C SER A 55 -0.09 3.72 -5.77
N ILE A 56 -0.22 3.62 -4.45
CA ILE A 56 -1.26 4.32 -3.66
C ILE A 56 -0.63 5.61 -3.02
N LEU A 57 -1.49 6.61 -2.85
CA LEU A 57 -1.16 8.02 -2.44
C LEU A 57 -1.88 8.41 -1.11
N PHE A 58 -3.13 7.97 -0.90
CA PHE A 58 -3.86 8.15 0.37
C PHE A 58 -4.36 6.76 0.84
N VAL A 59 -4.49 6.61 2.16
CA VAL A 59 -5.17 5.45 2.78
C VAL A 59 -6.18 6.01 3.78
N ASN A 60 -7.47 5.69 3.59
CA ASN A 60 -8.57 6.13 4.48
C ASN A 60 -8.92 7.58 4.13
N GLU A 61 -8.18 8.40 4.82
CA GLU A 61 -8.12 9.87 4.69
C GLU A 61 -6.66 10.38 4.93
N VAL A 62 -5.76 9.56 5.55
CA VAL A 62 -4.38 9.91 5.90
C VAL A 62 -3.55 10.13 4.60
N ASP A 63 -2.81 11.23 4.71
CA ASP A 63 -1.80 11.67 3.73
C ASP A 63 -0.39 11.12 4.03
N VAL A 64 -0.30 9.78 4.07
CA VAL A 64 0.99 9.06 3.93
C VAL A 64 1.47 9.19 2.46
N ARG A 65 2.42 8.33 2.10
CA ARG A 65 2.97 8.21 0.73
C ARG A 65 4.14 9.15 0.42
N GLU A 66 3.90 10.42 0.74
CA GLU A 66 4.96 11.41 1.03
C GLU A 66 5.60 11.23 2.47
N VAL A 67 6.02 10.00 2.75
CA VAL A 67 6.47 9.53 4.07
C VAL A 67 7.55 8.45 3.79
N THR A 68 8.20 8.06 4.88
CA THR A 68 8.86 6.74 5.01
C THR A 68 7.85 5.58 4.90
N HIS A 69 8.22 4.49 4.21
CA HIS A 69 7.41 3.24 4.20
C HIS A 69 6.83 2.75 5.57
N SER A 70 7.58 3.00 6.65
CA SER A 70 7.19 2.70 8.04
C SER A 70 5.94 3.47 8.58
N ALA A 71 5.78 4.78 8.26
CA ALA A 71 4.52 5.53 8.53
C ALA A 71 3.30 5.09 7.67
N ALA A 72 3.49 4.76 6.38
CA ALA A 72 2.45 4.12 5.55
C ALA A 72 2.08 2.68 5.93
N VAL A 73 3.02 1.75 6.18
CA VAL A 73 2.70 0.46 6.85
C VAL A 73 1.95 0.62 8.20
N GLU A 74 2.41 1.53 9.08
CA GLU A 74 1.65 1.95 10.28
C GLU A 74 0.21 2.43 9.94
N ALA A 75 0.01 3.29 8.94
CA ALA A 75 -1.33 3.65 8.40
C ALA A 75 -2.14 2.53 7.68
N LEU A 76 -1.48 1.52 7.09
CA LEU A 76 -2.09 0.29 6.53
C LEU A 76 -2.69 -0.66 7.60
N LYS A 77 -1.92 -0.98 8.65
CA LYS A 77 -2.47 -1.60 9.89
C LYS A 77 -3.44 -0.70 10.71
N GLU A 78 -3.21 0.63 10.75
CA GLU A 78 -4.12 1.62 11.40
C GLU A 78 -5.45 1.92 10.69
N ALA A 79 -5.54 1.66 9.38
CA ALA A 79 -6.84 1.39 8.73
C ALA A 79 -7.75 0.30 9.37
N GLY A 80 -7.17 -0.62 10.17
CA GLY A 80 -7.91 -1.61 10.94
C GLY A 80 -8.29 -2.80 10.07
N SER A 81 -9.45 -3.39 10.38
CA SER A 81 -10.04 -4.47 9.54
C SER A 81 -10.43 -4.10 8.06
N ILE A 82 -10.33 -2.81 7.67
CA ILE A 82 -10.84 -2.28 6.38
C ILE A 82 -9.86 -1.15 5.96
N VAL A 83 -8.97 -1.51 5.02
CA VAL A 83 -8.05 -0.57 4.35
C VAL A 83 -8.78 0.10 3.18
N ARG A 84 -8.93 1.41 3.27
CA ARG A 84 -9.49 2.21 2.16
C ARG A 84 -8.29 2.72 1.35
N LEU A 85 -8.08 2.15 0.18
CA LEU A 85 -6.81 2.33 -0.56
C LEU A 85 -7.14 3.25 -1.76
N TYR A 86 -6.40 4.35 -1.82
CA TYR A 86 -6.64 5.42 -2.80
C TYR A 86 -5.38 5.47 -3.69
N VAL A 87 -5.62 5.45 -5.00
CA VAL A 87 -4.57 5.56 -6.04
C VAL A 87 -5.12 6.51 -7.13
N MET A 88 -4.33 7.53 -7.46
CA MET A 88 -4.53 8.47 -8.58
C MET A 88 -3.76 7.95 -9.80
N ARG A 89 -4.54 7.58 -10.81
CA ARG A 89 -4.03 7.15 -12.12
C ARG A 89 -4.11 8.37 -13.06
N ARG A 90 -2.95 8.67 -13.66
CA ARG A 90 -2.84 9.73 -14.67
C ARG A 90 -3.45 9.21 -16.00
N LYS A 91 -4.50 9.91 -16.43
CA LYS A 91 -5.18 9.64 -17.71
C LYS A 91 -6.07 10.87 -18.03
N PRO A 92 -7.08 11.35 -17.22
CA PRO A 92 -7.86 12.56 -17.54
C PRO A 92 -7.03 13.87 -17.31
N PRO A 93 -7.12 14.92 -18.15
CA PRO A 93 -6.36 16.18 -17.97
C PRO A 93 -6.72 16.93 -16.66
N TYR B 1 16.69 -1.04 -1.41
CA TYR B 1 15.25 -1.09 -1.05
C TYR B 1 14.91 -2.46 -0.39
N LYS B 2 13.77 -2.44 0.31
CA LYS B 2 13.11 -3.67 0.82
C LYS B 2 11.61 -3.40 1.07
N LYS B 3 10.83 -4.48 0.93
CA LYS B 3 9.37 -4.42 1.05
C LYS B 3 9.01 -4.87 2.48
N THR B 4 8.06 -4.15 3.09
CA THR B 4 7.41 -4.63 4.33
C THR B 4 6.24 -5.56 3.92
N GLU B 5 6.18 -6.71 4.60
CA GLU B 5 5.17 -7.76 4.31
C GLU B 5 3.99 -7.48 5.26
N VAL B 6 2.97 -6.86 4.70
CA VAL B 6 1.89 -6.23 5.48
C VAL B 6 0.69 -7.10 5.15
N GLU A 1 -6.88 11.78 -10.06
CA GLU A 1 -6.24 10.53 -10.58
C GLU A 1 -6.12 9.40 -9.52
N TYR A 2 -7.08 9.32 -8.59
CA TYR A 2 -7.04 8.42 -7.42
C TYR A 2 -8.31 7.55 -7.45
N GLU A 3 -8.09 6.27 -7.15
CA GLU A 3 -9.14 5.24 -7.14
C GLU A 3 -9.31 4.76 -5.69
N GLU A 4 -10.58 4.62 -5.30
CA GLU A 4 -10.98 4.33 -3.91
C GLU A 4 -11.27 2.82 -3.83
N ILE A 5 -10.53 2.15 -2.95
CA ILE A 5 -10.54 0.68 -2.84
C ILE A 5 -10.73 0.41 -1.33
N THR A 6 -11.87 -0.19 -0.98
CA THR A 6 -12.07 -0.71 0.39
C THR A 6 -11.73 -2.21 0.33
N LEU A 7 -10.81 -2.57 1.22
CA LEU A 7 -10.37 -3.96 1.41
C LEU A 7 -10.49 -4.28 2.92
N GLU A 8 -10.40 -5.57 3.24
CA GLU A 8 -10.15 -6.00 4.64
C GLU A 8 -8.65 -5.86 4.97
N ARG A 9 -8.36 -5.49 6.22
CA ARG A 9 -7.00 -5.66 6.79
C ARG A 9 -6.80 -7.16 7.15
N GLY A 10 -6.51 -8.00 6.14
CA GLY A 10 -6.10 -9.41 6.35
C GLY A 10 -7.07 -10.23 7.20
N ASN A 11 -6.44 -10.93 8.15
CA ASN A 11 -7.13 -11.49 9.34
C ASN A 11 -6.24 -11.25 10.59
N SER A 12 -5.01 -11.79 10.57
CA SER A 12 -3.93 -11.43 11.54
C SER A 12 -2.92 -10.35 11.01
N GLY A 13 -2.82 -10.13 9.69
CA GLY A 13 -2.05 -9.02 9.10
C GLY A 13 -2.94 -8.25 8.12
N LEU A 14 -2.46 -8.18 6.89
CA LEU A 14 -3.12 -7.47 5.77
C LEU A 14 -3.03 -8.33 4.49
N GLY A 15 -1.81 -8.63 4.04
CA GLY A 15 -1.55 -9.65 3.01
C GLY A 15 -0.99 -9.14 1.67
N PHE A 16 -0.03 -8.22 1.74
CA PHE A 16 0.74 -7.73 0.58
C PHE A 16 2.09 -7.16 1.07
N SER A 17 3.08 -7.09 0.18
CA SER A 17 4.36 -6.40 0.44
C SER A 17 4.32 -4.99 -0.13
N ILE A 18 4.84 -4.03 0.64
CA ILE A 18 4.91 -2.61 0.23
C ILE A 18 6.37 -2.24 -0.10
N ALA A 19 6.58 -1.71 -1.31
CA ALA A 19 7.85 -1.06 -1.70
C ALA A 19 7.86 0.41 -1.21
N GLY A 20 8.95 1.07 -1.56
CA GLY A 20 9.57 2.01 -0.66
C GLY A 20 9.10 3.46 -0.81
N GLY A 21 9.36 4.14 0.29
CA GLY A 21 9.05 5.56 0.45
C GLY A 21 10.28 6.44 0.47
N THR A 22 10.04 7.71 0.80
CA THR A 22 11.08 8.78 0.82
C THR A 22 12.47 8.46 1.44
N ASP A 23 12.46 7.78 2.59
CA ASP A 23 13.67 7.29 3.29
C ASP A 23 14.32 6.01 2.69
N ASN A 24 13.54 5.12 2.06
CA ASN A 24 14.02 3.83 1.52
C ASN A 24 13.22 3.61 0.20
N PRO A 25 13.43 4.31 -0.96
CA PRO A 25 12.55 4.21 -2.14
C PRO A 25 13.18 3.35 -3.26
N HIS A 26 12.34 2.60 -4.00
CA HIS A 26 12.77 2.04 -5.31
C HIS A 26 13.14 3.10 -6.42
N ILE A 27 12.55 4.30 -6.33
CA ILE A 27 12.61 5.34 -7.37
C ILE A 27 13.24 6.57 -6.66
N GLY A 28 14.34 7.09 -7.23
CA GLY A 28 14.80 8.46 -6.90
C GLY A 28 13.97 9.66 -7.47
N ASP A 29 13.04 9.40 -8.41
CA ASP A 29 12.12 10.40 -9.00
C ASP A 29 10.66 10.39 -8.44
N ASP A 30 10.24 9.40 -7.64
CA ASP A 30 8.86 9.28 -7.16
C ASP A 30 8.90 8.77 -5.70
N PRO A 31 9.06 9.62 -4.65
CA PRO A 31 8.73 9.24 -3.27
C PRO A 31 7.21 8.97 -3.08
N SER A 32 6.85 7.69 -3.15
CA SER A 32 5.44 7.26 -3.13
C SER A 32 5.45 5.78 -2.75
N ILE A 33 4.65 5.44 -1.73
CA ILE A 33 4.52 4.05 -1.24
C ILE A 33 3.65 3.28 -2.25
N PHE A 34 4.25 2.23 -2.80
CA PHE A 34 3.62 1.44 -3.86
C PHE A 34 3.78 -0.03 -3.49
N ILE A 35 2.69 -0.80 -3.56
CA ILE A 35 2.72 -2.25 -3.24
C ILE A 35 3.61 -3.00 -4.29
N THR A 36 4.56 -3.77 -3.76
CA THR A 36 5.46 -4.67 -4.54
C THR A 36 4.82 -6.02 -4.91
N LYS A 37 4.21 -6.70 -3.92
CA LYS A 37 3.62 -8.04 -4.12
C LYS A 37 2.32 -8.19 -3.30
N ILE A 38 1.55 -9.20 -3.67
CA ILE A 38 0.33 -9.65 -2.98
C ILE A 38 0.74 -10.98 -2.32
N ILE A 39 0.72 -11.02 -0.97
CA ILE A 39 1.02 -12.25 -0.21
C ILE A 39 -0.13 -13.29 -0.46
N PRO A 40 0.15 -14.56 -0.85
CA PRO A 40 -0.88 -15.64 -0.95
C PRO A 40 -1.60 -15.96 0.38
N GLY A 41 -2.94 -16.01 0.35
CA GLY A 41 -3.74 -15.99 1.60
C GLY A 41 -4.00 -14.60 2.26
N GLY A 42 -3.49 -13.53 1.65
CA GLY A 42 -3.77 -12.16 2.05
C GLY A 42 -5.12 -11.63 1.58
N ALA A 43 -5.60 -10.60 2.30
CA ALA A 43 -6.89 -9.96 1.97
C ALA A 43 -7.00 -9.23 0.62
N ALA A 44 -5.91 -8.74 0.02
CA ALA A 44 -5.96 -8.16 -1.35
C ALA A 44 -6.32 -9.13 -2.48
N ALA A 45 -5.72 -10.32 -2.47
CA ALA A 45 -6.07 -11.42 -3.39
C ALA A 45 -7.46 -12.09 -3.13
N GLN A 46 -7.84 -12.29 -1.85
CA GLN A 46 -9.18 -12.77 -1.41
C GLN A 46 -10.32 -11.75 -1.71
N ASP A 47 -10.25 -10.56 -1.07
CA ASP A 47 -11.32 -9.55 -1.08
C ASP A 47 -11.50 -8.88 -2.47
N GLY A 48 -10.40 -8.37 -3.06
CA GLY A 48 -10.39 -7.87 -4.44
C GLY A 48 -9.43 -8.68 -5.33
N ARG A 49 -9.10 -8.04 -6.45
CA ARG A 49 -8.15 -8.59 -7.46
C ARG A 49 -7.57 -7.39 -8.24
N LEU A 50 -6.72 -6.65 -7.53
CA LEU A 50 -5.95 -5.54 -8.10
C LEU A 50 -4.58 -6.08 -8.59
N ARG A 51 -3.74 -5.13 -8.90
CA ARG A 51 -2.29 -5.34 -8.89
C ARG A 51 -1.77 -4.65 -7.61
N VAL A 52 -0.54 -5.03 -7.41
CA VAL A 52 0.33 -4.57 -6.32
C VAL A 52 0.57 -3.07 -6.49
N ASN A 53 1.33 -2.66 -7.52
CA ASN A 53 1.60 -1.25 -7.92
C ASN A 53 0.36 -0.33 -8.09
N ASP A 54 -0.14 0.04 -6.93
CA ASP A 54 -1.24 0.99 -6.73
C ASP A 54 -0.66 1.85 -5.60
N SER A 55 -0.35 3.09 -6.00
CA SER A 55 0.44 4.02 -5.18
C SER A 55 -0.47 4.63 -4.10
N ILE A 56 -0.47 3.98 -2.92
CA ILE A 56 -1.26 4.41 -1.75
C ILE A 56 -0.88 5.85 -1.34
N LEU A 57 -1.88 6.71 -1.44
CA LEU A 57 -1.81 8.13 -1.02
C LEU A 57 -2.44 8.43 0.33
N PHE A 58 -3.68 7.97 0.51
CA PHE A 58 -4.43 8.12 1.76
C PHE A 58 -4.86 6.69 2.11
N VAL A 59 -4.65 6.37 3.37
CA VAL A 59 -5.18 5.14 3.99
C VAL A 59 -5.99 5.62 5.22
N ASN A 60 -7.32 5.36 5.23
CA ASN A 60 -8.26 5.87 6.29
C ASN A 60 -8.66 7.35 6.00
N GLU A 61 -7.63 8.17 6.20
CA GLU A 61 -7.62 9.64 6.18
C GLU A 61 -6.12 10.13 6.26
N VAL A 62 -5.16 9.34 6.84
CA VAL A 62 -3.73 9.67 6.93
C VAL A 62 -3.08 9.71 5.52
N ASP A 63 -2.30 10.77 5.32
CA ASP A 63 -1.48 10.98 4.11
C ASP A 63 -0.14 10.23 4.24
N VAL A 64 -0.09 9.06 3.62
CA VAL A 64 1.15 8.27 3.44
C VAL A 64 1.86 8.77 2.17
N ARG A 65 1.71 8.10 1.00
CA ARG A 65 2.32 8.52 -0.31
C ARG A 65 3.82 8.93 -0.19
N GLU A 66 4.07 10.24 -0.13
CA GLU A 66 5.36 10.85 0.16
C GLU A 66 5.59 10.82 1.69
N VAL A 67 6.03 9.65 2.13
CA VAL A 67 6.30 9.33 3.54
C VAL A 67 7.46 8.29 3.52
N THR A 68 8.02 8.09 4.71
CA THR A 68 8.75 6.84 5.05
C THR A 68 7.79 5.61 4.94
N HIS A 69 8.25 4.55 4.25
CA HIS A 69 7.53 3.23 4.21
C HIS A 69 7.01 2.65 5.55
N SER A 70 7.75 2.91 6.64
CA SER A 70 7.38 2.54 8.02
C SER A 70 6.09 3.21 8.57
N ALA A 71 5.81 4.49 8.25
CA ALA A 71 4.46 5.09 8.47
C ALA A 71 3.33 4.51 7.58
N ALA A 72 3.63 4.10 6.33
CA ALA A 72 2.67 3.41 5.46
C ALA A 72 2.30 1.99 5.83
N VAL A 73 3.29 1.11 6.05
CA VAL A 73 3.04 -0.17 6.74
C VAL A 73 2.25 -0.06 8.07
N GLU A 74 2.61 0.93 8.92
CA GLU A 74 1.92 1.23 10.18
C GLU A 74 0.46 1.72 9.96
N ALA A 75 0.19 2.68 9.07
CA ALA A 75 -1.19 3.15 8.76
C ALA A 75 -2.12 2.14 8.01
N LEU A 76 -1.54 1.29 7.16
CA LEU A 76 -2.19 0.08 6.57
C LEU A 76 -2.66 -0.97 7.61
N LYS A 77 -1.78 -1.42 8.53
CA LYS A 77 -2.20 -2.21 9.72
C LYS A 77 -3.07 -1.44 10.77
N GLU A 78 -2.83 -0.13 10.96
CA GLU A 78 -3.65 0.77 11.82
C GLU A 78 -5.10 1.00 11.35
N ALA A 79 -5.38 0.85 10.04
CA ALA A 79 -6.76 0.70 9.55
C ALA A 79 -7.67 -0.35 10.23
N GLY A 80 -7.08 -1.42 10.83
CA GLY A 80 -7.74 -2.19 11.89
C GLY A 80 -8.96 -2.97 11.40
N SER A 81 -8.72 -4.17 10.84
CA SER A 81 -9.79 -5.01 10.22
C SER A 81 -10.33 -4.57 8.81
N ILE A 82 -10.33 -3.25 8.51
CA ILE A 82 -10.95 -2.66 7.30
C ILE A 82 -10.03 -1.49 6.87
N VAL A 83 -9.33 -1.72 5.75
CA VAL A 83 -8.44 -0.73 5.12
C VAL A 83 -9.24 0.11 4.10
N ARG A 84 -9.21 1.42 4.32
CA ARG A 84 -9.77 2.40 3.36
C ARG A 84 -8.60 2.89 2.51
N LEU A 85 -8.38 2.25 1.36
CA LEU A 85 -7.20 2.50 0.52
C LEU A 85 -7.60 3.45 -0.61
N TYR A 86 -6.77 4.47 -0.83
CA TYR A 86 -6.99 5.47 -1.90
C TYR A 86 -5.64 5.56 -2.63
N VAL A 87 -5.63 5.15 -3.90
CA VAL A 87 -4.37 4.89 -4.65
C VAL A 87 -4.43 5.72 -5.95
N MET A 88 -3.38 6.50 -6.24
CA MET A 88 -3.25 7.16 -7.56
C MET A 88 -2.39 6.31 -8.52
N ARG A 89 -2.81 6.28 -9.79
CA ARG A 89 -1.94 5.81 -10.88
C ARG A 89 -1.40 7.04 -11.62
N ARG A 90 -0.06 7.11 -11.69
CA ARG A 90 0.64 8.24 -12.31
C ARG A 90 1.16 7.83 -13.70
N LYS A 91 0.35 8.16 -14.71
CA LYS A 91 0.81 8.25 -16.11
C LYS A 91 1.21 9.73 -16.45
N PRO A 92 0.39 10.83 -16.34
CA PRO A 92 0.78 12.20 -16.78
C PRO A 92 1.84 12.82 -15.82
N PRO A 93 3.11 13.14 -16.23
CA PRO A 93 4.12 13.73 -15.33
C PRO A 93 3.74 15.17 -14.88
N TYR B 1 16.65 0.13 -1.40
CA TYR B 1 15.33 -0.03 -0.76
C TYR B 1 15.09 -1.49 -0.28
N LYS B 2 14.12 -1.60 0.64
CA LYS B 2 13.61 -2.90 1.12
C LYS B 2 12.08 -2.77 1.24
N LYS B 3 11.41 -3.83 0.81
CA LYS B 3 9.95 -3.93 0.89
C LYS B 3 9.57 -4.63 2.22
N THR B 4 8.78 -3.93 3.03
CA THR B 4 8.21 -4.49 4.27
C THR B 4 6.90 -5.21 3.92
N GLU B 5 6.77 -6.42 4.46
CA GLU B 5 5.54 -7.21 4.36
C GLU B 5 4.48 -6.62 5.31
N VAL B 6 3.24 -6.65 4.84
CA VAL B 6 2.06 -6.33 5.66
C VAL B 6 1.01 -7.42 5.43
N GLU A 1 -5.17 9.63 -12.76
CA GLU A 1 -6.36 9.42 -11.91
C GLU A 1 -6.05 8.50 -10.72
N TYR A 2 -6.74 8.79 -9.60
CA TYR A 2 -6.70 7.97 -8.37
C TYR A 2 -7.98 7.12 -8.21
N GLU A 3 -7.74 5.87 -7.82
CA GLU A 3 -8.79 4.85 -7.61
C GLU A 3 -8.85 4.60 -6.09
N GLU A 4 -10.07 4.66 -5.57
CA GLU A 4 -10.37 4.33 -4.15
C GLU A 4 -10.86 2.87 -4.06
N ILE A 5 -10.22 2.09 -3.20
CA ILE A 5 -10.48 0.65 -3.03
C ILE A 5 -10.55 0.42 -1.51
N THR A 6 -11.71 -0.05 -1.05
CA THR A 6 -11.84 -0.55 0.33
C THR A 6 -11.65 -2.08 0.27
N LEU A 7 -10.67 -2.53 1.04
CA LEU A 7 -10.20 -3.92 1.04
C LEU A 7 -10.26 -4.44 2.49
N GLU A 8 -10.79 -5.65 2.66
CA GLU A 8 -10.90 -6.30 3.99
C GLU A 8 -9.56 -6.95 4.36
N ARG A 9 -8.99 -6.40 5.43
CA ARG A 9 -7.71 -6.84 6.01
C ARG A 9 -7.84 -8.23 6.68
N GLY A 10 -6.69 -8.90 6.86
CA GLY A 10 -6.59 -10.17 7.58
C GLY A 10 -6.87 -10.08 9.11
N ASN A 11 -6.13 -10.89 9.87
CA ASN A 11 -6.34 -11.04 11.34
C ASN A 11 -5.04 -10.72 12.09
N SER A 12 -4.02 -11.58 11.94
CA SER A 12 -2.64 -11.35 12.45
C SER A 12 -1.73 -10.44 11.56
N GLY A 13 -2.02 -10.36 10.26
CA GLY A 13 -1.41 -9.37 9.36
C GLY A 13 -2.48 -8.95 8.34
N LEU A 14 -2.00 -8.55 7.17
CA LEU A 14 -2.87 -8.13 6.05
C LEU A 14 -2.73 -9.26 5.01
N GLY A 15 -1.69 -9.19 4.17
CA GLY A 15 -1.47 -10.12 3.06
C GLY A 15 -0.99 -9.55 1.71
N PHE A 16 -0.09 -8.56 1.77
CA PHE A 16 0.43 -7.85 0.59
C PHE A 16 1.68 -7.04 1.00
N SER A 17 2.65 -7.11 0.13
CA SER A 17 3.99 -6.55 0.35
C SER A 17 4.13 -5.14 -0.24
N ILE A 18 4.57 -4.23 0.62
CA ILE A 18 4.83 -2.83 0.27
C ILE A 18 6.30 -2.64 -0.12
N ALA A 19 6.56 -2.00 -1.25
CA ALA A 19 7.88 -1.42 -1.54
C ALA A 19 7.99 0.02 -0.98
N GLY A 20 9.09 0.67 -1.34
CA GLY A 20 9.74 1.63 -0.45
C GLY A 20 9.26 3.08 -0.58
N GLY A 21 9.59 3.81 0.49
CA GLY A 21 9.24 5.23 0.64
C GLY A 21 10.44 6.16 0.54
N THR A 22 10.23 7.39 1.03
CA THR A 22 11.26 8.47 1.07
C THR A 22 12.66 8.09 1.67
N ASP A 23 12.66 7.31 2.76
CA ASP A 23 13.91 6.85 3.44
C ASP A 23 14.43 5.43 3.03
N ASN A 24 13.82 4.82 2.00
CA ASN A 24 14.19 3.50 1.46
C ASN A 24 13.46 3.53 0.07
N PRO A 25 14.02 3.99 -1.07
CA PRO A 25 13.26 4.05 -2.35
C PRO A 25 13.74 2.93 -3.32
N HIS A 26 12.78 2.14 -3.79
CA HIS A 26 12.98 1.28 -5.02
C HIS A 26 12.37 1.85 -6.34
N ILE A 27 11.38 2.74 -6.19
CA ILE A 27 10.42 3.12 -7.24
C ILE A 27 10.12 4.63 -6.97
N GLY A 28 9.59 5.25 -8.02
CA GLY A 28 9.43 6.71 -8.04
C GLY A 28 10.68 7.39 -8.62
N ASP A 29 10.49 8.69 -8.84
CA ASP A 29 11.61 9.63 -9.11
C ASP A 29 12.42 10.08 -7.85
N ASP A 30 11.92 9.77 -6.63
CA ASP A 30 12.58 10.03 -5.34
C ASP A 30 11.76 9.20 -4.28
N PRO A 31 10.43 9.38 -4.00
CA PRO A 31 9.77 8.77 -2.82
C PRO A 31 8.65 7.79 -3.27
N SER A 32 7.44 7.98 -2.70
CA SER A 32 6.18 7.37 -3.17
C SER A 32 6.12 5.93 -2.65
N ILE A 33 5.10 5.62 -1.85
CA ILE A 33 4.91 4.28 -1.27
C ILE A 33 4.24 3.41 -2.34
N PHE A 34 4.70 2.15 -2.39
CA PHE A 34 4.11 1.17 -3.31
C PHE A 34 3.62 -0.07 -2.54
N ILE A 35 2.58 -0.72 -3.08
CA ILE A 35 2.38 -2.18 -2.88
C ILE A 35 2.82 -2.79 -4.23
N THR A 36 3.99 -3.45 -4.24
CA THR A 36 4.48 -4.19 -5.43
C THR A 36 4.15 -5.72 -5.43
N LYS A 37 3.80 -6.32 -4.28
CA LYS A 37 3.57 -7.77 -4.17
C LYS A 37 2.34 -8.07 -3.27
N ILE A 38 1.79 -9.27 -3.51
CA ILE A 38 0.62 -9.85 -2.82
C ILE A 38 1.15 -11.13 -2.13
N ILE A 39 0.86 -11.28 -0.83
CA ILE A 39 1.08 -12.55 -0.10
C ILE A 39 -0.08 -13.54 -0.45
N PRO A 40 0.19 -14.84 -0.80
CA PRO A 40 -0.85 -15.86 -1.06
C PRO A 40 -1.76 -16.18 0.15
N GLY A 41 -3.09 -16.22 -0.08
CA GLY A 41 -4.07 -16.29 1.04
C GLY A 41 -4.27 -15.04 1.92
N GLY A 42 -3.63 -13.94 1.56
CA GLY A 42 -3.70 -12.68 2.30
C GLY A 42 -4.92 -11.82 1.95
N ALA A 43 -4.93 -10.60 2.48
CA ALA A 43 -6.07 -9.68 2.38
C ALA A 43 -6.40 -9.24 0.93
N ALA A 44 -5.41 -8.79 0.13
CA ALA A 44 -5.66 -8.43 -1.29
C ALA A 44 -5.98 -9.57 -2.28
N ALA A 45 -5.44 -10.76 -2.04
CA ALA A 45 -5.93 -12.01 -2.68
C ALA A 45 -7.39 -12.44 -2.28
N GLN A 46 -7.74 -12.29 -0.99
CA GLN A 46 -9.09 -12.57 -0.43
C GLN A 46 -10.18 -11.60 -0.95
N ASP A 47 -10.03 -10.29 -0.69
CA ASP A 47 -11.01 -9.26 -1.10
C ASP A 47 -11.28 -9.17 -2.63
N GLY A 48 -10.23 -9.28 -3.45
CA GLY A 48 -10.40 -9.48 -4.88
C GLY A 48 -9.08 -9.78 -5.57
N ARG A 49 -8.98 -9.18 -6.75
CA ARG A 49 -7.79 -9.26 -7.65
C ARG A 49 -7.56 -7.87 -8.30
N LEU A 50 -7.53 -6.85 -7.44
CA LEU A 50 -7.23 -5.43 -7.78
C LEU A 50 -5.72 -5.10 -7.88
N ARG A 51 -4.86 -6.13 -7.87
CA ARG A 51 -3.41 -6.02 -7.78
C ARG A 51 -2.97 -5.69 -6.35
N VAL A 52 -1.68 -5.87 -6.23
CA VAL A 52 -0.79 -5.34 -5.19
C VAL A 52 -1.30 -3.99 -4.59
N ASN A 53 -1.23 -2.97 -5.43
CA ASN A 53 -1.72 -1.57 -5.25
C ASN A 53 -0.94 -0.66 -6.23
N ASP A 54 0.37 -0.91 -6.45
CA ASP A 54 1.28 -0.10 -7.26
C ASP A 54 1.51 1.22 -6.52
N SER A 55 0.87 2.32 -6.91
CA SER A 55 1.20 3.66 -6.37
C SER A 55 0.25 4.04 -5.22
N ILE A 56 0.36 3.35 -4.06
CA ILE A 56 -0.41 3.69 -2.83
C ILE A 56 0.08 5.07 -2.31
N LEU A 57 -0.85 6.02 -2.33
CA LEU A 57 -0.61 7.39 -1.81
C LEU A 57 -1.22 7.68 -0.43
N PHE A 58 -2.44 7.21 -0.16
CA PHE A 58 -3.17 7.52 1.08
C PHE A 58 -3.84 6.21 1.51
N VAL A 59 -3.90 6.06 2.83
CA VAL A 59 -4.43 4.85 3.47
C VAL A 59 -5.38 5.42 4.54
N ASN A 60 -6.71 5.19 4.38
CA ASN A 60 -7.75 5.67 5.33
C ASN A 60 -8.12 7.12 4.96
N GLU A 61 -7.29 7.98 5.52
CA GLU A 61 -7.23 9.43 5.31
C GLU A 61 -5.81 9.99 5.65
N VAL A 62 -4.87 9.15 6.16
CA VAL A 62 -3.52 9.55 6.56
C VAL A 62 -2.70 9.93 5.31
N ASP A 63 -1.93 11.00 5.52
CA ASP A 63 -1.02 11.59 4.55
C ASP A 63 0.35 10.84 4.47
N VAL A 64 0.32 9.62 3.90
CA VAL A 64 1.53 8.78 3.73
C VAL A 64 2.26 9.25 2.44
N ARG A 65 2.19 8.50 1.32
CA ARG A 65 2.81 8.83 0.01
C ARG A 65 4.32 9.23 0.04
N GLU A 66 4.55 10.53 0.25
CA GLU A 66 5.86 11.11 0.57
C GLU A 66 6.15 10.96 2.09
N VAL A 67 6.43 9.71 2.45
CA VAL A 67 6.72 9.30 3.83
C VAL A 67 7.76 8.16 3.75
N THR A 68 8.32 7.84 4.90
CA THR A 68 8.96 6.53 5.18
C THR A 68 7.92 5.38 4.98
N HIS A 69 8.31 4.33 4.24
CA HIS A 69 7.53 3.07 4.15
C HIS A 69 7.02 2.44 5.49
N SER A 70 7.79 2.62 6.56
CA SER A 70 7.44 2.23 7.95
C SER A 70 6.18 2.95 8.54
N ALA A 71 5.98 4.25 8.26
CA ALA A 71 4.67 4.93 8.50
C ALA A 71 3.51 4.49 7.55
N ALA A 72 3.79 4.16 6.28
CA ALA A 72 2.81 3.54 5.37
C ALA A 72 2.34 2.14 5.76
N VAL A 73 3.25 1.18 6.00
CA VAL A 73 2.91 -0.09 6.71
C VAL A 73 2.14 0.12 8.03
N GLU A 74 2.59 1.04 8.90
CA GLU A 74 1.84 1.42 10.11
C GLU A 74 0.39 1.86 9.81
N ALA A 75 0.15 2.78 8.86
CA ALA A 75 -1.21 3.13 8.36
C ALA A 75 -2.01 2.00 7.66
N LEU A 76 -1.34 1.06 6.97
CA LEU A 76 -1.93 -0.23 6.51
C LEU A 76 -2.48 -1.12 7.66
N LYS A 77 -1.65 -1.39 8.68
CA LYS A 77 -2.08 -2.07 9.92
C LYS A 77 -3.08 -1.27 10.80
N GLU A 78 -2.84 0.05 10.96
CA GLU A 78 -3.76 0.98 11.65
C GLU A 78 -5.10 1.32 10.93
N ALA A 79 -5.24 0.96 9.65
CA ALA A 79 -6.56 0.78 9.03
C ALA A 79 -7.59 -0.17 9.71
N GLY A 80 -7.11 -1.07 10.59
CA GLY A 80 -7.96 -1.99 11.34
C GLY A 80 -8.31 -3.21 10.50
N SER A 81 -9.57 -3.64 10.63
CA SER A 81 -10.12 -4.72 9.77
C SER A 81 -10.37 -4.37 8.26
N ILE A 82 -10.18 -3.10 7.84
CA ILE A 82 -10.56 -2.60 6.51
C ILE A 82 -9.53 -1.49 6.15
N VAL A 83 -8.71 -1.84 5.15
CA VAL A 83 -7.76 -0.90 4.50
C VAL A 83 -8.50 -0.12 3.39
N ARG A 84 -8.57 1.19 3.60
CA ARG A 84 -9.05 2.14 2.59
C ARG A 84 -7.81 2.59 1.79
N LEU A 85 -7.70 2.12 0.57
CA LEU A 85 -6.49 2.32 -0.26
C LEU A 85 -6.82 3.32 -1.38
N TYR A 86 -5.91 4.27 -1.61
CA TYR A 86 -6.05 5.26 -2.69
C TYR A 86 -4.77 5.18 -3.53
N VAL A 87 -4.91 4.83 -4.81
CA VAL A 87 -3.77 4.65 -5.75
C VAL A 87 -3.99 5.57 -6.95
N MET A 88 -3.02 6.47 -7.19
CA MET A 88 -2.94 7.25 -8.45
C MET A 88 -1.89 6.72 -9.43
N ARG A 89 -2.33 6.64 -10.68
CA ARG A 89 -1.46 6.34 -11.83
C ARG A 89 -1.16 7.70 -12.48
N ARG A 90 0.09 8.13 -12.30
CA ARG A 90 0.62 9.34 -12.95
C ARG A 90 1.69 8.99 -14.05
N LYS A 91 1.41 7.97 -14.87
CA LYS A 91 2.22 7.60 -16.04
C LYS A 91 1.67 8.28 -17.32
N PRO A 92 0.36 8.21 -17.75
CA PRO A 92 -0.20 9.09 -18.81
C PRO A 92 0.07 10.62 -18.65
N PRO A 93 -0.15 11.33 -17.49
CA PRO A 93 0.23 12.75 -17.30
C PRO A 93 1.77 12.91 -17.16
N TYR B 1 16.75 -1.30 -1.05
CA TYR B 1 15.40 -1.12 -0.51
C TYR B 1 15.02 -2.25 0.48
N LYS B 2 13.89 -2.05 1.15
CA LYS B 2 13.24 -3.06 2.01
C LYS B 2 11.74 -3.04 1.70
N LYS B 3 11.26 -4.23 1.31
CA LYS B 3 9.83 -4.46 1.09
C LYS B 3 9.28 -5.10 2.39
N THR B 4 8.43 -4.34 3.08
CA THR B 4 7.69 -4.89 4.25
C THR B 4 6.54 -5.79 3.74
N GLU B 5 6.48 -6.99 4.32
CA GLU B 5 5.43 -8.00 4.01
C GLU B 5 4.27 -7.69 4.97
N VAL B 6 3.21 -7.10 4.43
CA VAL B 6 2.16 -6.47 5.25
C VAL B 6 0.96 -7.36 4.97
N GLU A 1 -4.41 9.60 -12.38
CA GLU A 1 -5.62 8.88 -11.93
C GLU A 1 -5.44 8.34 -10.50
N TYR A 2 -6.55 8.37 -9.74
CA TYR A 2 -6.63 7.78 -8.38
C TYR A 2 -7.74 6.71 -8.32
N GLU A 3 -7.46 5.62 -7.59
CA GLU A 3 -8.41 4.51 -7.40
C GLU A 3 -8.66 4.32 -5.89
N GLU A 4 -9.94 4.18 -5.56
CA GLU A 4 -10.44 4.07 -4.17
C GLU A 4 -10.80 2.59 -3.98
N ILE A 5 -10.10 1.93 -3.06
CA ILE A 5 -10.13 0.46 -2.91
C ILE A 5 -10.20 0.18 -1.40
N THR A 6 -11.32 -0.42 -0.98
CA THR A 6 -11.49 -0.93 0.39
C THR A 6 -11.12 -2.43 0.38
N LEU A 7 -10.26 -2.77 1.34
CA LEU A 7 -9.88 -4.17 1.60
C LEU A 7 -10.03 -4.46 3.11
N GLU A 8 -10.00 -5.76 3.46
CA GLU A 8 -10.00 -6.21 4.86
C GLU A 8 -8.58 -6.22 5.45
N ARG A 9 -8.40 -5.46 6.53
CA ARG A 9 -7.17 -5.51 7.35
C ARG A 9 -7.26 -6.77 8.26
N GLY A 10 -6.44 -7.78 7.93
CA GLY A 10 -6.17 -8.90 8.86
C GLY A 10 -5.33 -8.45 10.06
N ASN A 11 -5.76 -8.89 11.25
CA ASN A 11 -5.22 -8.42 12.57
C ASN A 11 -3.68 -8.43 12.71
N SER A 12 -3.07 -9.60 12.46
CA SER A 12 -1.60 -9.78 12.37
C SER A 12 -0.95 -9.44 10.98
N GLY A 13 -1.74 -9.42 9.89
CA GLY A 13 -1.24 -9.11 8.55
C GLY A 13 -2.43 -9.04 7.57
N LEU A 14 -2.37 -8.02 6.73
CA LEU A 14 -3.43 -7.70 5.73
C LEU A 14 -3.38 -8.70 4.55
N GLY A 15 -2.27 -8.72 3.81
CA GLY A 15 -2.10 -9.54 2.59
C GLY A 15 -1.42 -8.81 1.42
N PHE A 16 -0.59 -7.79 1.66
CA PHE A 16 0.24 -7.11 0.65
C PHE A 16 1.69 -7.06 1.19
N SER A 17 2.61 -6.75 0.28
CA SER A 17 3.90 -6.12 0.59
C SER A 17 3.83 -4.70 0.00
N ILE A 18 4.47 -3.80 0.75
CA ILE A 18 4.73 -2.43 0.31
C ILE A 18 6.23 -2.29 0.01
N ALA A 19 6.55 -1.77 -1.19
CA ALA A 19 7.89 -1.22 -1.48
C ALA A 19 7.95 0.24 -0.99
N GLY A 20 8.98 0.92 -1.45
CA GLY A 20 9.71 1.83 -0.58
C GLY A 20 9.25 3.28 -0.68
N GLY A 21 9.58 3.95 0.41
CA GLY A 21 9.28 5.38 0.59
C GLY A 21 10.50 6.26 0.43
N THR A 22 10.35 7.50 0.89
CA THR A 22 11.42 8.54 0.87
C THR A 22 12.81 8.13 1.45
N ASP A 23 12.83 7.38 2.56
CA ASP A 23 14.09 6.84 3.18
C ASP A 23 14.58 5.45 2.64
N ASN A 24 13.81 4.79 1.77
CA ASN A 24 14.18 3.50 1.15
C ASN A 24 13.45 3.60 -0.23
N PRO A 25 13.92 4.25 -1.33
CA PRO A 25 13.11 4.43 -2.55
C PRO A 25 13.60 3.50 -3.69
N HIS A 26 12.66 2.75 -4.27
CA HIS A 26 12.91 1.98 -5.52
C HIS A 26 12.21 2.61 -6.75
N ILE A 27 10.89 2.77 -6.60
CA ILE A 27 9.95 3.19 -7.64
C ILE A 27 9.58 4.68 -7.40
N GLY A 28 8.75 5.17 -8.32
CA GLY A 28 8.28 6.56 -8.29
C GLY A 28 9.18 7.44 -9.17
N ASP A 29 8.85 8.72 -9.10
CA ASP A 29 9.76 9.81 -9.55
C ASP A 29 10.89 10.18 -8.52
N ASP A 30 10.83 9.63 -7.29
CA ASP A 30 11.83 9.77 -6.19
C ASP A 30 11.20 8.94 -5.01
N PRO A 31 10.01 9.25 -4.40
CA PRO A 31 9.53 8.58 -3.17
C PRO A 31 8.36 7.62 -3.50
N SER A 32 7.18 7.87 -2.88
CA SER A 32 5.88 7.29 -3.27
C SER A 32 5.83 5.83 -2.80
N ILE A 33 4.98 5.60 -1.80
CA ILE A 33 4.79 4.26 -1.21
C ILE A 33 3.99 3.44 -2.22
N PHE A 34 4.55 2.27 -2.48
CA PHE A 34 4.00 1.38 -3.52
C PHE A 34 3.58 0.07 -2.86
N ILE A 35 2.62 -0.54 -3.53
CA ILE A 35 2.17 -1.92 -3.24
C ILE A 35 2.96 -2.70 -4.33
N THR A 36 4.01 -3.44 -3.91
CA THR A 36 4.98 -4.16 -4.80
C THR A 36 4.66 -5.65 -5.10
N LYS A 37 4.39 -6.46 -4.07
CA LYS A 37 3.87 -7.83 -4.27
C LYS A 37 2.68 -8.18 -3.35
N ILE A 38 1.63 -8.81 -3.88
CA ILE A 38 0.48 -9.23 -3.05
C ILE A 38 0.88 -10.53 -2.32
N ILE A 39 0.52 -10.64 -1.03
CA ILE A 39 0.69 -11.90 -0.28
C ILE A 39 -0.38 -12.92 -0.79
N PRO A 40 0.00 -14.07 -1.42
CA PRO A 40 -0.96 -15.07 -1.93
C PRO A 40 -1.71 -15.83 -0.81
N GLY A 41 -3.00 -16.08 -1.05
CA GLY A 41 -3.87 -16.68 -0.02
C GLY A 41 -4.32 -15.80 1.18
N GLY A 42 -4.03 -14.48 1.17
CA GLY A 42 -4.45 -13.56 2.23
C GLY A 42 -5.71 -12.77 1.87
N ALA A 43 -5.94 -11.72 2.67
CA ALA A 43 -7.06 -10.78 2.43
C ALA A 43 -7.02 -10.00 1.10
N ALA A 44 -5.82 -9.69 0.56
CA ALA A 44 -5.69 -9.09 -0.77
C ALA A 44 -6.05 -9.99 -1.98
N ALA A 45 -5.66 -11.27 -1.93
CA ALA A 45 -6.08 -12.29 -2.91
C ALA A 45 -7.63 -12.60 -2.91
N GLN A 46 -8.24 -12.72 -1.71
CA GLN A 46 -9.71 -12.97 -1.55
C GLN A 46 -10.63 -11.77 -1.88
N ASP A 47 -10.39 -10.58 -1.29
CA ASP A 47 -11.16 -9.34 -1.57
C ASP A 47 -11.04 -8.85 -3.06
N GLY A 48 -9.85 -8.97 -3.65
CA GLY A 48 -9.62 -8.78 -5.09
C GLY A 48 -8.73 -7.58 -5.43
N ARG A 49 -7.60 -7.46 -4.72
CA ARG A 49 -6.49 -6.51 -5.03
C ARG A 49 -5.12 -7.18 -5.29
N LEU A 50 -5.14 -8.46 -5.69
CA LEU A 50 -3.98 -9.23 -6.17
C LEU A 50 -3.00 -8.61 -7.18
N ARG A 51 -3.52 -7.71 -8.02
CA ARG A 51 -2.73 -6.75 -8.78
C ARG A 51 -2.30 -5.62 -7.84
N VAL A 52 -1.16 -5.95 -7.26
CA VAL A 52 -0.53 -5.21 -6.18
C VAL A 52 -0.32 -3.72 -6.49
N ASN A 53 0.53 -3.47 -7.49
CA ASN A 53 0.74 -2.21 -8.22
C ASN A 53 -0.33 -1.11 -8.08
N ASP A 54 -0.21 -0.45 -6.93
CA ASP A 54 -1.14 0.60 -6.53
C ASP A 54 -0.26 1.56 -5.71
N SER A 55 -0.21 2.80 -6.19
CA SER A 55 0.66 3.84 -5.60
C SER A 55 -0.06 4.49 -4.41
N ILE A 56 0.00 3.85 -3.23
CA ILE A 56 -0.72 4.28 -2.02
C ILE A 56 -0.23 5.66 -1.53
N LEU A 57 -1.22 6.56 -1.46
CA LEU A 57 -1.06 7.92 -0.92
C LEU A 57 -1.81 8.11 0.41
N PHE A 58 -3.12 7.79 0.41
CA PHE A 58 -4.01 8.10 1.54
C PHE A 58 -4.62 6.78 2.02
N VAL A 59 -4.59 6.61 3.34
CA VAL A 59 -5.11 5.39 4.00
C VAL A 59 -6.09 5.94 5.04
N ASN A 60 -7.41 5.70 4.86
CA ASN A 60 -8.47 6.15 5.82
C ASN A 60 -8.82 7.63 5.55
N GLU A 61 -7.92 8.45 6.07
CA GLU A 61 -7.84 9.91 5.94
C GLU A 61 -6.33 10.37 6.08
N VAL A 62 -5.43 9.56 6.70
CA VAL A 62 -3.98 9.82 6.84
C VAL A 62 -3.32 9.93 5.44
N ASP A 63 -2.44 10.93 5.37
CA ASP A 63 -1.65 11.26 4.17
C ASP A 63 -0.20 10.79 4.39
N VAL A 64 0.13 9.67 3.76
CA VAL A 64 1.47 9.07 3.78
C VAL A 64 2.21 9.50 2.48
N ARG A 65 2.11 8.73 1.37
CA ARG A 65 2.74 9.04 0.05
C ARG A 65 4.25 9.39 0.04
N GLU A 66 4.55 10.69 0.23
CA GLU A 66 5.92 11.21 0.40
C GLU A 66 6.32 11.12 1.89
N VAL A 67 6.45 9.86 2.32
CA VAL A 67 6.80 9.49 3.68
C VAL A 67 7.84 8.35 3.57
N THR A 68 8.42 8.05 4.72
CA THR A 68 9.06 6.76 5.01
C THR A 68 8.03 5.59 4.86
N HIS A 69 8.43 4.50 4.19
CA HIS A 69 7.65 3.23 4.17
C HIS A 69 7.07 2.70 5.52
N SER A 70 7.82 2.96 6.61
CA SER A 70 7.45 2.61 7.99
C SER A 70 6.17 3.31 8.55
N ALA A 71 5.96 4.61 8.26
CA ALA A 71 4.67 5.30 8.52
C ALA A 71 3.48 4.86 7.61
N ALA A 72 3.74 4.57 6.32
CA ALA A 72 2.76 3.99 5.39
C ALA A 72 2.32 2.56 5.69
N VAL A 73 3.27 1.64 5.89
CA VAL A 73 2.97 0.31 6.48
C VAL A 73 2.19 0.36 7.82
N GLU A 74 2.62 1.25 8.75
CA GLU A 74 1.89 1.49 9.99
C GLU A 74 0.45 2.01 9.75
N ALA A 75 0.22 3.01 8.88
CA ALA A 75 -1.14 3.45 8.48
C ALA A 75 -2.03 2.43 7.72
N LEU A 76 -1.44 1.59 6.86
CA LEU A 76 -2.06 0.34 6.34
C LEU A 76 -2.60 -0.59 7.47
N LYS A 77 -1.75 -0.93 8.43
CA LYS A 77 -2.11 -1.71 9.64
C LYS A 77 -3.03 -0.95 10.65
N GLU A 78 -2.80 0.35 10.86
CA GLU A 78 -3.67 1.24 11.67
C GLU A 78 -5.12 1.44 11.14
N ALA A 79 -5.37 1.21 9.84
CA ALA A 79 -6.73 1.14 9.31
C ALA A 79 -7.74 0.17 9.98
N GLY A 80 -7.27 -0.88 10.68
CA GLY A 80 -8.04 -1.53 11.74
C GLY A 80 -9.31 -2.26 11.25
N SER A 81 -9.16 -3.54 10.89
CA SER A 81 -10.22 -4.35 10.23
C SER A 81 -10.58 -4.04 8.74
N ILE A 82 -10.46 -2.78 8.30
CA ILE A 82 -10.89 -2.31 6.97
C ILE A 82 -9.88 -1.21 6.54
N VAL A 83 -9.07 -1.53 5.53
CA VAL A 83 -8.16 -0.57 4.87
C VAL A 83 -8.92 0.24 3.81
N ARG A 84 -8.94 1.56 3.97
CA ARG A 84 -9.52 2.48 2.96
C ARG A 84 -8.35 3.09 2.19
N LEU A 85 -7.99 2.42 1.09
CA LEU A 85 -6.79 2.76 0.31
C LEU A 85 -7.21 3.69 -0.84
N TYR A 86 -6.39 4.71 -1.07
CA TYR A 86 -6.54 5.67 -2.17
C TYR A 86 -5.17 5.68 -2.85
N VAL A 87 -5.14 5.41 -4.17
CA VAL A 87 -3.89 5.04 -4.86
C VAL A 87 -3.79 5.85 -6.17
N MET A 88 -2.80 6.73 -6.29
CA MET A 88 -2.65 7.64 -7.44
C MET A 88 -1.19 7.57 -7.86
N ARG A 89 -1.02 7.18 -9.12
CA ARG A 89 0.26 7.31 -9.84
C ARG A 89 0.24 8.59 -10.69
N ARG A 90 1.47 9.07 -11.00
CA ARG A 90 1.68 10.25 -11.88
C ARG A 90 1.04 11.52 -11.28
N LYS A 91 1.71 12.04 -10.25
CA LYS A 91 1.21 13.20 -9.50
C LYS A 91 2.26 14.33 -9.72
N PRO A 92 1.99 15.37 -10.58
CA PRO A 92 2.90 16.52 -10.76
C PRO A 92 3.30 17.31 -9.45
N PRO A 93 2.40 17.73 -8.51
CA PRO A 93 2.77 18.52 -7.32
C PRO A 93 3.25 17.59 -6.18
N TYR B 1 17.04 -0.83 -1.47
CA TYR B 1 15.63 -0.84 -1.07
C TYR B 1 15.25 -2.17 -0.35
N LYS B 2 14.05 -2.16 0.24
CA LYS B 2 13.38 -3.35 0.78
C LYS B 2 11.85 -3.15 0.78
N LYS B 3 11.15 -4.29 0.79
CA LYS B 3 9.69 -4.33 0.95
C LYS B 3 9.42 -4.76 2.41
N THR B 4 8.46 -4.08 3.04
CA THR B 4 7.89 -4.55 4.33
C THR B 4 6.52 -5.18 4.01
N GLU B 5 6.28 -6.33 4.65
CA GLU B 5 5.01 -7.07 4.50
C GLU B 5 3.94 -6.39 5.38
N VAL B 6 2.76 -6.34 4.80
CA VAL B 6 1.57 -5.74 5.40
C VAL B 6 0.44 -6.66 4.97
N GLU A 1 -5.04 10.06 -11.89
CA GLU A 1 -6.14 10.12 -10.90
C GLU A 1 -5.87 9.17 -9.70
N TYR A 2 -6.58 9.44 -8.60
CA TYR A 2 -6.60 8.57 -7.41
C TYR A 2 -7.83 7.62 -7.44
N GLU A 3 -7.57 6.34 -7.14
CA GLU A 3 -8.59 5.27 -7.14
C GLU A 3 -8.80 4.84 -5.67
N GLU A 4 -10.07 4.86 -5.25
CA GLU A 4 -10.50 4.39 -3.92
C GLU A 4 -10.83 2.87 -3.98
N ILE A 5 -10.17 2.13 -3.09
CA ILE A 5 -10.23 0.66 -3.02
C ILE A 5 -10.32 0.33 -1.52
N THR A 6 -11.51 -0.13 -1.08
CA THR A 6 -11.71 -0.63 0.29
C THR A 6 -11.44 -2.14 0.26
N LEU A 7 -10.43 -2.55 1.02
CA LEU A 7 -10.06 -3.95 1.22
C LEU A 7 -10.27 -4.29 2.71
N GLU A 8 -10.25 -5.59 3.02
CA GLU A 8 -10.22 -6.07 4.42
C GLU A 8 -8.75 -6.28 4.83
N ARG A 9 -8.41 -5.88 6.07
CA ARG A 9 -7.12 -6.24 6.69
C ARG A 9 -7.29 -7.62 7.34
N GLY A 10 -6.59 -8.60 6.75
CA GLY A 10 -6.43 -9.93 7.35
C GLY A 10 -5.73 -9.86 8.71
N ASN A 11 -6.23 -10.70 9.63
CA ASN A 11 -5.78 -10.70 11.05
C ASN A 11 -4.26 -10.98 11.25
N SER A 12 -3.76 -12.05 10.61
CA SER A 12 -2.32 -12.38 10.55
C SER A 12 -1.49 -11.55 9.51
N GLY A 13 -2.14 -10.93 8.51
CA GLY A 13 -1.49 -10.10 7.49
C GLY A 13 -2.60 -9.55 6.60
N LEU A 14 -2.56 -8.23 6.36
CA LEU A 14 -3.41 -7.54 5.33
C LEU A 14 -3.43 -8.24 3.92
N GLY A 15 -2.30 -8.78 3.47
CA GLY A 15 -2.22 -9.65 2.27
C GLY A 15 -1.49 -9.10 1.04
N PHE A 16 -0.69 -8.06 1.21
CA PHE A 16 0.21 -7.50 0.19
C PHE A 16 1.52 -7.04 0.87
N SER A 17 2.47 -6.66 0.06
CA SER A 17 3.77 -6.12 0.46
C SER A 17 3.88 -4.75 -0.18
N ILE A 18 4.70 -3.95 0.49
CA ILE A 18 4.97 -2.58 0.08
C ILE A 18 6.48 -2.41 -0.16
N ALA A 19 6.83 -1.89 -1.35
CA ALA A 19 8.15 -1.27 -1.57
C ALA A 19 8.15 0.17 -0.98
N GLY A 20 9.19 0.91 -1.34
CA GLY A 20 9.78 1.87 -0.42
C GLY A 20 9.21 3.30 -0.51
N GLY A 21 9.45 4.00 0.59
CA GLY A 21 9.06 5.40 0.76
C GLY A 21 10.22 6.39 0.65
N THR A 22 9.98 7.59 1.19
CA THR A 22 10.94 8.73 1.17
C THR A 22 12.37 8.43 1.72
N ASP A 23 12.45 7.67 2.82
CA ASP A 23 13.73 7.24 3.44
C ASP A 23 14.41 5.98 2.82
N ASN A 24 13.72 5.26 1.90
CA ASN A 24 14.18 3.97 1.36
C ASN A 24 13.41 3.90 0.00
N PRO A 25 13.94 4.27 -1.19
CA PRO A 25 13.22 4.08 -2.47
C PRO A 25 13.71 2.81 -3.21
N HIS A 26 12.74 2.04 -3.72
CA HIS A 26 12.97 1.11 -4.87
C HIS A 26 12.50 1.63 -6.26
N ILE A 27 11.57 2.60 -6.24
CA ILE A 27 10.73 3.02 -7.37
C ILE A 27 10.43 4.52 -7.09
N GLY A 28 10.57 5.31 -8.15
CA GLY A 28 10.63 6.77 -8.01
C GLY A 28 12.08 7.24 -7.84
N ASP A 29 12.23 8.54 -8.09
CA ASP A 29 13.49 9.28 -7.80
C ASP A 29 13.69 9.70 -6.31
N ASP A 30 12.69 9.53 -5.42
CA ASP A 30 12.82 9.80 -3.98
C ASP A 30 11.67 9.04 -3.22
N PRO A 31 10.33 9.26 -3.41
CA PRO A 31 9.34 8.85 -2.38
C PRO A 31 8.29 7.87 -2.94
N SER A 32 7.06 7.99 -2.39
CA SER A 32 5.84 7.37 -2.95
C SER A 32 5.82 5.89 -2.58
N ILE A 33 4.93 5.57 -1.65
CA ILE A 33 4.78 4.20 -1.10
C ILE A 33 4.07 3.37 -2.18
N PHE A 34 4.71 2.26 -2.49
CA PHE A 34 4.26 1.39 -3.57
C PHE A 34 3.83 0.05 -2.96
N ILE A 35 2.86 -0.56 -3.63
CA ILE A 35 2.43 -1.93 -3.33
C ILE A 35 3.19 -2.82 -4.36
N THR A 36 4.24 -3.51 -3.91
CA THR A 36 5.09 -4.36 -4.80
C THR A 36 4.53 -5.75 -5.16
N LYS A 37 4.02 -6.51 -4.16
CA LYS A 37 3.63 -7.93 -4.35
C LYS A 37 2.48 -8.31 -3.42
N ILE A 38 1.62 -9.20 -3.89
CA ILE A 38 0.46 -9.72 -3.12
C ILE A 38 0.99 -10.96 -2.36
N ILE A 39 0.64 -11.06 -1.06
CA ILE A 39 0.93 -12.26 -0.25
C ILE A 39 -0.21 -13.30 -0.55
N PRO A 40 0.09 -14.50 -1.12
CA PRO A 40 -0.89 -15.61 -1.23
C PRO A 40 -1.36 -16.14 0.14
N GLY A 41 -2.68 -16.36 0.27
CA GLY A 41 -3.30 -16.65 1.58
C GLY A 41 -3.74 -15.45 2.46
N GLY A 42 -3.37 -14.20 2.10
CA GLY A 42 -3.82 -13.01 2.81
C GLY A 42 -5.19 -12.48 2.33
N ALA A 43 -5.59 -11.38 2.97
CA ALA A 43 -6.91 -10.75 2.69
C ALA A 43 -7.06 -10.03 1.32
N ALA A 44 -5.99 -9.42 0.80
CA ALA A 44 -5.95 -8.90 -0.60
C ALA A 44 -6.23 -9.87 -1.74
N ALA A 45 -5.81 -11.14 -1.62
CA ALA A 45 -6.19 -12.20 -2.58
C ALA A 45 -7.69 -12.63 -2.55
N GLN A 46 -8.38 -12.59 -1.39
CA GLN A 46 -9.85 -12.82 -1.31
C GLN A 46 -10.69 -11.60 -1.80
N ASP A 47 -10.42 -10.41 -1.23
CA ASP A 47 -11.24 -9.20 -1.44
C ASP A 47 -10.95 -8.51 -2.79
N GLY A 48 -9.68 -8.22 -3.08
CA GLY A 48 -9.25 -7.55 -4.31
C GLY A 48 -8.85 -8.49 -5.46
N ARG A 49 -8.05 -9.55 -5.18
CA ARG A 49 -7.41 -10.44 -6.20
C ARG A 49 -6.75 -9.73 -7.40
N LEU A 50 -5.96 -8.71 -7.06
CA LEU A 50 -5.65 -7.61 -7.97
C LEU A 50 -4.19 -7.78 -8.44
N ARG A 51 -3.71 -6.69 -9.02
CA ARG A 51 -2.27 -6.44 -9.08
C ARG A 51 -2.08 -5.29 -8.07
N VAL A 52 -1.16 -5.61 -7.20
CA VAL A 52 -0.55 -4.72 -6.22
C VAL A 52 -0.18 -3.32 -6.71
N ASN A 53 0.77 -3.24 -7.66
CA ASN A 53 1.22 -2.01 -8.36
C ASN A 53 0.25 -0.81 -8.38
N ASP A 54 0.29 -0.10 -7.25
CA ASP A 54 -0.61 1.00 -6.97
C ASP A 54 0.13 1.86 -5.93
N SER A 55 0.21 3.16 -6.23
CA SER A 55 0.98 4.11 -5.39
C SER A 55 0.03 4.66 -4.30
N ILE A 56 0.01 3.94 -3.17
CA ILE A 56 -0.80 4.30 -1.98
C ILE A 56 -0.34 5.66 -1.39
N LEU A 57 -1.35 6.50 -1.23
CA LEU A 57 -1.21 7.84 -0.64
C LEU A 57 -1.94 8.03 0.68
N PHE A 58 -3.24 7.73 0.67
CA PHE A 58 -4.11 7.96 1.81
C PHE A 58 -4.66 6.58 2.17
N VAL A 59 -4.63 6.31 3.46
CA VAL A 59 -5.32 5.15 4.03
C VAL A 59 -6.27 5.73 5.12
N ASN A 60 -7.58 5.52 4.93
CA ASN A 60 -8.65 6.05 5.84
C ASN A 60 -8.89 7.55 5.53
N GLU A 61 -7.98 8.32 6.12
CA GLU A 61 -7.92 9.80 6.10
C GLU A 61 -6.43 10.27 6.28
N VAL A 62 -5.52 9.42 6.84
CA VAL A 62 -4.09 9.73 7.06
C VAL A 62 -3.37 9.96 5.72
N ASP A 63 -2.57 11.03 5.72
CA ASP A 63 -1.65 11.36 4.62
C ASP A 63 -0.28 10.69 4.92
N VAL A 64 -0.09 9.53 4.30
CA VAL A 64 1.22 8.82 4.26
C VAL A 64 1.94 9.26 2.97
N ARG A 65 1.83 8.52 1.84
CA ARG A 65 2.46 8.87 0.52
C ARG A 65 3.96 9.24 0.52
N GLU A 66 4.19 10.55 0.70
CA GLU A 66 5.51 11.15 0.89
C GLU A 66 5.89 11.04 2.39
N VAL A 67 6.09 9.78 2.77
CA VAL A 67 6.50 9.36 4.11
C VAL A 67 7.53 8.22 3.92
N THR A 68 8.15 7.87 5.04
CA THR A 68 8.83 6.57 5.22
C THR A 68 7.81 5.39 5.07
N HIS A 69 8.22 4.34 4.35
CA HIS A 69 7.47 3.05 4.27
C HIS A 69 6.92 2.44 5.59
N SER A 70 7.68 2.61 6.69
CA SER A 70 7.27 2.26 8.07
C SER A 70 6.01 2.99 8.63
N ALA A 71 5.85 4.30 8.40
CA ALA A 71 4.58 5.01 8.71
C ALA A 71 3.38 4.65 7.77
N ALA A 72 3.64 4.46 6.47
CA ALA A 72 2.65 3.90 5.51
C ALA A 72 2.16 2.49 5.85
N VAL A 73 3.08 1.52 6.02
CA VAL A 73 2.73 0.19 6.55
C VAL A 73 1.97 0.22 7.91
N GLU A 74 2.44 1.03 8.87
CA GLU A 74 1.76 1.21 10.17
C GLU A 74 0.34 1.79 10.02
N ALA A 75 0.11 2.84 9.21
CA ALA A 75 -1.23 3.34 8.87
C ALA A 75 -2.16 2.40 8.06
N LEU A 76 -1.61 1.59 7.15
CA LEU A 76 -2.28 0.42 6.52
C LEU A 76 -2.77 -0.66 7.53
N LYS A 77 -1.90 -1.03 8.46
CA LYS A 77 -2.26 -1.88 9.61
C LYS A 77 -3.17 -1.19 10.68
N GLU A 78 -3.00 0.12 10.87
CA GLU A 78 -3.86 1.01 11.72
C GLU A 78 -5.24 1.36 11.15
N ALA A 79 -5.49 1.13 9.86
CA ALA A 79 -6.85 1.07 9.31
C ALA A 79 -7.87 0.07 9.90
N GLY A 80 -7.46 -0.72 10.92
CA GLY A 80 -8.32 -1.67 11.63
C GLY A 80 -8.52 -2.93 10.79
N SER A 81 -9.71 -3.50 10.92
CA SER A 81 -10.13 -4.65 10.07
C SER A 81 -10.45 -4.33 8.56
N ILE A 82 -10.47 -3.03 8.16
CA ILE A 82 -11.05 -2.56 6.89
C ILE A 82 -10.19 -1.34 6.44
N VAL A 83 -9.40 -1.59 5.41
CA VAL A 83 -8.42 -0.62 4.88
C VAL A 83 -9.08 0.19 3.76
N ARG A 84 -9.08 1.51 3.90
CA ARG A 84 -9.65 2.41 2.87
C ARG A 84 -8.47 3.01 2.09
N LEU A 85 -8.03 2.29 1.07
CA LEU A 85 -6.78 2.62 0.34
C LEU A 85 -7.13 3.55 -0.83
N TYR A 86 -6.35 4.62 -0.98
CA TYR A 86 -6.54 5.64 -2.04
C TYR A 86 -5.18 5.68 -2.76
N VAL A 87 -5.16 5.42 -4.08
CA VAL A 87 -3.90 5.17 -4.82
C VAL A 87 -3.88 6.08 -6.08
N MET A 88 -2.91 6.99 -6.16
CA MET A 88 -2.81 7.98 -7.25
C MET A 88 -1.43 7.87 -7.88
N ARG A 89 -1.44 8.03 -9.20
CA ARG A 89 -0.20 8.01 -9.99
C ARG A 89 0.47 9.39 -9.93
N ARG A 90 1.59 9.39 -9.21
CA ARG A 90 2.58 10.49 -9.29
C ARG A 90 3.38 10.53 -10.62
N LYS A 91 3.70 9.35 -11.18
CA LYS A 91 4.50 9.22 -12.40
C LYS A 91 3.65 9.58 -13.62
N PRO A 92 4.05 10.54 -14.50
CA PRO A 92 3.31 10.83 -15.75
C PRO A 92 3.25 9.63 -16.75
N PRO A 93 2.35 9.61 -17.78
CA PRO A 93 2.31 8.56 -18.83
C PRO A 93 3.67 8.23 -19.50
N TYR B 1 17.16 -0.89 -0.82
CA TYR B 1 15.78 -0.78 -0.33
C TYR B 1 15.47 -1.91 0.71
N LYS B 2 14.33 -1.72 1.39
CA LYS B 2 13.69 -2.78 2.19
C LYS B 2 12.17 -2.75 1.89
N LYS B 3 11.65 -3.96 1.68
CA LYS B 3 10.20 -4.18 1.52
C LYS B 3 9.64 -4.80 2.82
N THR B 4 8.60 -4.13 3.34
CA THR B 4 7.81 -4.64 4.47
C THR B 4 6.53 -5.35 3.94
N GLU B 5 6.22 -6.46 4.61
CA GLU B 5 4.99 -7.25 4.34
C GLU B 5 3.85 -6.68 5.21
N VAL B 6 2.74 -6.39 4.54
CA VAL B 6 1.49 -5.91 5.15
C VAL B 6 0.38 -6.84 4.64
N GLU A 1 -6.09 10.66 -11.73
CA GLU A 1 -6.71 9.31 -11.70
C GLU A 1 -6.36 8.64 -10.37
N TYR A 2 -7.26 8.77 -9.38
CA TYR A 2 -7.11 8.10 -8.07
C TYR A 2 -8.41 7.34 -7.73
N GLU A 3 -8.24 6.12 -7.23
CA GLU A 3 -9.34 5.21 -6.90
C GLU A 3 -9.19 4.75 -5.43
N GLU A 4 -10.33 4.73 -4.74
CA GLU A 4 -10.43 4.25 -3.35
C GLU A 4 -11.06 2.83 -3.32
N ILE A 5 -10.40 1.95 -2.56
CA ILE A 5 -10.78 0.52 -2.46
C ILE A 5 -10.71 0.14 -0.96
N THR A 6 -11.81 -0.43 -0.43
CA THR A 6 -11.80 -1.02 0.93
C THR A 6 -11.51 -2.54 0.75
N LEU A 7 -10.43 -2.97 1.40
CA LEU A 7 -9.91 -4.36 1.29
C LEU A 7 -9.94 -4.97 2.70
N GLU A 8 -10.57 -6.14 2.82
CA GLU A 8 -10.82 -6.79 4.11
C GLU A 8 -9.71 -7.83 4.42
N ARG A 9 -9.10 -7.66 5.60
CA ARG A 9 -8.18 -8.66 6.18
C ARG A 9 -8.18 -8.56 7.73
N GLY A 10 -7.13 -7.93 8.30
CA GLY A 10 -6.83 -7.97 9.74
C GLY A 10 -6.17 -9.28 10.18
N ASN A 11 -6.11 -9.43 11.51
CA ASN A 11 -5.79 -10.73 12.15
C ASN A 11 -4.26 -11.04 12.06
N SER A 12 -3.87 -11.69 10.95
CA SER A 12 -2.45 -11.92 10.57
C SER A 12 -1.71 -10.75 9.86
N GLY A 13 -2.45 -9.76 9.35
CA GLY A 13 -1.89 -8.58 8.68
C GLY A 13 -3.00 -7.98 7.81
N LEU A 14 -2.57 -7.56 6.64
CA LEU A 14 -3.40 -6.93 5.58
C LEU A 14 -3.23 -7.64 4.22
N GLY A 15 -2.04 -8.20 3.94
CA GLY A 15 -1.84 -9.19 2.88
C GLY A 15 -1.18 -8.73 1.59
N PHE A 16 -0.20 -7.84 1.73
CA PHE A 16 0.45 -7.15 0.59
C PHE A 16 1.86 -6.80 1.04
N SER A 17 2.77 -6.90 0.10
CA SER A 17 4.20 -6.63 0.33
C SER A 17 4.56 -5.30 -0.33
N ILE A 18 5.07 -4.39 0.47
CA ILE A 18 5.29 -3.00 0.04
C ILE A 18 6.79 -2.74 -0.13
N ALA A 19 7.14 -2.19 -1.28
CA ALA A 19 8.41 -1.48 -1.44
C ALA A 19 8.25 0.02 -1.05
N GLY A 20 9.31 0.76 -1.35
CA GLY A 20 9.80 1.75 -0.41
C GLY A 20 9.33 3.19 -0.68
N GLY A 21 9.44 3.94 0.41
CA GLY A 21 9.06 5.35 0.48
C GLY A 21 10.30 6.27 0.43
N THR A 22 10.08 7.51 0.85
CA THR A 22 11.10 8.59 0.79
C THR A 22 12.49 8.30 1.46
N ASP A 23 12.49 7.66 2.64
CA ASP A 23 13.73 7.21 3.34
C ASP A 23 14.43 5.94 2.74
N ASN A 24 13.70 5.10 2.01
CA ASN A 24 14.18 3.81 1.49
C ASN A 24 13.45 3.73 0.12
N PRO A 25 14.01 4.10 -1.05
CA PRO A 25 13.26 4.05 -2.33
C PRO A 25 13.50 2.70 -3.08
N HIS A 26 12.41 2.15 -3.62
CA HIS A 26 12.48 1.11 -4.69
C HIS A 26 12.26 1.65 -6.14
N ILE A 27 11.55 2.78 -6.28
CA ILE A 27 11.00 3.26 -7.56
C ILE A 27 12.09 4.19 -8.17
N GLY A 28 12.24 4.11 -9.51
CA GLY A 28 13.10 5.06 -10.25
C GLY A 28 12.77 6.58 -10.23
N ASP A 29 11.60 6.96 -9.70
CA ASP A 29 11.29 8.37 -9.31
C ASP A 29 11.76 8.79 -7.87
N ASP A 30 12.25 7.87 -7.02
CA ASP A 30 12.59 8.09 -5.59
C ASP A 30 11.38 7.66 -4.70
N PRO A 31 10.36 8.48 -4.34
CA PRO A 31 9.49 8.20 -3.18
C PRO A 31 8.20 7.45 -3.58
N SER A 32 7.13 7.68 -2.79
CA SER A 32 5.78 7.11 -3.03
C SER A 32 5.79 5.61 -2.70
N ILE A 33 4.72 5.15 -2.05
CA ILE A 33 4.66 3.80 -1.43
C ILE A 33 4.00 2.89 -2.49
N PHE A 34 4.73 1.84 -2.88
CA PHE A 34 4.29 0.93 -3.96
C PHE A 34 4.28 -0.48 -3.40
N ILE A 35 3.23 -1.23 -3.76
CA ILE A 35 3.17 -2.68 -3.50
C ILE A 35 3.98 -3.39 -4.65
N THR A 36 5.00 -4.17 -4.27
CA THR A 36 5.74 -5.06 -5.22
C THR A 36 5.21 -6.51 -5.29
N LYS A 37 4.69 -7.09 -4.20
CA LYS A 37 4.03 -8.41 -4.25
C LYS A 37 2.78 -8.44 -3.34
N ILE A 38 1.99 -9.50 -3.52
CA ILE A 38 0.74 -9.76 -2.78
C ILE A 38 1.08 -10.95 -1.87
N ILE A 39 0.79 -10.83 -0.57
CA ILE A 39 0.98 -11.95 0.37
C ILE A 39 -0.27 -12.89 0.30
N PRO A 40 -0.13 -14.22 -0.03
CA PRO A 40 -1.25 -15.18 -0.09
C PRO A 40 -2.09 -15.31 1.20
N GLY A 41 -3.40 -15.46 1.02
CA GLY A 41 -4.37 -15.25 2.13
C GLY A 41 -4.64 -13.80 2.59
N GLY A 42 -4.23 -12.82 1.77
CA GLY A 42 -4.36 -11.39 2.04
C GLY A 42 -5.67 -10.75 1.58
N ALA A 43 -5.80 -9.46 1.90
CA ALA A 43 -6.98 -8.66 1.47
C ALA A 43 -7.08 -8.49 -0.06
N ALA A 44 -5.98 -8.10 -0.73
CA ALA A 44 -5.95 -7.91 -2.19
C ALA A 44 -6.08 -9.17 -3.05
N ALA A 45 -5.53 -10.30 -2.58
CA ALA A 45 -5.76 -11.63 -3.17
C ALA A 45 -7.22 -12.16 -3.03
N GLN A 46 -7.82 -12.01 -1.84
CA GLN A 46 -9.23 -12.38 -1.55
C GLN A 46 -10.24 -11.40 -2.20
N ASP A 47 -10.24 -10.13 -1.74
CA ASP A 47 -11.22 -9.08 -2.14
C ASP A 47 -11.14 -8.64 -3.62
N GLY A 48 -9.95 -8.66 -4.24
CA GLY A 48 -9.81 -8.47 -5.69
C GLY A 48 -8.81 -9.45 -6.32
N ARG A 49 -8.48 -9.11 -7.57
CA ARG A 49 -7.52 -9.87 -8.42
C ARG A 49 -6.69 -8.85 -9.22
N LEU A 50 -6.00 -8.00 -8.45
CA LEU A 50 -5.39 -6.77 -8.98
C LEU A 50 -3.93 -7.10 -9.36
N ARG A 51 -3.21 -6.00 -9.51
CA ARG A 51 -1.76 -6.03 -9.53
C ARG A 51 -1.35 -5.20 -8.29
N VAL A 52 -0.32 -5.75 -7.72
CA VAL A 52 0.48 -5.22 -6.62
C VAL A 52 0.78 -3.72 -6.77
N ASN A 53 1.55 -3.32 -7.80
CA ASN A 53 1.91 -1.93 -8.15
C ASN A 53 0.70 -0.96 -8.30
N ASP A 54 0.25 -0.54 -7.13
CA ASP A 54 -0.80 0.44 -6.90
C ASP A 54 -0.12 1.38 -5.89
N SER A 55 0.11 2.60 -6.36
CA SER A 55 0.75 3.71 -5.62
C SER A 55 -0.13 4.20 -4.45
N ILE A 56 -0.09 3.44 -3.33
CA ILE A 56 -0.91 3.68 -2.12
C ILE A 56 -0.40 4.96 -1.41
N LEU A 57 -1.14 6.02 -1.67
CA LEU A 57 -0.87 7.37 -1.14
C LEU A 57 -1.65 7.74 0.13
N PHE A 58 -2.92 7.33 0.22
CA PHE A 58 -3.77 7.55 1.39
C PHE A 58 -4.30 6.18 1.82
N VAL A 59 -4.34 6.02 3.14
CA VAL A 59 -4.80 4.78 3.77
C VAL A 59 -5.75 5.30 4.87
N ASN A 60 -7.05 5.01 4.73
CA ASN A 60 -8.10 5.43 5.70
C ASN A 60 -8.57 6.87 5.40
N GLU A 61 -7.69 7.75 5.86
CA GLU A 61 -7.74 9.21 5.81
C GLU A 61 -6.28 9.79 5.91
N VAL A 62 -5.31 9.04 6.48
CA VAL A 62 -3.91 9.46 6.69
C VAL A 62 -3.21 9.74 5.34
N ASP A 63 -2.44 10.84 5.41
CA ASP A 63 -1.62 11.37 4.31
C ASP A 63 -0.17 10.85 4.40
N VAL A 64 0.05 9.67 3.79
CA VAL A 64 1.38 9.01 3.78
C VAL A 64 2.12 9.45 2.50
N ARG A 65 2.11 8.64 1.42
CA ARG A 65 2.78 8.92 0.12
C ARG A 65 4.27 9.40 0.18
N GLU A 66 4.44 10.73 0.27
CA GLU A 66 5.70 11.41 0.63
C GLU A 66 5.99 11.25 2.15
N VAL A 67 6.43 10.03 2.47
CA VAL A 67 6.69 9.58 3.84
C VAL A 67 7.73 8.44 3.71
N THR A 68 8.34 8.14 4.85
CA THR A 68 8.96 6.82 5.09
C THR A 68 7.87 5.70 4.97
N HIS A 69 8.20 4.65 4.21
CA HIS A 69 7.37 3.41 4.14
C HIS A 69 6.85 2.80 5.47
N SER A 70 7.65 2.94 6.54
CA SER A 70 7.29 2.55 7.92
C SER A 70 6.03 3.27 8.51
N ALA A 71 5.81 4.57 8.23
CA ALA A 71 4.51 5.24 8.49
C ALA A 71 3.33 4.84 7.55
N ALA A 72 3.61 4.56 6.26
CA ALA A 72 2.64 3.92 5.33
C ALA A 72 2.17 2.53 5.74
N VAL A 73 3.10 1.59 6.00
CA VAL A 73 2.78 0.32 6.67
C VAL A 73 2.08 0.49 8.07
N GLU A 74 2.51 1.42 8.91
CA GLU A 74 1.79 1.76 10.17
C GLU A 74 0.32 2.18 9.95
N ALA A 75 0.04 3.04 8.95
CA ALA A 75 -1.34 3.32 8.46
C ALA A 75 -2.12 2.11 7.83
N LEU A 76 -1.41 1.18 7.15
CA LEU A 76 -1.94 -0.15 6.77
C LEU A 76 -2.38 -1.03 7.96
N LYS A 77 -1.51 -1.19 8.96
CA LYS A 77 -1.82 -1.87 10.24
C LYS A 77 -2.87 -1.15 11.12
N GLU A 78 -2.82 0.20 11.17
CA GLU A 78 -3.85 1.05 11.80
C GLU A 78 -5.25 1.05 11.13
N ALA A 79 -5.32 0.79 9.82
CA ALA A 79 -6.57 0.37 9.18
C ALA A 79 -7.32 -0.85 9.78
N GLY A 80 -6.56 -1.81 10.33
CA GLY A 80 -7.10 -2.87 11.19
C GLY A 80 -7.41 -4.10 10.34
N SER A 81 -8.70 -4.45 10.38
CA SER A 81 -9.27 -5.45 9.44
C SER A 81 -9.78 -4.94 8.08
N ILE A 82 -9.69 -3.63 7.79
CA ILE A 82 -10.32 -3.01 6.62
C ILE A 82 -9.40 -1.82 6.24
N VAL A 83 -8.61 -2.06 5.20
CA VAL A 83 -7.69 -1.06 4.59
C VAL A 83 -8.44 -0.27 3.53
N ARG A 84 -8.53 1.04 3.74
CA ARG A 84 -9.19 1.95 2.77
C ARG A 84 -8.06 2.58 1.93
N LEU A 85 -7.68 1.90 0.86
CA LEU A 85 -6.48 2.24 0.08
C LEU A 85 -6.88 3.21 -1.04
N TYR A 86 -6.05 4.22 -1.22
CA TYR A 86 -6.25 5.26 -2.25
C TYR A 86 -4.97 5.21 -3.08
N VAL A 87 -5.15 4.94 -4.37
CA VAL A 87 -4.05 4.78 -5.33
C VAL A 87 -4.31 5.79 -6.45
N MET A 88 -3.34 6.71 -6.65
CA MET A 88 -3.26 7.48 -7.90
C MET A 88 -2.24 6.83 -8.86
N ARG A 89 -2.78 6.38 -10.00
CA ARG A 89 -1.97 5.85 -11.11
C ARG A 89 -1.53 6.98 -12.07
N ARG A 90 -0.41 6.70 -12.72
CA ARG A 90 0.10 7.47 -13.87
C ARG A 90 0.16 6.55 -15.11
N LYS A 91 0.05 7.18 -16.30
CA LYS A 91 0.23 6.48 -17.58
C LYS A 91 1.48 7.08 -18.28
N PRO A 92 2.69 6.47 -18.17
CA PRO A 92 3.86 6.92 -18.94
C PRO A 92 3.74 6.54 -20.46
N PRO A 93 4.10 7.40 -21.44
CA PRO A 93 4.13 7.03 -22.88
C PRO A 93 5.15 5.90 -23.18
N TYR B 1 17.33 -0.84 -0.52
CA TYR B 1 15.89 -0.78 -0.17
C TYR B 1 15.50 -1.97 0.78
N LYS B 2 14.35 -1.79 1.43
CA LYS B 2 13.68 -2.84 2.21
C LYS B 2 12.18 -2.87 1.83
N LYS B 3 11.69 -4.09 1.61
CA LYS B 3 10.25 -4.36 1.46
C LYS B 3 9.70 -4.82 2.83
N THR B 4 8.65 -4.11 3.30
CA THR B 4 7.84 -4.57 4.45
C THR B 4 6.76 -5.56 3.95
N GLU B 5 6.58 -6.58 4.77
CA GLU B 5 5.66 -7.70 4.53
C GLU B 5 4.40 -7.35 5.35
N VAL B 6 3.35 -6.95 4.63
CA VAL B 6 2.16 -6.30 5.23
C VAL B 6 0.99 -7.27 5.12
N GLU A 1 -6.47 10.44 -12.12
CA GLU A 1 -7.34 9.24 -12.15
C GLU A 1 -6.98 8.34 -10.96
N TYR A 2 -7.92 8.14 -10.03
CA TYR A 2 -7.69 7.35 -8.79
C TYR A 2 -8.77 6.25 -8.63
N GLU A 3 -8.32 5.08 -8.19
CA GLU A 3 -9.19 3.95 -7.82
C GLU A 3 -9.19 3.80 -6.29
N GLU A 4 -10.39 3.66 -5.75
CA GLU A 4 -10.66 3.55 -4.31
C GLU A 4 -11.22 2.14 -4.01
N ILE A 5 -10.51 1.42 -3.15
CA ILE A 5 -10.81 0.00 -2.83
C ILE A 5 -10.72 -0.14 -1.30
N THR A 6 -11.83 -0.52 -0.66
CA THR A 6 -11.83 -0.93 0.76
C THR A 6 -11.58 -2.47 0.80
N LEU A 7 -10.53 -2.83 1.54
CA LEU A 7 -10.00 -4.21 1.58
C LEU A 7 -10.17 -4.76 2.99
N GLU A 8 -10.83 -5.93 3.07
CA GLU A 8 -11.14 -6.54 4.37
C GLU A 8 -9.99 -7.49 4.79
N ARG A 9 -9.44 -7.25 6.01
CA ARG A 9 -8.47 -8.17 6.61
C ARG A 9 -8.19 -7.94 8.12
N GLY A 10 -7.04 -7.33 8.47
CA GLY A 10 -6.61 -7.10 9.86
C GLY A 10 -6.39 -8.39 10.64
N ASN A 11 -6.79 -8.32 11.93
CA ASN A 11 -6.74 -9.48 12.86
C ASN A 11 -5.26 -9.81 13.24
N SER A 12 -4.64 -10.68 12.43
CA SER A 12 -3.21 -11.06 12.52
C SER A 12 -2.28 -10.36 11.47
N GLY A 13 -2.83 -9.74 10.42
CA GLY A 13 -2.08 -9.16 9.31
C GLY A 13 -2.99 -9.04 8.08
N LEU A 14 -2.53 -8.19 7.16
CA LEU A 14 -3.31 -7.86 5.94
C LEU A 14 -2.92 -8.95 4.90
N GLY A 15 -1.98 -8.64 4.02
CA GLY A 15 -1.32 -9.61 3.16
C GLY A 15 -0.98 -9.00 1.80
N PHE A 16 -0.05 -8.04 1.86
CA PHE A 16 0.49 -7.36 0.69
C PHE A 16 1.80 -6.64 1.09
N SER A 17 2.72 -6.72 0.14
CA SER A 17 4.07 -6.17 0.25
C SER A 17 4.13 -4.75 -0.32
N ILE A 18 4.66 -3.83 0.47
CA ILE A 18 4.80 -2.43 0.03
C ILE A 18 6.26 -2.13 -0.35
N ALA A 19 6.47 -1.62 -1.57
CA ALA A 19 7.75 -0.97 -1.93
C ALA A 19 7.88 0.44 -1.28
N GLY A 20 8.96 1.10 -1.65
CA GLY A 20 9.69 1.92 -0.69
C GLY A 20 9.40 3.42 -0.73
N GLY A 21 9.66 4.00 0.43
CA GLY A 21 9.53 5.43 0.66
C GLY A 21 10.87 6.17 0.78
N THR A 22 10.80 7.35 1.40
CA THR A 22 11.95 8.30 1.52
C THR A 22 13.21 7.72 2.25
N ASP A 23 12.99 6.92 3.32
CA ASP A 23 14.07 6.23 4.06
C ASP A 23 14.33 4.73 3.65
N ASN A 24 13.77 4.27 2.52
CA ASN A 24 13.91 2.89 1.99
C ASN A 24 13.44 3.09 0.53
N PRO A 25 14.19 3.66 -0.47
CA PRO A 25 13.60 4.10 -1.75
C PRO A 25 13.84 3.05 -2.86
N HIS A 26 12.75 2.65 -3.53
CA HIS A 26 12.87 1.95 -4.85
C HIS A 26 13.09 2.91 -6.07
N ILE A 27 12.63 4.17 -5.96
CA ILE A 27 12.59 5.17 -7.04
C ILE A 27 13.72 6.17 -6.72
N GLY A 28 14.45 6.57 -7.77
CA GLY A 28 15.53 7.57 -7.69
C GLY A 28 15.29 8.83 -6.81
N ASP A 29 14.57 9.80 -7.37
CA ASP A 29 14.25 11.08 -6.68
C ASP A 29 12.74 11.29 -6.35
N ASP A 30 11.88 10.26 -6.50
CA ASP A 30 10.44 10.36 -6.20
C ASP A 30 10.09 9.21 -5.22
N PRO A 31 10.43 9.30 -3.90
CA PRO A 31 9.82 8.44 -2.86
C PRO A 31 8.29 8.37 -2.93
N SER A 32 7.77 7.17 -3.10
CA SER A 32 6.33 6.95 -3.34
C SER A 32 6.06 5.50 -2.95
N ILE A 33 5.13 5.33 -2.01
CA ILE A 33 4.81 4.02 -1.39
C ILE A 33 3.93 3.26 -2.37
N PHE A 34 4.39 2.07 -2.68
CA PHE A 34 3.73 1.21 -3.68
C PHE A 34 3.28 -0.06 -2.96
N ILE A 35 2.34 -0.81 -3.54
CA ILE A 35 2.31 -2.27 -3.33
C ILE A 35 2.84 -2.84 -4.66
N THR A 36 4.02 -3.47 -4.61
CA THR A 36 4.57 -4.27 -5.73
C THR A 36 4.29 -5.80 -5.61
N LYS A 37 3.94 -6.34 -4.42
CA LYS A 37 3.64 -7.77 -4.25
C LYS A 37 2.38 -7.94 -3.33
N ILE A 38 1.72 -9.07 -3.56
CA ILE A 38 0.55 -9.55 -2.80
C ILE A 38 1.01 -10.81 -2.07
N ILE A 39 0.81 -10.82 -0.74
CA ILE A 39 1.03 -12.04 0.08
C ILE A 39 -0.12 -13.05 -0.23
N PRO A 40 0.18 -14.33 -0.60
CA PRO A 40 -0.85 -15.37 -0.84
C PRO A 40 -1.82 -15.62 0.35
N GLY A 41 -3.13 -15.63 0.06
CA GLY A 41 -4.17 -15.63 1.11
C GLY A 41 -4.41 -14.32 1.91
N GLY A 42 -3.81 -13.22 1.45
CA GLY A 42 -3.85 -11.92 2.12
C GLY A 42 -5.07 -11.06 1.79
N ALA A 43 -5.00 -9.80 2.21
CA ALA A 43 -6.10 -8.83 2.03
C ALA A 43 -6.45 -8.48 0.57
N ALA A 44 -5.44 -8.06 -0.21
CA ALA A 44 -5.60 -7.85 -1.66
C ALA A 44 -5.86 -9.11 -2.48
N ALA A 45 -5.24 -10.26 -2.18
CA ALA A 45 -5.59 -11.54 -2.85
C ALA A 45 -7.05 -12.05 -2.62
N GLN A 46 -7.47 -12.12 -1.34
CA GLN A 46 -8.84 -12.51 -0.90
C GLN A 46 -9.95 -11.58 -1.47
N ASP A 47 -9.89 -10.28 -1.15
CA ASP A 47 -10.94 -9.29 -1.50
C ASP A 47 -11.02 -8.98 -3.02
N GLY A 48 -9.86 -8.69 -3.66
CA GLY A 48 -9.81 -8.26 -5.06
C GLY A 48 -9.06 -9.26 -5.96
N ARG A 49 -7.74 -9.32 -5.79
CA ARG A 49 -6.76 -9.86 -6.78
C ARG A 49 -6.81 -9.12 -8.15
N LEU A 50 -6.83 -7.79 -8.03
CA LEU A 50 -6.92 -6.83 -9.15
C LEU A 50 -5.52 -6.38 -9.67
N ARG A 51 -4.64 -6.17 -8.69
CA ARG A 51 -3.23 -5.83 -8.78
C ARG A 51 -2.81 -5.86 -7.29
N VAL A 52 -1.50 -5.87 -7.18
CA VAL A 52 -0.76 -5.52 -5.96
C VAL A 52 -1.31 -4.28 -5.20
N ASN A 53 -1.13 -3.16 -5.86
CA ASN A 53 -1.77 -1.83 -5.64
C ASN A 53 -1.08 -0.83 -6.63
N ASP A 54 0.18 -1.10 -7.09
CA ASP A 54 0.94 -0.30 -8.05
C ASP A 54 1.55 0.90 -7.32
N SER A 55 0.72 1.92 -7.06
CA SER A 55 1.16 3.14 -6.43
C SER A 55 0.07 3.56 -5.42
N ILE A 56 0.19 3.13 -4.15
CA ILE A 56 -0.67 3.63 -3.05
C ILE A 56 -0.17 5.03 -2.59
N LEU A 57 -1.06 6.01 -2.68
CA LEU A 57 -0.81 7.42 -2.28
C LEU A 57 -1.49 7.81 -0.96
N PHE A 58 -2.77 7.46 -0.84
CA PHE A 58 -3.56 7.67 0.38
C PHE A 58 -4.02 6.27 0.81
N VAL A 59 -4.01 6.07 2.12
CA VAL A 59 -4.60 4.89 2.78
C VAL A 59 -5.52 5.46 3.89
N ASN A 60 -6.83 5.13 3.85
CA ASN A 60 -7.86 5.64 4.82
C ASN A 60 -8.31 7.07 4.43
N GLU A 61 -7.40 7.97 4.76
CA GLU A 61 -7.48 9.42 4.66
C GLU A 61 -6.05 10.05 4.76
N VAL A 62 -5.05 9.34 5.34
CA VAL A 62 -3.67 9.82 5.54
C VAL A 62 -2.97 10.06 4.17
N ASP A 63 -2.29 11.20 4.16
CA ASP A 63 -1.44 11.66 3.03
C ASP A 63 0.00 11.12 3.18
N VAL A 64 0.17 9.86 2.77
CA VAL A 64 1.48 9.16 2.82
C VAL A 64 2.24 9.49 1.53
N ARG A 65 2.07 8.68 0.45
CA ARG A 65 2.77 8.84 -0.85
C ARG A 65 4.30 9.09 -0.72
N GLU A 66 4.68 10.37 -0.71
CA GLU A 66 6.06 10.85 -0.50
C GLU A 66 6.44 10.94 0.99
N VAL A 67 6.49 9.75 1.58
CA VAL A 67 6.77 9.54 3.00
C VAL A 67 7.82 8.40 3.05
N THR A 68 8.38 8.24 4.24
CA THR A 68 9.00 6.97 4.67
C THR A 68 7.97 5.81 4.64
N HIS A 69 8.41 4.66 4.14
CA HIS A 69 7.61 3.40 4.19
C HIS A 69 6.99 3.05 5.57
N SER A 70 7.71 3.33 6.66
CA SER A 70 7.26 3.13 8.05
C SER A 70 5.94 3.85 8.42
N ALA A 71 5.76 5.14 8.05
CA ALA A 71 4.45 5.84 8.21
C ALA A 71 3.28 5.31 7.32
N ALA A 72 3.57 4.93 6.06
CA ALA A 72 2.61 4.24 5.18
C ALA A 72 2.23 2.83 5.57
N VAL A 73 3.22 1.98 5.81
CA VAL A 73 3.02 0.63 6.35
C VAL A 73 2.33 0.54 7.73
N GLU A 74 2.69 1.47 8.64
CA GLU A 74 1.96 1.72 9.89
C GLU A 74 0.51 2.22 9.65
N ALA A 75 0.27 3.16 8.71
CA ALA A 75 -1.10 3.53 8.27
C ALA A 75 -1.93 2.42 7.53
N LEU A 76 -1.26 1.51 6.80
CA LEU A 76 -1.83 0.24 6.28
C LEU A 76 -2.32 -0.70 7.41
N LYS A 77 -1.45 -1.07 8.38
CA LYS A 77 -1.90 -1.79 9.60
C LYS A 77 -2.88 -1.03 10.56
N GLU A 78 -2.75 0.31 10.63
CA GLU A 78 -3.72 1.21 11.30
C GLU A 78 -5.12 1.30 10.64
N ALA A 79 -5.20 1.08 9.33
CA ALA A 79 -6.46 0.69 8.67
C ALA A 79 -7.21 -0.51 9.30
N GLY A 80 -6.45 -1.57 9.66
CA GLY A 80 -6.96 -2.64 10.52
C GLY A 80 -7.59 -3.74 9.68
N SER A 81 -8.83 -4.10 10.08
CA SER A 81 -9.71 -4.97 9.25
C SER A 81 -10.32 -4.34 7.97
N ILE A 82 -10.08 -3.06 7.67
CA ILE A 82 -10.73 -2.33 6.57
C ILE A 82 -9.69 -1.28 6.08
N VAL A 83 -9.15 -1.57 4.89
CA VAL A 83 -7.98 -0.85 4.34
C VAL A 83 -8.47 -0.12 3.09
N ARG A 84 -8.62 1.20 3.22
CA ARG A 84 -9.11 2.04 2.11
C ARG A 84 -7.89 2.49 1.29
N LEU A 85 -7.57 1.71 0.26
CA LEU A 85 -6.37 1.95 -0.56
C LEU A 85 -6.80 2.79 -1.76
N TYR A 86 -6.02 3.84 -1.97
CA TYR A 86 -6.26 4.81 -3.05
C TYR A 86 -4.98 4.76 -3.91
N VAL A 87 -5.18 4.58 -5.23
CA VAL A 87 -4.08 4.53 -6.22
C VAL A 87 -4.50 5.36 -7.45
N MET A 88 -3.58 6.25 -7.80
CA MET A 88 -3.58 7.10 -8.99
C MET A 88 -2.59 6.54 -10.02
N ARG A 89 -2.99 6.64 -11.29
CA ARG A 89 -2.22 6.08 -12.41
C ARG A 89 -1.60 7.25 -13.18
N ARG A 90 -0.28 7.28 -13.12
CA ARG A 90 0.53 8.24 -13.88
C ARG A 90 1.56 7.41 -14.67
N LYS A 91 1.59 7.67 -15.98
CA LYS A 91 2.51 7.00 -16.93
C LYS A 91 2.21 5.46 -16.97
N PRO A 92 1.19 4.95 -17.72
CA PRO A 92 0.98 3.50 -17.93
C PRO A 92 2.24 2.66 -18.35
N PRO A 93 3.12 3.05 -19.34
CA PRO A 93 4.33 2.29 -19.69
C PRO A 93 5.40 2.33 -18.57
N TYR B 1 16.32 -0.47 -0.86
CA TYR B 1 14.93 -0.63 -0.39
C TYR B 1 14.73 -2.03 0.26
N LYS B 2 13.59 -2.14 0.94
CA LYS B 2 13.07 -3.42 1.45
C LYS B 2 11.53 -3.34 1.50
N LYS B 3 10.92 -4.26 0.79
CA LYS B 3 9.46 -4.38 0.70
C LYS B 3 8.87 -5.01 1.99
N THR B 4 8.16 -4.17 2.77
CA THR B 4 7.57 -4.60 4.05
C THR B 4 6.23 -5.32 3.77
N GLU B 5 6.15 -6.51 4.33
CA GLU B 5 5.05 -7.47 4.12
C GLU B 5 4.01 -7.19 5.22
N VAL B 6 2.89 -6.57 4.83
CA VAL B 6 1.81 -6.21 5.78
C VAL B 6 0.56 -6.80 5.18
N GLU A 1 -6.50 11.96 -10.82
CA GLU A 1 -7.52 10.90 -10.70
C GLU A 1 -7.01 9.85 -9.71
N TYR A 2 -7.85 9.59 -8.70
CA TYR A 2 -7.54 8.63 -7.61
C TYR A 2 -8.68 7.57 -7.53
N GLU A 3 -8.26 6.31 -7.37
CA GLU A 3 -9.18 5.17 -7.21
C GLU A 3 -9.28 4.87 -5.71
N GLU A 4 -10.53 4.84 -5.26
CA GLU A 4 -10.92 4.43 -3.90
C GLU A 4 -11.15 2.89 -3.90
N ILE A 5 -10.46 2.23 -2.99
CA ILE A 5 -10.47 0.75 -2.88
C ILE A 5 -10.82 0.50 -1.39
N THR A 6 -11.78 -0.39 -1.19
CA THR A 6 -12.13 -0.89 0.16
C THR A 6 -11.58 -2.34 0.23
N LEU A 7 -10.69 -2.52 1.19
CA LEU A 7 -10.09 -3.82 1.50
C LEU A 7 -10.34 -4.11 2.98
N GLU A 8 -10.54 -5.37 3.34
CA GLU A 8 -10.65 -5.78 4.77
C GLU A 8 -9.24 -5.79 5.45
N ARG A 9 -9.23 -5.40 6.73
CA ARG A 9 -8.01 -5.50 7.56
C ARG A 9 -7.99 -6.93 8.17
N GLY A 10 -7.18 -7.80 7.54
CA GLY A 10 -6.99 -9.18 8.01
C GLY A 10 -6.24 -9.27 9.36
N ASN A 11 -6.32 -10.43 9.99
CA ASN A 11 -5.82 -10.64 11.39
C ASN A 11 -4.28 -10.49 11.57
N SER A 12 -3.51 -11.16 10.69
CA SER A 12 -2.06 -10.91 10.53
C SER A 12 -1.63 -9.62 9.74
N GLY A 13 -2.57 -9.02 9.01
CA GLY A 13 -2.32 -7.92 8.09
C GLY A 13 -3.35 -7.99 6.95
N LEU A 14 -3.18 -7.00 6.10
CA LEU A 14 -3.94 -6.84 4.83
C LEU A 14 -3.51 -7.80 3.69
N GLY A 15 -2.37 -8.48 3.80
CA GLY A 15 -1.93 -9.46 2.81
C GLY A 15 -1.38 -8.91 1.51
N PHE A 16 -0.44 -7.98 1.63
CA PHE A 16 0.31 -7.43 0.48
C PHE A 16 1.66 -6.91 0.99
N SER A 17 2.64 -6.98 0.13
CA SER A 17 4.00 -6.48 0.40
C SER A 17 4.20 -5.09 -0.17
N ILE A 18 4.82 -4.21 0.61
CA ILE A 18 5.08 -2.82 0.19
C ILE A 18 6.59 -2.63 -0.04
N ALA A 19 6.93 -2.18 -1.26
CA ALA A 19 8.20 -1.48 -1.52
C ALA A 19 8.10 -0.01 -1.03
N GLY A 20 9.23 0.67 -1.19
CA GLY A 20 9.68 1.60 -0.18
C GLY A 20 9.33 3.06 -0.44
N GLY A 21 9.49 3.78 0.66
CA GLY A 21 9.14 5.19 0.77
C GLY A 21 10.36 6.10 0.70
N THR A 22 10.13 7.36 1.06
CA THR A 22 11.16 8.44 1.03
C THR A 22 12.58 8.12 1.59
N ASP A 23 12.64 7.41 2.73
CA ASP A 23 13.91 6.99 3.38
C ASP A 23 14.49 5.62 2.90
N ASN A 24 13.75 4.85 2.08
CA ASN A 24 14.18 3.52 1.59
C ASN A 24 13.48 3.29 0.20
N PRO A 25 13.60 4.08 -0.92
CA PRO A 25 12.76 3.93 -2.12
C PRO A 25 13.47 3.09 -3.22
N HIS A 26 12.74 2.15 -3.81
CA HIS A 26 13.15 1.50 -5.10
C HIS A 26 12.43 2.00 -6.39
N ILE A 27 11.26 2.59 -6.19
CA ILE A 27 10.22 2.86 -7.18
C ILE A 27 9.69 4.29 -6.84
N GLY A 28 8.97 4.81 -7.82
CA GLY A 28 8.56 6.22 -7.81
C GLY A 28 9.52 7.06 -8.65
N ASP A 29 9.06 8.29 -8.84
CA ASP A 29 9.92 9.39 -9.34
C ASP A 29 10.89 10.03 -8.30
N ASP A 30 10.73 9.72 -7.00
CA ASP A 30 11.66 10.04 -5.90
C ASP A 30 11.11 9.22 -4.67
N PRO A 31 9.85 9.37 -4.14
CA PRO A 31 9.38 8.67 -2.93
C PRO A 31 8.25 7.67 -3.28
N SER A 32 7.09 7.80 -2.59
CA SER A 32 5.81 7.17 -2.97
C SER A 32 5.84 5.66 -2.62
N ILE A 33 4.75 5.20 -2.01
CA ILE A 33 4.66 3.83 -1.45
C ILE A 33 3.97 2.98 -2.54
N PHE A 34 4.66 1.90 -2.93
CA PHE A 34 4.19 1.04 -4.03
C PHE A 34 4.22 -0.40 -3.53
N ILE A 35 3.08 -1.09 -3.65
CA ILE A 35 2.99 -2.53 -3.33
C ILE A 35 3.87 -3.34 -4.38
N THR A 36 4.73 -4.21 -3.84
CA THR A 36 5.53 -5.21 -4.63
C THR A 36 4.78 -6.54 -4.85
N LYS A 37 4.09 -7.07 -3.83
CA LYS A 37 3.43 -8.39 -3.89
C LYS A 37 2.05 -8.34 -3.18
N ILE A 38 1.25 -9.34 -3.54
CA ILE A 38 -0.08 -9.62 -2.94
C ILE A 38 0.15 -10.98 -2.26
N ILE A 39 0.16 -10.97 -0.91
CA ILE A 39 0.42 -12.18 -0.10
C ILE A 39 -0.77 -13.19 -0.30
N PRO A 40 -0.54 -14.44 -0.77
CA PRO A 40 -1.58 -15.50 -0.81
C PRO A 40 -2.09 -15.92 0.59
N GLY A 41 -3.41 -16.10 0.70
CA GLY A 41 -4.05 -16.24 2.05
C GLY A 41 -4.33 -14.95 2.86
N GLY A 42 -3.84 -13.79 2.38
CA GLY A 42 -4.13 -12.50 2.99
C GLY A 42 -5.39 -11.83 2.42
N ALA A 43 -5.72 -10.68 3.01
CA ALA A 43 -6.95 -9.92 2.67
C ALA A 43 -7.02 -9.29 1.25
N ALA A 44 -5.91 -8.78 0.71
CA ALA A 44 -5.80 -8.39 -0.72
C ALA A 44 -5.84 -9.52 -1.74
N ALA A 45 -5.28 -10.69 -1.45
CA ALA A 45 -5.54 -11.90 -2.27
C ALA A 45 -6.98 -12.49 -2.16
N GLN A 46 -7.63 -12.37 -1.00
CA GLN A 46 -9.06 -12.70 -0.80
C GLN A 46 -10.00 -11.70 -1.56
N ASP A 47 -9.93 -10.41 -1.20
CA ASP A 47 -10.82 -9.35 -1.71
C ASP A 47 -10.39 -8.81 -3.10
N GLY A 48 -9.13 -8.33 -3.22
CA GLY A 48 -8.66 -7.61 -4.41
C GLY A 48 -8.23 -8.52 -5.57
N ARG A 49 -7.10 -9.23 -5.40
CA ARG A 49 -6.32 -9.88 -6.50
C ARG A 49 -5.88 -8.90 -7.60
N LEU A 50 -5.27 -7.80 -7.15
CA LEU A 50 -5.16 -6.58 -7.93
C LEU A 50 -3.73 -6.52 -8.53
N ARG A 51 -3.37 -5.31 -8.95
CA ARG A 51 -1.97 -4.97 -9.18
C ARG A 51 -1.37 -4.54 -7.82
N VAL A 52 -0.20 -5.09 -7.63
CA VAL A 52 0.72 -4.72 -6.54
C VAL A 52 1.22 -3.28 -6.76
N ASN A 53 1.75 -2.91 -7.93
CA ASN A 53 2.09 -1.51 -8.31
C ASN A 53 0.88 -0.50 -8.36
N ASP A 54 0.27 -0.35 -7.19
CA ASP A 54 -0.89 0.48 -6.89
C ASP A 54 -0.27 1.52 -5.97
N SER A 55 -0.23 2.74 -6.51
CA SER A 55 0.46 3.89 -5.89
C SER A 55 -0.33 4.37 -4.65
N ILE A 56 -0.18 3.65 -3.52
CA ILE A 56 -0.95 3.89 -2.28
C ILE A 56 -0.38 5.18 -1.63
N LEU A 57 -1.23 6.21 -1.70
CA LEU A 57 -0.89 7.57 -1.25
C LEU A 57 -1.63 8.01 0.03
N PHE A 58 -2.94 7.79 0.06
CA PHE A 58 -3.75 8.01 1.27
C PHE A 58 -4.31 6.63 1.65
N VAL A 59 -4.25 6.35 2.94
CA VAL A 59 -4.91 5.18 3.53
C VAL A 59 -5.83 5.70 4.65
N ASN A 60 -7.15 5.39 4.59
CA ASN A 60 -8.15 5.82 5.61
C ASN A 60 -8.51 7.31 5.34
N GLU A 61 -7.64 8.12 5.93
CA GLU A 61 -7.66 9.59 5.99
C GLU A 61 -6.17 10.11 6.09
N VAL A 62 -5.20 9.27 6.56
CA VAL A 62 -3.78 9.61 6.74
C VAL A 62 -3.11 9.84 5.37
N ASP A 63 -2.31 10.92 5.36
CA ASP A 63 -1.40 11.26 4.27
C ASP A 63 -0.03 10.58 4.53
N VAL A 64 0.15 9.45 3.85
CA VAL A 64 1.43 8.69 3.83
C VAL A 64 2.20 9.15 2.57
N ARG A 65 2.15 8.40 1.45
CA ARG A 65 2.79 8.74 0.15
C ARG A 65 4.30 9.13 0.19
N GLU A 66 4.54 10.44 0.32
CA GLU A 66 5.84 11.04 0.64
C GLU A 66 6.16 10.90 2.17
N VAL A 67 6.31 9.64 2.55
CA VAL A 67 6.62 9.21 3.91
C VAL A 67 7.65 8.06 3.76
N THR A 68 8.22 7.74 4.91
CA THR A 68 8.85 6.42 5.16
C THR A 68 7.80 5.28 4.98
N HIS A 69 8.20 4.21 4.28
CA HIS A 69 7.42 2.93 4.24
C HIS A 69 6.89 2.38 5.60
N SER A 70 7.66 2.61 6.67
CA SER A 70 7.28 2.26 8.07
C SER A 70 5.99 2.94 8.60
N ALA A 71 5.77 4.24 8.35
CA ALA A 71 4.45 4.90 8.58
C ALA A 71 3.30 4.47 7.62
N ALA A 72 3.62 4.24 6.32
CA ALA A 72 2.67 3.64 5.35
C ALA A 72 2.20 2.23 5.73
N VAL A 73 3.13 1.29 5.88
CA VAL A 73 2.82 -0.05 6.41
C VAL A 73 2.05 -0.10 7.75
N GLU A 74 2.44 0.78 8.70
CA GLU A 74 1.75 0.96 9.97
C GLU A 74 0.31 1.50 9.80
N ALA A 75 0.07 2.56 9.01
CA ALA A 75 -1.30 3.05 8.70
C ALA A 75 -2.20 2.16 7.80
N LEU A 76 -1.59 1.36 6.90
CA LEU A 76 -2.22 0.21 6.22
C LEU A 76 -2.84 -0.82 7.18
N LYS A 77 -2.07 -1.33 8.16
CA LYS A 77 -2.59 -2.21 9.24
C LYS A 77 -3.43 -1.45 10.32
N GLU A 78 -3.04 -0.22 10.71
CA GLU A 78 -3.87 0.68 11.55
C GLU A 78 -5.19 1.21 10.92
N ALA A 79 -5.49 0.82 9.67
CA ALA A 79 -6.82 0.92 9.11
C ALA A 79 -8.02 0.24 9.81
N GLY A 80 -7.77 -0.61 10.82
CA GLY A 80 -8.79 -1.00 11.81
C GLY A 80 -9.32 -2.39 11.50
N SER A 81 -10.53 -2.42 10.96
CA SER A 81 -11.11 -3.60 10.27
C SER A 81 -11.34 -3.38 8.72
N ILE A 82 -11.16 -2.13 8.21
CA ILE A 82 -11.64 -1.68 6.88
C ILE A 82 -10.59 -0.63 6.41
N VAL A 83 -9.87 -1.05 5.38
CA VAL A 83 -8.74 -0.33 4.78
C VAL A 83 -9.27 0.44 3.56
N ARG A 84 -9.17 1.77 3.66
CA ARG A 84 -9.57 2.65 2.56
C ARG A 84 -8.30 3.06 1.81
N LEU A 85 -7.95 2.27 0.80
CA LEU A 85 -6.77 2.54 -0.04
C LEU A 85 -7.16 3.57 -1.12
N TYR A 86 -6.29 4.54 -1.29
CA TYR A 86 -6.47 5.62 -2.28
C TYR A 86 -5.17 5.64 -3.10
N VAL A 87 -5.35 5.56 -4.40
CA VAL A 87 -4.24 5.44 -5.37
C VAL A 87 -4.51 6.45 -6.48
N MET A 88 -3.62 7.43 -6.64
CA MET A 88 -3.61 8.32 -7.81
C MET A 88 -2.64 7.74 -8.86
N ARG A 89 -3.15 7.76 -10.09
CA ARG A 89 -2.39 7.39 -11.28
C ARG A 89 -1.53 8.58 -11.78
N ARG A 90 -0.49 8.18 -12.49
CA ARG A 90 0.47 9.10 -13.13
C ARG A 90 -0.18 9.77 -14.35
N LYS A 91 0.29 11.00 -14.65
CA LYS A 91 -0.29 11.84 -15.73
C LYS A 91 -1.72 12.30 -15.30
N PRO A 92 -1.90 13.28 -14.36
CA PRO A 92 -3.23 13.83 -14.00
C PRO A 92 -4.10 14.31 -15.22
N PRO A 93 -3.63 15.11 -16.23
CA PRO A 93 -4.42 15.47 -17.43
C PRO A 93 -4.47 14.29 -18.43
N TYR B 1 17.00 -0.45 -0.92
CA TYR B 1 15.69 -0.57 -0.27
C TYR B 1 15.50 -1.96 0.39
N LYS B 2 14.52 -2.02 1.30
CA LYS B 2 13.95 -3.27 1.84
C LYS B 2 12.42 -3.20 1.67
N LYS B 3 11.83 -4.36 1.39
CA LYS B 3 10.37 -4.51 1.28
C LYS B 3 9.84 -5.12 2.59
N THR B 4 8.85 -4.43 3.18
CA THR B 4 8.10 -4.94 4.34
C THR B 4 6.79 -5.58 3.85
N GLU B 5 6.56 -6.80 4.35
CA GLU B 5 5.28 -7.53 4.19
C GLU B 5 4.23 -6.93 5.15
N VAL B 6 3.01 -6.79 4.63
CA VAL B 6 1.84 -6.39 5.44
C VAL B 6 0.61 -7.24 5.05
N GLU A 1 -5.12 9.17 -12.81
CA GLU A 1 -6.35 9.07 -11.98
C GLU A 1 -6.17 8.07 -10.83
N TYR A 2 -6.99 8.26 -9.78
CA TYR A 2 -6.97 7.40 -8.58
C TYR A 2 -8.35 6.73 -8.35
N GLU A 3 -8.27 5.45 -7.97
CA GLU A 3 -9.44 4.63 -7.62
C GLU A 3 -9.44 4.38 -6.11
N GLU A 4 -10.66 4.33 -5.60
CA GLU A 4 -10.94 4.19 -4.15
C GLU A 4 -11.45 2.75 -3.95
N ILE A 5 -10.75 2.01 -3.11
CA ILE A 5 -11.06 0.57 -2.85
C ILE A 5 -11.09 0.43 -1.32
N THR A 6 -12.17 -0.14 -0.79
CA THR A 6 -12.20 -0.65 0.59
C THR A 6 -12.00 -2.19 0.53
N LEU A 7 -11.10 -2.63 1.38
CA LEU A 7 -10.55 -4.00 1.37
C LEU A 7 -10.66 -4.56 2.79
N GLU A 8 -11.20 -5.76 2.93
CA GLU A 8 -11.33 -6.44 4.23
C GLU A 8 -10.01 -7.17 4.55
N ARG A 9 -9.43 -6.85 5.70
CA ARG A 9 -8.16 -7.46 6.17
C ARG A 9 -8.33 -8.94 6.67
N GLY A 10 -7.31 -9.44 7.36
CA GLY A 10 -7.35 -10.70 8.11
C GLY A 10 -7.38 -10.41 9.62
N ASN A 11 -6.26 -10.68 10.31
CA ASN A 11 -6.15 -10.56 11.79
C ASN A 11 -5.01 -9.55 12.14
N SER A 12 -3.77 -10.05 12.12
CA SER A 12 -2.51 -9.25 12.29
C SER A 12 -1.78 -8.92 10.95
N GLY A 13 -2.07 -9.65 9.87
CA GLY A 13 -1.66 -9.30 8.51
C GLY A 13 -2.87 -8.96 7.62
N LEU A 14 -2.46 -8.29 6.56
CA LEU A 14 -3.27 -7.91 5.38
C LEU A 14 -2.72 -8.57 4.08
N GLY A 15 -1.56 -9.25 4.10
CA GLY A 15 -1.09 -10.13 3.03
C GLY A 15 -0.76 -9.48 1.68
N PHE A 16 0.07 -8.45 1.80
CA PHE A 16 0.65 -7.73 0.67
C PHE A 16 1.96 -7.07 1.17
N SER A 17 2.84 -6.77 0.22
CA SER A 17 4.19 -6.29 0.49
C SER A 17 4.39 -4.94 -0.19
N ILE A 18 4.82 -3.99 0.64
CA ILE A 18 5.09 -2.61 0.20
C ILE A 18 6.57 -2.50 -0.23
N ALA A 19 6.79 -1.98 -1.44
CA ALA A 19 8.06 -1.34 -1.82
C ALA A 19 8.08 0.15 -1.35
N GLY A 20 9.16 0.83 -1.73
CA GLY A 20 9.80 1.77 -0.83
C GLY A 20 9.34 3.23 -0.94
N GLY A 21 9.59 3.90 0.19
CA GLY A 21 9.28 5.33 0.36
C GLY A 21 10.50 6.22 0.39
N THR A 22 10.25 7.48 0.77
CA THR A 22 11.28 8.56 0.88
C THR A 22 12.65 8.20 1.54
N ASP A 23 12.57 7.48 2.68
CA ASP A 23 13.73 6.99 3.45
C ASP A 23 14.35 5.63 2.98
N ASN A 24 13.63 4.86 2.15
CA ASN A 24 14.04 3.51 1.70
C ASN A 24 13.37 3.37 0.29
N PRO A 25 13.78 4.03 -0.85
CA PRO A 25 12.99 4.06 -2.10
C PRO A 25 13.62 3.17 -3.21
N HIS A 26 12.78 2.52 -4.03
CA HIS A 26 13.26 2.00 -5.35
C HIS A 26 13.69 3.11 -6.37
N ILE A 27 13.13 4.31 -6.24
CA ILE A 27 13.19 5.41 -7.22
C ILE A 27 13.29 6.70 -6.37
N GLY A 28 14.39 7.44 -6.61
CA GLY A 28 14.46 8.87 -6.19
C GLY A 28 13.77 9.93 -7.11
N ASP A 29 13.11 9.49 -8.19
CA ASP A 29 12.32 10.36 -9.10
C ASP A 29 10.85 10.60 -8.69
N ASP A 30 10.32 9.82 -7.73
CA ASP A 30 8.99 10.04 -7.17
C ASP A 30 9.00 9.30 -5.81
N PRO A 31 9.25 9.97 -4.64
CA PRO A 31 8.97 9.38 -3.32
C PRO A 31 7.46 9.07 -3.12
N SER A 32 7.11 7.79 -3.26
CA SER A 32 5.72 7.33 -3.12
C SER A 32 5.81 5.89 -2.63
N ILE A 33 4.92 5.54 -1.70
CA ILE A 33 4.79 4.16 -1.19
C ILE A 33 3.99 3.39 -2.23
N PHE A 34 4.56 2.23 -2.60
CA PHE A 34 3.95 1.41 -3.64
C PHE A 34 3.95 -0.06 -3.23
N ILE A 35 2.76 -0.68 -3.18
CA ILE A 35 2.63 -2.14 -3.03
C ILE A 35 3.00 -2.76 -4.40
N THR A 36 4.15 -3.42 -4.42
CA THR A 36 4.58 -4.21 -5.60
C THR A 36 4.22 -5.72 -5.51
N LYS A 37 3.84 -6.25 -4.33
CA LYS A 37 3.59 -7.69 -4.15
C LYS A 37 2.35 -7.91 -3.24
N ILE A 38 1.70 -9.04 -3.54
CA ILE A 38 0.55 -9.60 -2.81
C ILE A 38 1.06 -10.94 -2.27
N ILE A 39 0.95 -11.13 -0.95
CA ILE A 39 1.24 -12.43 -0.31
C ILE A 39 0.06 -13.42 -0.61
N PRO A 40 0.34 -14.70 -1.02
CA PRO A 40 -0.70 -15.74 -1.16
C PRO A 40 -1.40 -16.11 0.18
N GLY A 41 -2.74 -16.17 0.14
CA GLY A 41 -3.57 -16.17 1.38
C GLY A 41 -3.76 -14.82 2.09
N GLY A 42 -3.41 -13.71 1.43
CA GLY A 42 -3.59 -12.37 1.95
C GLY A 42 -4.97 -11.79 1.69
N ALA A 43 -5.17 -10.65 2.36
CA ALA A 43 -6.41 -9.88 2.24
C ALA A 43 -6.70 -9.28 0.84
N ALA A 44 -5.72 -8.68 0.13
CA ALA A 44 -5.93 -8.22 -1.27
C ALA A 44 -6.14 -9.28 -2.35
N ALA A 45 -5.52 -10.45 -2.22
CA ALA A 45 -5.88 -11.64 -3.02
C ALA A 45 -7.31 -12.20 -2.76
N GLN A 46 -7.75 -12.22 -1.48
CA GLN A 46 -9.12 -12.60 -1.05
C GLN A 46 -10.20 -11.58 -1.51
N ASP A 47 -10.10 -10.31 -1.08
CA ASP A 47 -11.14 -9.27 -1.31
C ASP A 47 -11.45 -9.02 -2.82
N GLY A 48 -10.40 -8.90 -3.64
CA GLY A 48 -10.56 -8.96 -5.08
C GLY A 48 -9.20 -8.95 -5.77
N ARG A 49 -9.19 -8.13 -6.83
CA ARG A 49 -8.03 -7.98 -7.73
C ARG A 49 -8.04 -6.50 -8.15
N LEU A 50 -7.59 -5.66 -7.21
CA LEU A 50 -7.21 -4.26 -7.50
C LEU A 50 -5.71 -4.05 -7.87
N ARG A 51 -4.95 -5.17 -8.02
CA ARG A 51 -3.48 -5.21 -7.93
C ARG A 51 -3.02 -5.45 -6.48
N VAL A 52 -1.72 -5.74 -6.42
CA VAL A 52 -0.81 -5.37 -5.32
C VAL A 52 -1.29 -4.15 -4.46
N ASN A 53 -1.27 -3.01 -5.14
CA ASN A 53 -1.85 -1.71 -4.78
C ASN A 53 -1.10 -0.64 -5.61
N ASP A 54 0.19 -0.84 -6.01
CA ASP A 54 1.08 0.17 -6.60
C ASP A 54 1.01 1.46 -5.77
N SER A 55 0.71 2.60 -6.39
CA SER A 55 0.82 3.94 -5.77
C SER A 55 -0.28 4.21 -4.72
N ILE A 56 -0.13 3.59 -3.53
CA ILE A 56 -0.95 3.85 -2.34
C ILE A 56 -0.59 5.27 -1.86
N LEU A 57 -1.52 6.17 -2.16
CA LEU A 57 -1.43 7.58 -1.76
C LEU A 57 -2.09 7.86 -0.41
N PHE A 58 -3.35 7.49 -0.30
CA PHE A 58 -4.16 7.71 0.89
C PHE A 58 -4.55 6.30 1.37
N VAL A 59 -4.49 6.13 2.68
CA VAL A 59 -5.02 4.94 3.37
C VAL A 59 -5.95 5.49 4.48
N ASN A 60 -7.27 5.21 4.37
CA ASN A 60 -8.32 5.70 5.31
C ASN A 60 -8.69 7.16 4.97
N GLU A 61 -7.83 8.00 5.52
CA GLU A 61 -7.87 9.47 5.46
C GLU A 61 -6.41 10.02 5.47
N VAL A 62 -5.42 9.28 6.05
CA VAL A 62 -3.98 9.60 6.05
C VAL A 62 -3.45 9.63 4.60
N ASP A 63 -2.67 10.67 4.38
CA ASP A 63 -1.93 10.95 3.13
C ASP A 63 -0.46 10.47 3.27
N VAL A 64 -0.27 9.14 3.26
CA VAL A 64 1.07 8.50 3.31
C VAL A 64 1.90 8.87 2.06
N ARG A 65 1.79 8.14 0.92
CA ARG A 65 2.41 8.53 -0.38
C ARG A 65 3.92 8.91 -0.26
N GLU A 66 4.18 10.22 -0.20
CA GLU A 66 5.49 10.85 0.03
C GLU A 66 5.82 10.85 1.55
N VAL A 67 6.07 9.63 2.02
CA VAL A 67 6.40 9.33 3.42
C VAL A 67 7.52 8.26 3.37
N THR A 68 8.08 8.04 4.55
CA THR A 68 8.80 6.80 4.89
C THR A 68 7.86 5.56 4.77
N HIS A 69 8.36 4.49 4.15
CA HIS A 69 7.68 3.16 4.11
C HIS A 69 7.10 2.61 5.45
N SER A 70 7.81 2.90 6.54
CA SER A 70 7.43 2.56 7.93
C SER A 70 6.11 3.23 8.41
N ALA A 71 5.88 4.52 8.15
CA ALA A 71 4.54 5.15 8.39
C ALA A 71 3.38 4.60 7.53
N ALA A 72 3.64 4.25 6.25
CA ALA A 72 2.65 3.56 5.38
C ALA A 72 2.32 2.14 5.73
N VAL A 73 3.33 1.27 5.91
CA VAL A 73 3.11 -0.08 6.44
C VAL A 73 2.30 -0.15 7.79
N GLU A 74 2.62 0.76 8.71
CA GLU A 74 1.87 0.90 9.98
C GLU A 74 0.49 1.55 9.82
N ALA A 75 0.27 2.56 8.94
CA ALA A 75 -1.07 3.09 8.58
C ALA A 75 -2.02 2.14 7.81
N LEU A 76 -1.46 1.28 6.94
CA LEU A 76 -2.12 0.07 6.39
C LEU A 76 -2.65 -0.94 7.45
N LYS A 77 -1.81 -1.29 8.43
CA LYS A 77 -2.22 -2.03 9.66
C LYS A 77 -3.14 -1.23 10.63
N GLU A 78 -2.92 0.09 10.77
CA GLU A 78 -3.78 1.04 11.53
C GLU A 78 -5.20 1.27 10.97
N ALA A 79 -5.42 0.98 9.67
CA ALA A 79 -6.78 0.77 9.12
C ALA A 79 -7.71 -0.26 9.82
N GLY A 80 -7.17 -1.10 10.73
CA GLY A 80 -7.94 -2.04 11.55
C GLY A 80 -8.28 -3.29 10.73
N SER A 81 -9.48 -3.82 10.93
CA SER A 81 -9.98 -4.96 10.09
C SER A 81 -10.38 -4.62 8.62
N ILE A 82 -10.34 -3.33 8.19
CA ILE A 82 -10.88 -2.86 6.90
C ILE A 82 -9.97 -1.71 6.43
N VAL A 83 -9.17 -2.04 5.39
CA VAL A 83 -8.13 -1.18 4.82
C VAL A 83 -8.74 -0.39 3.66
N ARG A 84 -8.80 0.93 3.82
CA ARG A 84 -9.42 1.84 2.82
C ARG A 84 -8.27 2.37 1.96
N LEU A 85 -8.01 1.73 0.84
CA LEU A 85 -6.83 2.00 0.00
C LEU A 85 -7.24 2.90 -1.18
N TYR A 86 -6.38 3.86 -1.48
CA TYR A 86 -6.59 4.83 -2.58
C TYR A 86 -5.30 4.79 -3.42
N VAL A 87 -5.43 4.35 -4.67
CA VAL A 87 -4.28 4.10 -5.58
C VAL A 87 -4.48 4.97 -6.84
N MET A 88 -3.42 5.70 -7.18
CA MET A 88 -3.27 6.34 -8.51
C MET A 88 -2.51 5.43 -9.51
N ARG A 89 -2.88 5.58 -10.78
CA ARG A 89 -2.17 4.94 -11.90
C ARG A 89 -1.23 6.00 -12.49
N ARG A 90 0.07 5.70 -12.35
CA ARG A 90 1.12 6.63 -12.76
C ARG A 90 1.58 6.33 -14.19
N LYS A 91 1.90 7.42 -14.89
CA LYS A 91 2.57 7.39 -16.20
C LYS A 91 4.10 7.52 -15.96
N PRO A 92 4.95 6.45 -16.09
CA PRO A 92 6.43 6.57 -16.06
C PRO A 92 7.07 7.65 -16.99
N PRO A 93 6.72 7.83 -18.30
CA PRO A 93 7.26 8.93 -19.15
C PRO A 93 6.60 10.29 -18.79
N TYR B 1 16.65 0.19 -1.17
CA TYR B 1 15.35 -0.08 -0.51
C TYR B 1 15.23 -1.54 -0.02
N LYS B 2 14.19 -1.71 0.81
CA LYS B 2 13.68 -3.02 1.20
C LYS B 2 12.13 -3.04 1.17
N LYS B 3 11.62 -4.20 0.79
CA LYS B 3 10.18 -4.46 0.72
C LYS B 3 9.73 -5.07 2.06
N THR B 4 8.97 -4.28 2.82
CA THR B 4 8.36 -4.72 4.09
C THR B 4 6.98 -5.36 3.79
N GLU B 5 6.79 -6.54 4.38
CA GLU B 5 5.51 -7.28 4.31
C GLU B 5 4.48 -6.65 5.27
N VAL B 6 3.20 -6.89 4.94
CA VAL B 6 2.07 -6.23 5.61
C VAL B 6 0.86 -7.11 5.26
N GLU A 1 -4.59 9.92 -11.53
CA GLU A 1 -5.83 9.33 -10.99
C GLU A 1 -5.59 8.80 -9.56
N TYR A 2 -6.68 8.66 -8.81
CA TYR A 2 -6.69 7.94 -7.50
C TYR A 2 -7.87 6.92 -7.49
N GLU A 3 -7.61 5.74 -6.90
CA GLU A 3 -8.59 4.63 -6.82
C GLU A 3 -8.73 4.20 -5.35
N GLU A 4 -9.98 4.01 -4.95
CA GLU A 4 -10.37 3.72 -3.55
C GLU A 4 -10.89 2.26 -3.47
N ILE A 5 -10.23 1.45 -2.64
CA ILE A 5 -10.47 -0.01 -2.55
C ILE A 5 -10.53 -0.35 -1.04
N THR A 6 -11.64 -0.98 -0.63
CA THR A 6 -11.77 -1.50 0.76
C THR A 6 -11.45 -3.02 0.73
N LEU A 7 -10.47 -3.38 1.55
CA LEU A 7 -9.89 -4.73 1.66
C LEU A 7 -10.11 -5.24 3.09
N GLU A 8 -10.69 -6.43 3.22
CA GLU A 8 -10.98 -7.03 4.54
C GLU A 8 -9.91 -8.09 4.90
N ARG A 9 -9.35 -7.95 6.12
CA ARG A 9 -8.36 -8.90 6.66
C ARG A 9 -8.28 -8.90 8.21
N GLY A 10 -7.18 -8.33 8.76
CA GLY A 10 -6.79 -8.44 10.15
C GLY A 10 -6.20 -9.82 10.48
N ASN A 11 -6.18 -10.08 11.78
CA ASN A 11 -5.87 -11.43 12.34
C ASN A 11 -4.34 -11.74 12.21
N SER A 12 -3.96 -12.34 11.09
CA SER A 12 -2.55 -12.63 10.70
C SER A 12 -1.78 -11.49 9.97
N GLY A 13 -2.50 -10.50 9.43
CA GLY A 13 -1.91 -9.36 8.72
C GLY A 13 -3.04 -8.69 7.91
N LEU A 14 -2.62 -8.17 6.77
CA LEU A 14 -3.50 -7.47 5.80
C LEU A 14 -3.37 -8.05 4.38
N GLY A 15 -2.19 -8.50 4.00
CA GLY A 15 -2.01 -9.36 2.85
C GLY A 15 -1.47 -8.70 1.59
N PHE A 16 -0.48 -7.80 1.74
CA PHE A 16 0.09 -7.00 0.65
C PHE A 16 1.50 -6.55 1.09
N SER A 17 2.48 -6.83 0.23
CA SER A 17 3.87 -6.37 0.41
C SER A 17 4.07 -4.99 -0.20
N ILE A 18 4.79 -4.16 0.53
CA ILE A 18 5.13 -2.78 0.13
C ILE A 18 6.66 -2.68 0.01
N ALA A 19 7.10 -2.13 -1.12
CA ALA A 19 8.44 -1.56 -1.27
C ALA A 19 8.41 -0.04 -0.95
N GLY A 20 9.53 0.62 -1.26
CA GLY A 20 10.04 1.66 -0.39
C GLY A 20 9.59 3.10 -0.71
N GLY A 21 9.72 3.90 0.33
CA GLY A 21 9.31 5.30 0.35
C GLY A 21 10.49 6.27 0.31
N THR A 22 10.24 7.52 0.69
CA THR A 22 11.26 8.60 0.66
C THR A 22 12.61 8.34 1.40
N ASP A 23 12.55 7.72 2.60
CA ASP A 23 13.76 7.29 3.37
C ASP A 23 14.49 6.00 2.86
N ASN A 24 13.84 5.21 2.00
CA ASN A 24 14.38 3.95 1.46
C ASN A 24 13.65 3.84 0.09
N PRO A 25 14.09 4.43 -1.06
CA PRO A 25 13.27 4.48 -2.30
C PRO A 25 13.69 3.37 -3.28
N HIS A 26 12.73 2.53 -3.69
CA HIS A 26 12.96 1.49 -4.73
C HIS A 26 12.39 1.84 -6.15
N ILE A 27 11.26 2.55 -6.23
CA ILE A 27 10.31 2.47 -7.36
C ILE A 27 9.49 3.78 -7.41
N GLY A 28 8.96 4.00 -8.61
CA GLY A 28 8.05 5.12 -8.91
C GLY A 28 8.74 6.11 -9.83
N ASP A 29 8.67 7.37 -9.40
CA ASP A 29 9.57 8.44 -9.89
C ASP A 29 10.84 8.71 -9.00
N ASP A 30 10.93 8.07 -7.81
CA ASP A 30 12.01 8.18 -6.81
C ASP A 30 11.29 7.77 -5.48
N PRO A 31 10.38 8.55 -4.84
CA PRO A 31 9.78 8.20 -3.53
C PRO A 31 8.45 7.44 -3.72
N SER A 32 7.46 7.75 -2.85
CA SER A 32 6.09 7.21 -2.93
C SER A 32 6.10 5.71 -2.57
N ILE A 33 5.04 5.27 -1.90
CA ILE A 33 4.97 3.89 -1.38
C ILE A 33 4.28 3.07 -2.49
N PHE A 34 4.94 2.00 -2.90
CA PHE A 34 4.45 1.13 -3.97
C PHE A 34 4.38 -0.29 -3.43
N ILE A 35 3.32 -0.98 -3.85
CA ILE A 35 3.13 -2.40 -3.52
C ILE A 35 3.93 -3.22 -4.58
N THR A 36 4.92 -4.02 -4.13
CA THR A 36 5.62 -5.02 -5.00
C THR A 36 4.89 -6.39 -5.07
N LYS A 37 4.21 -6.84 -4.00
CA LYS A 37 3.48 -8.12 -4.02
C LYS A 37 2.14 -8.01 -3.24
N ILE A 38 1.32 -9.02 -3.53
CA ILE A 38 0.10 -9.40 -2.78
C ILE A 38 0.51 -10.64 -1.97
N ILE A 39 0.42 -10.55 -0.63
CA ILE A 39 0.75 -11.69 0.24
C ILE A 39 -0.28 -12.85 0.00
N PRO A 40 0.16 -14.11 -0.27
CA PRO A 40 -0.75 -15.25 -0.54
C PRO A 40 -1.78 -15.55 0.57
N GLY A 41 -3.06 -15.66 0.17
CA GLY A 41 -4.18 -15.73 1.15
C GLY A 41 -4.59 -14.45 1.91
N GLY A 42 -4.07 -13.30 1.47
CA GLY A 42 -4.33 -12.00 2.08
C GLY A 42 -5.50 -11.25 1.44
N ALA A 43 -5.70 -10.01 1.91
CA ALA A 43 -6.91 -9.21 1.53
C ALA A 43 -7.06 -8.84 0.07
N ALA A 44 -5.99 -8.25 -0.47
CA ALA A 44 -5.89 -7.90 -1.89
C ALA A 44 -6.10 -9.04 -2.91
N ALA A 45 -5.69 -10.27 -2.57
CA ALA A 45 -6.02 -11.48 -3.34
C ALA A 45 -7.53 -11.88 -3.34
N GLN A 46 -8.20 -11.86 -2.17
CA GLN A 46 -9.65 -12.22 -2.06
C GLN A 46 -10.60 -11.09 -2.56
N ASP A 47 -10.43 -9.87 -2.01
CA ASP A 47 -11.25 -8.67 -2.35
C ASP A 47 -11.19 -8.25 -3.82
N GLY A 48 -10.01 -8.26 -4.46
CA GLY A 48 -9.95 -8.03 -5.90
C GLY A 48 -8.65 -8.52 -6.54
N ARG A 49 -8.34 -7.76 -7.58
CA ARG A 49 -7.16 -7.98 -8.45
C ARG A 49 -6.71 -6.58 -8.91
N LEU A 50 -6.33 -5.73 -7.93
CA LEU A 50 -5.77 -4.39 -8.20
C LEU A 50 -4.45 -4.39 -9.01
N ARG A 51 -3.64 -5.48 -8.88
CA ARG A 51 -2.22 -5.49 -9.25
C ARG A 51 -1.45 -4.58 -8.30
N VAL A 52 -0.44 -5.25 -7.79
CA VAL A 52 0.41 -4.84 -6.67
C VAL A 52 0.89 -3.40 -6.85
N ASN A 53 1.71 -3.13 -7.88
CA ASN A 53 2.24 -1.80 -8.21
C ASN A 53 1.15 -0.77 -8.61
N ASP A 54 0.58 -0.26 -7.52
CA ASP A 54 -0.16 0.99 -7.42
C ASP A 54 0.78 1.99 -6.71
N SER A 55 0.22 3.14 -6.34
CA SER A 55 0.96 4.16 -5.58
C SER A 55 0.11 4.50 -4.34
N ILE A 56 0.18 3.65 -3.29
CA ILE A 56 -0.60 3.83 -2.04
C ILE A 56 -0.30 5.22 -1.41
N LEU A 57 -1.35 6.02 -1.36
CA LEU A 57 -1.32 7.43 -0.91
C LEU A 57 -2.00 7.73 0.43
N PHE A 58 -3.21 7.24 0.59
CA PHE A 58 -3.99 7.39 1.82
C PHE A 58 -4.41 5.97 2.21
N VAL A 59 -4.31 5.74 3.51
CA VAL A 59 -4.73 4.47 4.12
C VAL A 59 -5.61 5.00 5.25
N ASN A 60 -6.94 4.79 5.12
CA ASN A 60 -7.93 5.24 6.13
C ASN A 60 -8.27 6.71 5.89
N GLU A 61 -7.45 7.51 6.53
CA GLU A 61 -7.41 8.97 6.48
C GLU A 61 -5.95 9.50 6.59
N VAL A 62 -4.97 8.64 7.01
CA VAL A 62 -3.55 8.99 7.18
C VAL A 62 -2.91 9.29 5.79
N ASP A 63 -2.18 10.41 5.79
CA ASP A 63 -1.34 10.85 4.67
C ASP A 63 0.05 10.15 4.77
N VAL A 64 0.17 9.08 3.99
CA VAL A 64 1.44 8.34 3.80
C VAL A 64 2.07 8.85 2.49
N ARG A 65 2.00 8.10 1.37
CA ARG A 65 2.57 8.49 0.04
C ARG A 65 4.05 8.96 0.09
N GLU A 66 4.21 10.29 0.22
CA GLU A 66 5.50 10.96 0.44
C GLU A 66 5.94 10.86 1.93
N VAL A 67 6.27 9.63 2.28
CA VAL A 67 6.60 9.22 3.65
C VAL A 67 7.71 8.14 3.52
N THR A 68 8.29 7.85 4.69
CA THR A 68 8.97 6.57 4.94
C THR A 68 7.96 5.38 4.80
N HIS A 69 8.34 4.36 4.02
CA HIS A 69 7.59 3.06 3.97
C HIS A 69 7.17 2.38 5.30
N SER A 70 7.97 2.61 6.36
CA SER A 70 7.66 2.21 7.75
C SER A 70 6.40 2.88 8.39
N ALA A 71 6.14 4.17 8.10
CA ALA A 71 4.82 4.80 8.38
C ALA A 71 3.64 4.33 7.48
N ALA A 72 3.91 4.05 6.19
CA ALA A 72 2.93 3.38 5.29
C ALA A 72 2.51 1.98 5.72
N VAL A 73 3.48 1.08 5.93
CA VAL A 73 3.24 -0.24 6.57
C VAL A 73 2.54 -0.18 7.95
N GLU A 74 2.91 0.79 8.81
CA GLU A 74 2.14 1.10 10.03
C GLU A 74 0.67 1.48 9.74
N ALA A 75 0.38 2.44 8.85
CA ALA A 75 -1.01 2.76 8.41
C ALA A 75 -1.82 1.61 7.75
N LEU A 76 -1.15 0.75 6.96
CA LEU A 76 -1.65 -0.57 6.50
C LEU A 76 -2.11 -1.51 7.67
N LYS A 77 -1.23 -1.75 8.66
CA LYS A 77 -1.57 -2.47 9.92
C LYS A 77 -2.55 -1.76 10.90
N GLU A 78 -2.48 -0.43 10.97
CA GLU A 78 -3.43 0.44 11.70
C GLU A 78 -4.88 0.43 11.17
N ALA A 79 -5.06 0.24 9.85
CA ALA A 79 -6.36 -0.15 9.29
C ALA A 79 -7.05 -1.41 9.90
N GLY A 80 -6.25 -2.44 10.27
CA GLY A 80 -6.74 -3.56 11.09
C GLY A 80 -7.41 -4.63 10.22
N SER A 81 -8.58 -5.08 10.69
CA SER A 81 -9.46 -5.96 9.88
C SER A 81 -10.10 -5.39 8.59
N ILE A 82 -9.99 -4.09 8.34
CA ILE A 82 -10.70 -3.40 7.24
C ILE A 82 -9.77 -2.24 6.81
N VAL A 83 -9.20 -2.45 5.62
CA VAL A 83 -8.17 -1.59 5.03
C VAL A 83 -8.81 -0.81 3.88
N ARG A 84 -8.95 0.49 4.11
CA ARG A 84 -9.56 1.42 3.14
C ARG A 84 -8.39 2.17 2.47
N LEU A 85 -7.94 1.59 1.36
CA LEU A 85 -6.78 2.04 0.58
C LEU A 85 -7.24 3.06 -0.46
N TYR A 86 -6.37 4.03 -0.68
CA TYR A 86 -6.53 5.06 -1.73
C TYR A 86 -5.16 5.09 -2.40
N VAL A 87 -5.13 4.73 -3.67
CA VAL A 87 -3.89 4.51 -4.44
C VAL A 87 -3.87 5.48 -5.63
N MET A 88 -2.70 5.84 -6.17
CA MET A 88 -2.61 6.66 -7.41
C MET A 88 -2.27 5.75 -8.62
N ARG A 89 -3.05 5.96 -9.68
CA ARG A 89 -2.72 5.46 -11.02
C ARG A 89 -2.16 6.64 -11.82
N ARG A 90 -0.88 6.54 -12.16
CA ARG A 90 -0.15 7.62 -12.83
C ARG A 90 -0.49 7.62 -14.32
N LYS A 91 -0.83 8.84 -14.80
CA LYS A 91 -1.13 9.10 -16.22
C LYS A 91 -2.55 8.57 -16.60
N PRO A 92 -3.48 9.39 -17.15
CA PRO A 92 -4.78 8.89 -17.65
C PRO A 92 -4.65 7.91 -18.87
N PRO A 93 -5.48 6.86 -19.02
CA PRO A 93 -5.45 5.94 -20.19
C PRO A 93 -5.82 6.66 -21.52
N TYR B 1 17.61 -0.83 -0.53
CA TYR B 1 16.19 -0.74 -0.13
C TYR B 1 15.82 -1.89 0.86
N LYS B 2 14.67 -1.72 1.51
CA LYS B 2 14.03 -2.75 2.37
C LYS B 2 12.53 -2.81 2.00
N LYS B 3 12.11 -4.01 1.66
CA LYS B 3 10.70 -4.32 1.37
C LYS B 3 10.07 -4.91 2.66
N THR B 4 8.88 -4.40 3.00
CA THR B 4 8.10 -4.88 4.16
C THR B 4 6.89 -5.69 3.66
N GLU B 5 6.50 -6.66 4.51
CA GLU B 5 5.42 -7.61 4.24
C GLU B 5 4.26 -7.20 5.18
N VAL B 6 3.08 -7.00 4.59
CA VAL B 6 1.85 -6.73 5.38
C VAL B 6 0.92 -7.96 5.28
N GLU A 1 -5.66 7.40 -12.48
CA GLU A 1 -6.76 7.79 -11.58
C GLU A 1 -6.56 7.21 -10.16
N TYR A 2 -7.01 8.00 -9.17
CA TYR A 2 -7.03 7.58 -7.75
C TYR A 2 -8.36 6.88 -7.40
N GLU A 3 -8.22 5.68 -6.82
CA GLU A 3 -9.33 4.72 -6.64
C GLU A 3 -9.41 4.39 -5.14
N GLU A 4 -10.63 4.47 -4.63
CA GLU A 4 -10.99 4.02 -3.26
C GLU A 4 -11.27 2.50 -3.25
N ILE A 5 -10.54 1.82 -2.38
CA ILE A 5 -10.47 0.34 -2.35
C ILE A 5 -10.45 -0.07 -0.86
N THR A 6 -11.48 -0.82 -0.48
CA THR A 6 -11.56 -1.42 0.87
C THR A 6 -11.06 -2.88 0.77
N LEU A 7 -10.15 -3.24 1.69
CA LEU A 7 -9.56 -4.59 1.79
C LEU A 7 -9.78 -5.10 3.23
N GLU A 8 -10.25 -6.33 3.36
CA GLU A 8 -10.63 -6.90 4.67
C GLU A 8 -9.71 -8.09 4.98
N ARG A 9 -9.03 -8.04 6.14
CA ARG A 9 -8.17 -9.14 6.61
C ARG A 9 -7.93 -9.11 8.15
N GLY A 10 -6.70 -8.78 8.58
CA GLY A 10 -6.26 -8.91 9.97
C GLY A 10 -5.95 -10.35 10.38
N ASN A 11 -5.68 -10.49 11.69
CA ASN A 11 -5.46 -11.80 12.36
C ASN A 11 -4.09 -12.43 11.95
N SER A 12 -4.13 -13.28 10.92
CA SER A 12 -2.95 -13.99 10.37
C SER A 12 -2.02 -13.16 9.42
N GLY A 13 -2.52 -12.04 8.89
CA GLY A 13 -1.73 -11.08 8.11
C GLY A 13 -2.66 -9.96 7.64
N LEU A 14 -2.27 -9.39 6.50
CA LEU A 14 -3.12 -8.45 5.74
C LEU A 14 -3.14 -8.76 4.21
N GLY A 15 -2.08 -9.31 3.61
CA GLY A 15 -2.09 -9.79 2.21
C GLY A 15 -1.39 -9.00 1.12
N PHE A 16 -0.50 -8.09 1.49
CA PHE A 16 0.21 -7.24 0.54
C PHE A 16 1.59 -6.88 1.13
N SER A 17 2.53 -6.83 0.21
CA SER A 17 3.93 -6.47 0.47
C SER A 17 4.21 -5.13 -0.18
N ILE A 18 4.75 -4.24 0.62
CA ILE A 18 4.99 -2.84 0.22
C ILE A 18 6.48 -2.60 0.03
N ALA A 19 6.82 -2.08 -1.15
CA ALA A 19 8.11 -1.43 -1.38
C ALA A 19 8.08 0.04 -0.92
N GLY A 20 9.15 0.75 -1.27
CA GLY A 20 9.69 1.76 -0.38
C GLY A 20 9.30 3.20 -0.69
N GLY A 21 9.54 3.99 0.34
CA GLY A 21 9.14 5.40 0.41
C GLY A 21 10.36 6.31 0.38
N THR A 22 10.14 7.56 0.76
CA THR A 22 11.17 8.65 0.67
C THR A 22 12.59 8.37 1.29
N ASP A 23 12.61 7.72 2.46
CA ASP A 23 13.86 7.21 3.10
C ASP A 23 14.44 5.87 2.55
N ASN A 24 13.62 5.08 1.83
CA ASN A 24 13.99 3.73 1.34
C ASN A 24 13.47 3.59 -0.13
N PRO A 25 13.78 4.45 -1.15
CA PRO A 25 12.92 4.58 -2.35
C PRO A 25 13.52 3.79 -3.54
N HIS A 26 12.71 2.89 -4.10
CA HIS A 26 13.08 2.13 -5.33
C HIS A 26 12.35 2.58 -6.62
N ILE A 27 11.07 2.98 -6.51
CA ILE A 27 10.09 2.89 -7.62
C ILE A 27 9.93 4.30 -8.22
N GLY A 28 9.94 4.33 -9.56
CA GLY A 28 9.50 5.51 -10.31
C GLY A 28 10.51 6.67 -10.23
N ASP A 29 10.03 7.75 -9.63
CA ASP A 29 10.87 8.94 -9.29
C ASP A 29 11.57 8.90 -7.90
N ASP A 30 11.52 7.79 -7.15
CA ASP A 30 12.02 7.63 -5.77
C ASP A 30 10.82 7.64 -4.74
N PRO A 31 10.24 8.79 -4.30
CA PRO A 31 9.43 8.86 -3.05
C PRO A 31 7.92 8.64 -3.27
N SER A 32 7.52 7.37 -3.25
CA SER A 32 6.11 6.98 -3.44
C SER A 32 6.02 5.56 -2.89
N ILE A 33 5.00 5.32 -2.05
CA ILE A 33 4.78 4.01 -1.42
C ILE A 33 4.04 3.14 -2.45
N PHE A 34 4.64 1.99 -2.71
CA PHE A 34 4.11 1.01 -3.68
C PHE A 34 3.85 -0.31 -2.96
N ILE A 35 2.93 -1.08 -3.54
CA ILE A 35 2.87 -2.54 -3.32
C ILE A 35 3.72 -3.18 -4.46
N THR A 36 4.80 -3.87 -4.08
CA THR A 36 5.60 -4.74 -5.01
C THR A 36 5.09 -6.19 -5.17
N LYS A 37 4.50 -6.77 -4.11
CA LYS A 37 3.93 -8.12 -4.17
C LYS A 37 2.64 -8.21 -3.33
N ILE A 38 1.93 -9.29 -3.62
CA ILE A 38 0.70 -9.73 -2.90
C ILE A 38 1.15 -10.91 -2.03
N ILE A 39 0.75 -10.89 -0.76
CA ILE A 39 0.97 -12.03 0.16
C ILE A 39 -0.24 -12.99 0.00
N PRO A 40 -0.06 -14.27 -0.46
CA PRO A 40 -1.15 -15.28 -0.57
C PRO A 40 -1.90 -15.59 0.75
N GLY A 41 -3.20 -15.88 0.59
CA GLY A 41 -4.11 -15.99 1.76
C GLY A 41 -4.64 -14.68 2.38
N GLY A 42 -4.13 -13.51 1.96
CA GLY A 42 -4.54 -12.22 2.53
C GLY A 42 -5.64 -11.48 1.74
N ALA A 43 -5.83 -10.21 2.14
CA ALA A 43 -6.88 -9.32 1.59
C ALA A 43 -6.76 -8.97 0.10
N ALA A 44 -5.55 -8.57 -0.37
CA ALA A 44 -5.32 -8.25 -1.80
C ALA A 44 -5.52 -9.43 -2.77
N ALA A 45 -5.14 -10.66 -2.41
CA ALA A 45 -5.52 -11.86 -3.19
C ALA A 45 -7.05 -12.16 -3.22
N GLN A 46 -7.71 -12.07 -2.05
CA GLN A 46 -9.17 -12.28 -1.87
C GLN A 46 -10.04 -11.18 -2.57
N ASP A 47 -9.90 -9.92 -2.14
CA ASP A 47 -10.66 -8.76 -2.68
C ASP A 47 -10.32 -8.42 -4.17
N GLY A 48 -9.02 -8.37 -4.52
CA GLY A 48 -8.56 -8.19 -5.91
C GLY A 48 -7.63 -6.98 -6.09
N ARG A 49 -6.52 -6.98 -5.32
CA ARG A 49 -5.34 -6.12 -5.56
C ARG A 49 -4.07 -6.95 -5.89
N LEU A 50 -4.27 -8.01 -6.71
CA LEU A 50 -3.21 -8.76 -7.37
C LEU A 50 -2.24 -8.00 -8.30
N ARG A 51 -2.75 -6.92 -8.90
CA ARG A 51 -1.93 -5.90 -9.56
C ARG A 51 -1.40 -4.98 -8.45
N VAL A 52 -0.24 -5.44 -7.99
CA VAL A 52 0.43 -5.02 -6.75
C VAL A 52 0.62 -3.52 -6.71
N ASN A 53 1.37 -2.95 -7.68
CA ASN A 53 1.73 -1.51 -7.84
C ASN A 53 0.60 -0.42 -7.88
N ASP A 54 -0.33 -0.59 -6.96
CA ASP A 54 -1.33 0.38 -6.54
C ASP A 54 -0.56 1.36 -5.64
N SER A 55 -0.31 2.54 -6.21
CA SER A 55 0.54 3.58 -5.58
C SER A 55 -0.23 4.22 -4.41
N ILE A 56 -0.05 3.64 -3.22
CA ILE A 56 -0.85 3.99 -2.02
C ILE A 56 -0.51 5.44 -1.57
N LEU A 57 -1.58 6.24 -1.61
CA LEU A 57 -1.58 7.66 -1.21
C LEU A 57 -2.12 7.94 0.18
N PHE A 58 -3.31 7.43 0.47
CA PHE A 58 -4.00 7.67 1.74
C PHE A 58 -4.50 6.30 2.21
N VAL A 59 -4.40 6.12 3.51
CA VAL A 59 -4.79 4.86 4.17
C VAL A 59 -5.71 5.34 5.30
N ASN A 60 -7.03 5.06 5.19
CA ASN A 60 -8.05 5.43 6.23
C ASN A 60 -8.46 6.90 6.03
N GLU A 61 -7.56 7.73 6.54
CA GLU A 61 -7.53 9.19 6.38
C GLU A 61 -6.07 9.76 6.52
N VAL A 62 -5.08 8.93 6.93
CA VAL A 62 -3.67 9.32 7.11
C VAL A 62 -3.03 9.64 5.75
N ASP A 63 -2.27 10.73 5.81
CA ASP A 63 -1.46 11.28 4.70
C ASP A 63 -0.06 10.60 4.68
N VAL A 64 0.07 9.59 3.81
CA VAL A 64 1.32 8.83 3.63
C VAL A 64 1.93 9.23 2.27
N ARG A 65 1.95 8.33 1.25
CA ARG A 65 2.50 8.58 -0.11
C ARG A 65 3.96 9.10 -0.18
N GLU A 66 4.10 10.41 0.00
CA GLU A 66 5.40 11.10 0.17
C GLU A 66 5.80 11.07 1.67
N VAL A 67 6.11 9.86 2.11
CA VAL A 67 6.49 9.56 3.50
C VAL A 67 7.59 8.47 3.44
N THR A 68 8.23 8.30 4.60
CA THR A 68 8.94 7.06 4.95
C THR A 68 7.97 5.84 4.86
N HIS A 69 8.38 4.78 4.15
CA HIS A 69 7.61 3.50 4.10
C HIS A 69 7.13 2.89 5.45
N SER A 70 7.93 3.12 6.51
CA SER A 70 7.57 2.78 7.90
C SER A 70 6.29 3.47 8.44
N ALA A 71 6.04 4.76 8.16
CA ALA A 71 4.72 5.42 8.40
C ALA A 71 3.56 4.98 7.46
N ALA A 72 3.84 4.69 6.18
CA ALA A 72 2.87 4.07 5.24
C ALA A 72 2.42 2.68 5.65
N VAL A 73 3.38 1.77 5.84
CA VAL A 73 3.14 0.47 6.47
C VAL A 73 2.49 0.51 7.87
N GLU A 74 2.91 1.46 8.73
CA GLU A 74 2.21 1.75 10.00
C GLU A 74 0.71 2.04 9.76
N ALA A 75 0.32 2.98 8.89
CA ALA A 75 -1.10 3.21 8.50
C ALA A 75 -1.85 2.03 7.82
N LEU A 76 -1.17 1.20 7.00
CA LEU A 76 -1.66 -0.12 6.53
C LEU A 76 -2.00 -1.13 7.66
N LYS A 77 -1.07 -1.29 8.61
CA LYS A 77 -1.25 -2.13 9.82
C LYS A 77 -2.20 -1.52 10.91
N GLU A 78 -2.19 -0.19 11.07
CA GLU A 78 -3.12 0.60 11.90
C GLU A 78 -4.59 0.65 11.41
N ALA A 79 -4.81 0.54 10.09
CA ALA A 79 -6.10 0.11 9.54
C ALA A 79 -6.70 -1.21 10.12
N GLY A 80 -5.82 -2.20 10.41
CA GLY A 80 -6.19 -3.38 11.18
C GLY A 80 -6.65 -4.51 10.26
N SER A 81 -7.80 -5.07 10.65
CA SER A 81 -8.56 -6.00 9.79
C SER A 81 -9.40 -5.36 8.64
N ILE A 82 -9.43 -4.03 8.49
CA ILE A 82 -10.32 -3.34 7.54
C ILE A 82 -9.54 -2.09 7.08
N VAL A 83 -9.10 -2.14 5.83
CA VAL A 83 -8.10 -1.23 5.28
C VAL A 83 -8.76 -0.43 4.17
N ARG A 84 -8.83 0.87 4.42
CA ARG A 84 -9.33 1.85 3.44
C ARG A 84 -8.08 2.34 2.70
N LEU A 85 -7.75 1.67 1.61
CA LEU A 85 -6.63 2.07 0.75
C LEU A 85 -7.19 3.01 -0.34
N TYR A 86 -6.40 4.03 -0.65
CA TYR A 86 -6.73 5.01 -1.71
C TYR A 86 -5.44 5.12 -2.53
N VAL A 87 -5.48 4.67 -3.78
CA VAL A 87 -4.26 4.40 -4.58
C VAL A 87 -4.39 5.14 -5.91
N MET A 88 -3.31 5.74 -6.40
CA MET A 88 -3.25 6.32 -7.76
C MET A 88 -2.63 5.31 -8.74
N ARG A 89 -3.35 5.08 -9.83
CA ARG A 89 -2.87 4.24 -10.95
C ARG A 89 -2.41 5.19 -12.04
N ARG A 90 -1.16 5.01 -12.48
CA ARG A 90 -0.66 5.68 -13.70
C ARG A 90 -1.15 4.92 -14.96
N LYS A 91 -2.47 4.96 -15.20
CA LYS A 91 -3.10 4.29 -16.33
C LYS A 91 -3.01 5.27 -17.52
N PRO A 92 -2.22 4.99 -18.61
CA PRO A 92 -2.17 5.87 -19.79
C PRO A 92 -3.44 5.74 -20.70
N PRO A 93 -3.87 6.78 -21.46
CA PRO A 93 -5.05 6.72 -22.38
C PRO A 93 -5.15 5.46 -23.29
N TYR B 1 16.91 -0.49 -0.69
CA TYR B 1 15.53 -0.53 -0.20
C TYR B 1 15.21 -1.89 0.48
N LYS B 2 14.22 -1.84 1.38
CA LYS B 2 13.57 -3.03 1.95
C LYS B 2 12.06 -2.95 1.63
N LYS B 3 11.48 -4.14 1.49
CA LYS B 3 10.03 -4.32 1.42
C LYS B 3 9.51 -4.86 2.79
N THR B 4 8.47 -4.20 3.31
CA THR B 4 7.70 -4.71 4.47
C THR B 4 6.57 -5.65 3.98
N GLU B 5 6.28 -6.65 4.82
CA GLU B 5 5.39 -7.78 4.48
C GLU B 5 4.16 -7.68 5.41
N VAL B 6 3.00 -7.41 4.83
CA VAL B 6 1.78 -7.06 5.62
C VAL B 6 0.65 -7.86 4.98
N GLU A 1 -6.34 9.59 -12.57
CA GLU A 1 -7.53 9.14 -11.83
C GLU A 1 -7.15 8.39 -10.54
N TYR A 2 -7.99 8.61 -9.52
CA TYR A 2 -7.85 8.01 -8.17
C TYR A 2 -9.06 7.12 -7.83
N GLU A 3 -8.76 5.97 -7.22
CA GLU A 3 -9.77 4.98 -6.79
C GLU A 3 -9.54 4.61 -5.31
N GLU A 4 -10.66 4.44 -4.63
CA GLU A 4 -10.75 3.94 -3.24
C GLU A 4 -11.08 2.43 -3.28
N ILE A 5 -10.18 1.65 -2.67
CA ILE A 5 -10.22 0.16 -2.72
C ILE A 5 -10.05 -0.33 -1.27
N THR A 6 -11.15 -0.87 -0.71
CA THR A 6 -11.12 -1.46 0.64
C THR A 6 -10.85 -2.98 0.51
N LEU A 7 -9.79 -3.39 1.20
CA LEU A 7 -9.33 -4.79 1.28
C LEU A 7 -9.61 -5.29 2.72
N GLU A 8 -10.24 -6.47 2.81
CA GLU A 8 -10.76 -7.00 4.09
C GLU A 8 -9.81 -8.11 4.61
N ARG A 9 -9.16 -7.87 5.76
CA ARG A 9 -8.32 -8.89 6.41
C ARG A 9 -8.42 -8.82 7.96
N GLY A 10 -7.36 -8.32 8.60
CA GLY A 10 -7.13 -8.42 10.05
C GLY A 10 -6.38 -9.70 10.42
N ASN A 11 -6.63 -10.15 11.65
CA ASN A 11 -6.04 -11.39 12.20
C ASN A 11 -4.53 -11.20 12.53
N SER A 12 -3.67 -11.52 11.56
CA SER A 12 -2.19 -11.33 11.62
C SER A 12 -1.65 -10.12 10.80
N GLY A 13 -2.42 -9.57 9.86
CA GLY A 13 -2.03 -8.41 9.04
C GLY A 13 -3.16 -8.14 8.04
N LEU A 14 -2.71 -7.81 6.82
CA LEU A 14 -3.56 -7.33 5.70
C LEU A 14 -3.25 -8.11 4.41
N GLY A 15 -1.97 -8.43 4.17
CA GLY A 15 -1.55 -9.40 3.15
C GLY A 15 -1.03 -8.77 1.89
N PHE A 16 -0.02 -7.90 2.05
CA PHE A 16 0.61 -7.21 0.93
C PHE A 16 2.00 -6.70 1.30
N SER A 17 2.92 -6.87 0.36
CA SER A 17 4.30 -6.37 0.50
C SER A 17 4.48 -5.06 -0.25
N ILE A 18 4.85 -4.05 0.54
CA ILE A 18 5.09 -2.69 0.03
C ILE A 18 6.60 -2.50 -0.24
N ALA A 19 6.87 -1.88 -1.39
CA ALA A 19 8.12 -1.17 -1.66
C ALA A 19 8.01 0.29 -1.14
N GLY A 20 9.09 1.03 -1.36
CA GLY A 20 9.59 1.90 -0.31
C GLY A 20 9.30 3.39 -0.47
N GLY A 21 9.53 4.05 0.66
CA GLY A 21 9.19 5.46 0.86
C GLY A 21 10.38 6.39 0.66
N THR A 22 10.23 7.60 1.19
CA THR A 22 11.24 8.68 1.12
C THR A 22 12.69 8.32 1.61
N ASP A 23 12.80 7.59 2.74
CA ASP A 23 14.09 7.05 3.24
C ASP A 23 14.57 5.70 2.61
N ASN A 24 13.71 4.98 1.89
CA ASN A 24 13.99 3.63 1.37
C ASN A 24 13.41 3.55 -0.07
N PRO A 25 13.71 4.39 -1.11
CA PRO A 25 12.86 4.50 -2.32
C PRO A 25 13.18 3.41 -3.37
N HIS A 26 12.12 2.76 -3.88
CA HIS A 26 12.21 1.90 -5.09
C HIS A 26 11.74 2.57 -6.42
N ILE A 27 10.88 3.59 -6.35
CA ILE A 27 9.99 4.01 -7.44
C ILE A 27 10.78 5.10 -8.23
N GLY A 28 10.62 5.09 -9.56
CA GLY A 28 11.20 6.14 -10.42
C GLY A 28 10.70 7.61 -10.29
N ASP A 29 9.73 7.86 -9.41
CA ASP A 29 9.37 9.22 -8.91
C ASP A 29 10.15 9.67 -7.62
N ASP A 30 10.92 8.77 -6.96
CA ASP A 30 11.57 8.95 -5.63
C ASP A 30 10.59 8.47 -4.51
N PRO A 31 9.63 9.26 -3.94
CA PRO A 31 9.01 8.95 -2.64
C PRO A 31 7.51 8.60 -2.76
N SER A 32 7.20 7.30 -2.88
CA SER A 32 5.81 6.86 -3.07
C SER A 32 5.70 5.43 -2.56
N ILE A 33 4.70 5.19 -1.72
CA ILE A 33 4.48 3.86 -1.09
C ILE A 33 3.72 3.03 -2.12
N PHE A 34 4.42 2.05 -2.67
CA PHE A 34 3.97 1.31 -3.85
C PHE A 34 4.10 -0.16 -3.51
N ILE A 35 3.03 -0.91 -3.77
CA ILE A 35 3.06 -2.36 -3.57
C ILE A 35 3.72 -2.98 -4.84
N THR A 36 4.84 -3.69 -4.62
CA THR A 36 5.50 -4.55 -5.64
C THR A 36 5.00 -6.03 -5.66
N LYS A 37 4.53 -6.57 -4.52
CA LYS A 37 3.88 -7.89 -4.47
C LYS A 37 2.75 -7.88 -3.41
N ILE A 38 1.85 -8.86 -3.53
CA ILE A 38 0.73 -9.06 -2.60
C ILE A 38 0.85 -10.47 -2.05
N ILE A 39 0.58 -10.59 -0.75
CA ILE A 39 0.66 -11.89 -0.04
C ILE A 39 -0.62 -12.73 -0.34
N PRO A 40 -0.51 -13.99 -0.86
CA PRO A 40 -1.63 -14.96 -0.91
C PRO A 40 -2.08 -15.44 0.51
N GLY A 41 -3.39 -15.71 0.65
CA GLY A 41 -4.02 -15.84 1.98
C GLY A 41 -4.50 -14.54 2.67
N GLY A 42 -4.10 -13.36 2.20
CA GLY A 42 -4.53 -12.07 2.75
C GLY A 42 -5.71 -11.41 2.02
N ALA A 43 -5.91 -10.12 2.36
CA ALA A 43 -7.03 -9.29 1.82
C ALA A 43 -7.05 -9.17 0.28
N ALA A 44 -5.89 -8.79 -0.26
CA ALA A 44 -5.64 -8.84 -1.70
C ALA A 44 -5.77 -10.25 -2.32
N ALA A 45 -5.33 -11.34 -1.66
CA ALA A 45 -5.69 -12.72 -2.09
C ALA A 45 -7.18 -12.99 -2.44
N GLN A 46 -8.11 -12.43 -1.66
CA GLN A 46 -9.57 -12.50 -1.94
C GLN A 46 -10.03 -11.40 -2.97
N ASP A 47 -9.71 -10.11 -2.72
CA ASP A 47 -10.20 -8.96 -3.50
C ASP A 47 -9.46 -8.74 -4.85
N GLY A 48 -8.12 -8.66 -4.83
CA GLY A 48 -7.30 -8.43 -6.03
C GLY A 48 -5.86 -8.84 -5.71
N ARG A 49 -5.47 -10.06 -6.09
CA ARG A 49 -4.09 -10.60 -5.85
C ARG A 49 -2.95 -10.29 -6.87
N LEU A 50 -3.22 -9.25 -7.66
CA LEU A 50 -2.56 -8.87 -8.92
C LEU A 50 -2.38 -7.32 -9.01
N ARG A 51 -3.19 -6.55 -8.24
CA ARG A 51 -3.18 -5.07 -8.17
C ARG A 51 -2.07 -4.44 -7.32
N VAL A 52 -1.02 -5.21 -7.04
CA VAL A 52 0.19 -4.86 -6.26
C VAL A 52 0.62 -3.44 -6.58
N ASN A 53 0.92 -3.21 -7.84
CA ASN A 53 1.11 -1.90 -8.49
C ASN A 53 0.04 -0.76 -8.36
N ASP A 54 -0.59 -0.62 -7.19
CA ASP A 54 -1.37 0.53 -6.77
C ASP A 54 -0.46 1.33 -5.81
N SER A 55 -0.05 2.50 -6.31
CA SER A 55 0.64 3.56 -5.54
C SER A 55 -0.31 4.18 -4.48
N ILE A 56 -0.30 3.55 -3.30
CA ILE A 56 -1.17 3.92 -2.16
C ILE A 56 -0.64 5.22 -1.54
N LEU A 57 -1.34 6.28 -1.91
CA LEU A 57 -1.07 7.63 -1.40
C LEU A 57 -1.63 7.96 0.00
N PHE A 58 -2.84 7.46 0.28
CA PHE A 58 -3.50 7.56 1.58
C PHE A 58 -4.02 6.15 1.87
N VAL A 59 -4.09 5.85 3.16
CA VAL A 59 -4.71 4.61 3.67
C VAL A 59 -5.67 5.07 4.81
N ASN A 60 -6.96 4.70 4.71
CA ASN A 60 -8.03 5.09 5.69
C ASN A 60 -8.52 6.54 5.47
N GLU A 61 -7.58 7.42 5.81
CA GLU A 61 -7.65 8.88 5.82
C GLU A 61 -6.25 9.47 6.26
N VAL A 62 -5.29 8.63 6.78
CA VAL A 62 -3.95 9.03 7.23
C VAL A 62 -3.11 9.56 6.04
N ASP A 63 -2.42 10.66 6.35
CA ASP A 63 -1.55 11.36 5.39
C ASP A 63 -0.18 10.65 5.30
N VAL A 64 -0.06 9.76 4.31
CA VAL A 64 1.18 8.98 4.05
C VAL A 64 1.79 9.47 2.72
N ARG A 65 1.81 8.64 1.66
CA ARG A 65 2.47 8.91 0.35
C ARG A 65 3.97 9.28 0.41
N GLU A 66 4.22 10.59 0.61
CA GLU A 66 5.55 11.17 0.85
C GLU A 66 5.93 11.01 2.36
N VAL A 67 6.17 9.76 2.70
CA VAL A 67 6.52 9.29 4.04
C VAL A 67 7.66 8.27 3.84
N THR A 68 8.30 7.97 4.97
CA THR A 68 8.90 6.64 5.19
C THR A 68 7.86 5.50 5.01
N HIS A 69 8.26 4.44 4.30
CA HIS A 69 7.49 3.16 4.26
C HIS A 69 7.07 2.56 5.62
N SER A 70 7.86 2.81 6.67
CA SER A 70 7.51 2.53 8.07
C SER A 70 6.19 3.22 8.51
N ALA A 71 6.05 4.56 8.39
CA ALA A 71 4.76 5.27 8.66
C ALA A 71 3.53 4.81 7.82
N ALA A 72 3.74 4.50 6.53
CA ALA A 72 2.76 3.78 5.68
C ALA A 72 2.42 2.36 6.14
N VAL A 73 3.40 1.46 6.29
CA VAL A 73 3.15 0.07 6.79
C VAL A 73 2.47 -0.02 8.19
N GLU A 74 2.87 0.84 9.14
CA GLU A 74 2.16 1.04 10.42
C GLU A 74 0.71 1.54 10.23
N ALA A 75 0.45 2.54 9.35
CA ALA A 75 -0.92 2.93 8.93
C ALA A 75 -1.77 1.88 8.14
N LEU A 76 -1.12 1.02 7.34
CA LEU A 76 -1.69 -0.21 6.74
C LEU A 76 -2.18 -1.24 7.80
N LYS A 77 -1.37 -1.54 8.81
CA LYS A 77 -1.79 -2.33 10.01
C LYS A 77 -2.75 -1.57 10.97
N GLU A 78 -2.61 -0.24 11.09
CA GLU A 78 -3.56 0.64 11.82
C GLU A 78 -4.97 0.80 11.18
N ALA A 79 -5.11 0.55 9.87
CA ALA A 79 -6.40 0.20 9.27
C ALA A 79 -7.20 -0.97 9.91
N GLY A 80 -6.49 -1.92 10.53
CA GLY A 80 -7.08 -2.92 11.43
C GLY A 80 -7.32 -4.20 10.65
N SER A 81 -8.62 -4.52 10.56
CA SER A 81 -9.10 -5.55 9.62
C SER A 81 -9.56 -5.07 8.23
N ILE A 82 -9.46 -3.76 7.91
CA ILE A 82 -10.03 -3.18 6.68
C ILE A 82 -9.11 -2.00 6.30
N VAL A 83 -8.26 -2.27 5.32
CA VAL A 83 -7.37 -1.28 4.68
C VAL A 83 -8.11 -0.54 3.57
N ARG A 84 -8.28 0.76 3.75
CA ARG A 84 -8.96 1.60 2.74
C ARG A 84 -7.89 2.33 1.93
N LEU A 85 -7.42 1.67 0.88
CA LEU A 85 -6.26 2.13 0.10
C LEU A 85 -6.76 3.11 -0.99
N TYR A 86 -6.07 4.23 -1.12
CA TYR A 86 -6.41 5.28 -2.10
C TYR A 86 -5.19 5.39 -3.02
N VAL A 87 -5.41 5.12 -4.30
CA VAL A 87 -4.34 5.10 -5.32
C VAL A 87 -4.77 6.05 -6.45
N MET A 88 -3.93 7.05 -6.71
CA MET A 88 -3.98 7.84 -7.96
C MET A 88 -2.91 7.36 -8.94
N ARG A 89 -3.35 7.24 -10.20
CA ARG A 89 -2.49 6.96 -11.35
C ARG A 89 -2.13 8.32 -11.98
N ARG A 90 -0.84 8.66 -11.90
CA ARG A 90 -0.23 9.64 -12.84
C ARG A 90 -0.36 9.18 -14.32
N LYS A 91 0.13 7.96 -14.61
CA LYS A 91 0.16 7.41 -15.97
C LYS A 91 -1.07 6.48 -16.14
N PRO A 92 -1.96 6.68 -17.16
CA PRO A 92 -3.13 5.81 -17.38
C PRO A 92 -2.77 4.30 -17.61
N PRO A 93 -3.46 3.29 -17.03
CA PRO A 93 -3.15 1.85 -17.25
C PRO A 93 -3.37 1.40 -18.72
N TYR B 1 16.73 0.20 -1.02
CA TYR B 1 15.35 -0.05 -0.55
C TYR B 1 15.21 -1.47 0.07
N LYS B 2 14.09 -1.62 0.79
CA LYS B 2 13.61 -2.89 1.36
C LYS B 2 12.07 -2.97 1.16
N LYS B 3 11.61 -4.19 0.93
CA LYS B 3 10.18 -4.49 0.81
C LYS B 3 9.70 -5.07 2.16
N THR B 4 8.88 -4.27 2.84
CA THR B 4 8.23 -4.68 4.11
C THR B 4 6.89 -5.36 3.79
N GLU B 5 6.71 -6.52 4.40
CA GLU B 5 5.45 -7.29 4.36
C GLU B 5 4.43 -6.65 5.32
N VAL B 6 3.17 -6.74 4.90
CA VAL B 6 2.03 -6.35 5.73
C VAL B 6 0.93 -7.43 5.64
N GLU A 1 -4.96 9.13 -13.01
CA GLU A 1 -6.08 9.26 -12.05
C GLU A 1 -5.91 8.25 -10.89
N TYR A 2 -6.60 8.57 -9.78
CA TYR A 2 -6.66 7.71 -8.58
C TYR A 2 -8.04 7.04 -8.45
N GLU A 3 -8.01 5.76 -8.09
CA GLU A 3 -9.20 4.94 -7.79
C GLU A 3 -9.19 4.53 -6.30
N GLU A 4 -10.34 4.77 -5.67
CA GLU A 4 -10.59 4.38 -4.28
C GLU A 4 -11.18 2.96 -4.20
N ILE A 5 -10.53 2.12 -3.38
CA ILE A 5 -10.90 0.70 -3.23
C ILE A 5 -10.99 0.45 -1.71
N THR A 6 -12.14 -0.10 -1.28
CA THR A 6 -12.27 -0.64 0.10
C THR A 6 -11.83 -2.12 0.08
N LEU A 7 -11.01 -2.42 1.06
CA LEU A 7 -10.42 -3.74 1.29
C LEU A 7 -10.51 -4.04 2.80
N GLU A 8 -10.62 -5.32 3.17
CA GLU A 8 -10.56 -5.70 4.61
C GLU A 8 -9.09 -5.76 5.09
N ARG A 9 -8.87 -5.29 6.33
CA ARG A 9 -7.58 -5.41 7.01
C ARG A 9 -7.65 -6.71 7.83
N GLY A 10 -6.81 -7.69 7.45
CA GLY A 10 -6.53 -8.85 8.31
C GLY A 10 -5.84 -8.43 9.63
N ASN A 11 -6.55 -8.67 10.74
CA ASN A 11 -6.17 -8.12 12.07
C ASN A 11 -4.79 -8.57 12.64
N SER A 12 -4.48 -9.86 12.47
CA SER A 12 -3.12 -10.42 12.68
C SER A 12 -2.13 -10.28 11.49
N GLY A 13 -2.60 -10.01 10.26
CA GLY A 13 -1.74 -9.87 9.07
C GLY A 13 -2.63 -9.55 7.88
N LEU A 14 -2.31 -8.46 7.19
CA LEU A 14 -3.06 -7.98 6.00
C LEU A 14 -2.88 -8.99 4.86
N GLY A 15 -1.69 -8.99 4.23
CA GLY A 15 -1.33 -9.91 3.15
C GLY A 15 -0.93 -9.24 1.83
N PHE A 16 -0.10 -8.19 1.91
CA PHE A 16 0.34 -7.41 0.75
C PHE A 16 1.66 -6.69 1.09
N SER A 17 2.55 -6.70 0.12
CA SER A 17 3.97 -6.35 0.27
C SER A 17 4.30 -4.99 -0.34
N ILE A 18 4.65 -4.06 0.54
CA ILE A 18 4.94 -2.66 0.16
C ILE A 18 6.43 -2.48 -0.13
N ALA A 19 6.73 -2.00 -1.34
CA ALA A 19 8.02 -1.35 -1.64
C ALA A 19 7.97 0.14 -1.21
N GLY A 20 9.00 0.87 -1.61
CA GLY A 20 9.62 1.84 -0.72
C GLY A 20 9.15 3.29 -0.83
N GLY A 21 9.46 3.98 0.27
CA GLY A 21 9.17 5.41 0.45
C GLY A 21 10.41 6.30 0.45
N THR A 22 10.20 7.51 0.99
CA THR A 22 11.24 8.57 1.13
C THR A 22 12.56 8.17 1.87
N ASP A 23 12.45 7.42 2.97
CA ASP A 23 13.62 6.83 3.67
C ASP A 23 14.20 5.51 3.08
N ASN A 24 13.43 4.79 2.26
CA ASN A 24 13.77 3.45 1.77
C ASN A 24 13.27 3.49 0.31
N PRO A 25 13.99 4.00 -0.73
CA PRO A 25 13.43 4.10 -2.11
C PRO A 25 13.93 2.91 -2.95
N HIS A 26 13.01 2.15 -3.52
CA HIS A 26 13.32 1.23 -4.66
C HIS A 26 13.52 1.93 -6.04
N ILE A 27 12.85 3.07 -6.24
CA ILE A 27 12.85 3.89 -7.47
C ILE A 27 13.63 5.23 -7.22
N GLY A 28 13.84 5.97 -8.32
CA GLY A 28 14.59 7.23 -8.32
C GLY A 28 13.99 8.38 -7.47
N ASP A 29 13.49 9.40 -8.17
CA ASP A 29 12.99 10.66 -7.54
C ASP A 29 11.46 10.74 -7.36
N ASP A 30 10.73 9.61 -7.30
CA ASP A 30 9.31 9.60 -6.93
C ASP A 30 9.09 8.79 -5.63
N PRO A 31 9.45 9.31 -4.40
CA PRO A 31 9.10 8.64 -3.13
C PRO A 31 7.57 8.60 -2.89
N SER A 32 7.02 7.41 -3.09
CA SER A 32 5.57 7.18 -2.99
C SER A 32 5.40 5.68 -2.79
N ILE A 33 4.71 5.32 -1.71
CA ILE A 33 4.61 3.92 -1.23
C ILE A 33 3.77 3.12 -2.23
N PHE A 34 4.31 1.97 -2.59
CA PHE A 34 3.76 1.20 -3.72
C PHE A 34 3.81 -0.27 -3.34
N ILE A 35 2.67 -0.96 -3.49
CA ILE A 35 2.63 -2.42 -3.30
C ILE A 35 3.05 -3.05 -4.65
N THR A 36 4.23 -3.67 -4.61
CA THR A 36 4.73 -4.53 -5.71
C THR A 36 4.23 -6.00 -5.61
N LYS A 37 3.95 -6.54 -4.41
CA LYS A 37 3.61 -7.98 -4.25
C LYS A 37 2.39 -8.16 -3.32
N ILE A 38 1.74 -9.32 -3.46
CA ILE A 38 0.58 -9.75 -2.65
C ILE A 38 1.06 -11.04 -1.98
N ILE A 39 1.00 -11.09 -0.64
CA ILE A 39 1.23 -12.36 0.09
C ILE A 39 0.09 -13.38 -0.24
N PRO A 40 0.36 -14.66 -0.62
CA PRO A 40 -0.68 -15.70 -0.83
C PRO A 40 -1.51 -16.01 0.44
N GLY A 41 -2.84 -16.06 0.29
CA GLY A 41 -3.76 -15.99 1.46
C GLY A 41 -3.98 -14.61 2.11
N GLY A 42 -3.58 -13.53 1.42
CA GLY A 42 -3.67 -12.17 1.92
C GLY A 42 -4.98 -11.47 1.59
N ALA A 43 -5.12 -10.30 2.21
CA ALA A 43 -6.36 -9.52 2.16
C ALA A 43 -6.65 -8.85 0.80
N ALA A 44 -5.64 -8.33 0.06
CA ALA A 44 -5.83 -7.81 -1.32
C ALA A 44 -6.19 -8.87 -2.38
N ALA A 45 -5.60 -10.05 -2.28
CA ALA A 45 -5.96 -11.24 -3.07
C ALA A 45 -7.36 -11.87 -2.72
N GLN A 46 -7.71 -11.99 -1.43
CA GLN A 46 -9.01 -12.56 -0.95
C GLN A 46 -10.23 -11.63 -1.20
N ASP A 47 -10.11 -10.36 -0.74
CA ASP A 47 -11.20 -9.34 -0.82
C ASP A 47 -11.47 -8.89 -2.27
N GLY A 48 -10.41 -8.52 -3.01
CA GLY A 48 -10.55 -8.07 -4.40
C GLY A 48 -9.46 -8.68 -5.29
N ARG A 49 -9.11 -7.84 -6.25
CA ARG A 49 -8.21 -8.13 -7.39
C ARG A 49 -7.64 -6.82 -8.03
N LEU A 50 -7.54 -5.73 -7.24
CA LEU A 50 -6.99 -4.41 -7.64
C LEU A 50 -5.44 -4.37 -7.74
N ARG A 51 -4.86 -5.51 -8.10
CA ARG A 51 -3.43 -5.80 -8.02
C ARG A 51 -2.98 -5.98 -6.55
N VAL A 52 -1.69 -6.21 -6.49
CA VAL A 52 -0.78 -5.78 -5.41
C VAL A 52 -1.28 -4.51 -4.61
N ASN A 53 -1.23 -3.43 -5.34
CA ASN A 53 -1.82 -2.10 -5.08
C ASN A 53 -1.28 -1.15 -6.18
N ASP A 54 -0.04 -1.34 -6.67
CA ASP A 54 0.62 -0.52 -7.66
C ASP A 54 1.24 0.72 -7.02
N SER A 55 0.44 1.69 -6.56
CA SER A 55 0.93 2.99 -6.13
C SER A 55 -0.10 3.56 -5.13
N ILE A 56 -0.09 3.05 -3.89
CA ILE A 56 -0.90 3.61 -2.78
C ILE A 56 -0.39 5.04 -2.43
N LEU A 57 -1.32 5.99 -2.48
CA LEU A 57 -1.05 7.40 -2.08
C LEU A 57 -1.70 7.86 -0.76
N PHE A 58 -2.98 7.51 -0.56
CA PHE A 58 -3.74 7.81 0.67
C PHE A 58 -4.36 6.48 1.08
N VAL A 59 -4.24 6.18 2.37
CA VAL A 59 -4.88 4.99 2.98
C VAL A 59 -5.75 5.52 4.13
N ASN A 60 -7.07 5.20 4.11
CA ASN A 60 -8.07 5.71 5.10
C ASN A 60 -8.52 7.14 4.72
N GLU A 61 -7.57 8.01 4.96
CA GLU A 61 -7.62 9.48 4.88
C GLU A 61 -6.18 10.07 5.19
N VAL A 62 -5.27 9.28 5.81
CA VAL A 62 -3.89 9.67 6.17
C VAL A 62 -3.07 9.94 4.88
N ASP A 63 -2.35 11.07 4.99
CA ASP A 63 -1.37 11.54 4.01
C ASP A 63 -0.03 10.77 4.14
N VAL A 64 0.02 9.63 3.45
CA VAL A 64 1.23 8.78 3.36
C VAL A 64 1.94 9.20 2.06
N ARG A 65 1.87 8.40 0.97
CA ARG A 65 2.57 8.66 -0.32
C ARG A 65 4.07 9.04 -0.15
N GLU A 66 4.34 10.35 -0.21
CA GLU A 66 5.62 10.99 0.14
C GLU A 66 5.88 10.96 1.68
N VAL A 67 6.19 9.75 2.12
CA VAL A 67 6.38 9.38 3.52
C VAL A 67 7.47 8.27 3.50
N THR A 68 7.94 8.01 4.70
CA THR A 68 8.58 6.73 5.07
C THR A 68 7.62 5.53 4.84
N HIS A 69 8.13 4.49 4.16
CA HIS A 69 7.45 3.17 4.07
C HIS A 69 6.93 2.55 5.40
N SER A 70 7.67 2.83 6.50
CA SER A 70 7.28 2.49 7.88
C SER A 70 5.99 3.18 8.41
N ALA A 71 5.76 4.47 8.09
CA ALA A 71 4.44 5.14 8.32
C ALA A 71 3.26 4.63 7.44
N ALA A 72 3.52 4.21 6.19
CA ALA A 72 2.52 3.54 5.34
C ALA A 72 2.17 2.11 5.71
N VAL A 73 3.15 1.22 5.96
CA VAL A 73 2.88 -0.05 6.69
C VAL A 73 2.13 0.15 8.05
N GLU A 74 2.56 1.14 8.87
CA GLU A 74 1.81 1.55 10.07
C GLU A 74 0.35 1.92 9.75
N ALA A 75 0.07 2.80 8.77
CA ALA A 75 -1.29 3.16 8.32
C ALA A 75 -2.13 2.07 7.58
N LEU A 76 -1.46 1.16 6.85
CA LEU A 76 -2.04 -0.14 6.40
C LEU A 76 -2.60 -0.99 7.56
N LYS A 77 -1.79 -1.25 8.61
CA LYS A 77 -2.26 -1.90 9.87
C LYS A 77 -3.22 -1.02 10.74
N GLU A 78 -2.93 0.28 10.87
CA GLU A 78 -3.86 1.28 11.47
C GLU A 78 -5.17 1.58 10.68
N ALA A 79 -5.34 1.01 9.49
CA ALA A 79 -6.65 0.84 8.86
C ALA A 79 -7.74 0.15 9.71
N GLY A 80 -7.36 -0.84 10.54
CA GLY A 80 -8.20 -1.33 11.65
C GLY A 80 -9.50 -1.98 11.16
N SER A 81 -9.38 -3.25 10.72
CA SER A 81 -10.48 -4.02 10.07
C SER A 81 -10.86 -3.64 8.60
N ILE A 82 -10.65 -2.38 8.16
CA ILE A 82 -11.13 -1.84 6.86
C ILE A 82 -10.05 -0.84 6.36
N VAL A 83 -9.34 -1.27 5.33
CA VAL A 83 -8.32 -0.50 4.59
C VAL A 83 -9.04 0.19 3.42
N ARG A 84 -9.06 1.52 3.47
CA ARG A 84 -9.56 2.34 2.37
C ARG A 84 -8.34 2.80 1.53
N LEU A 85 -8.12 2.10 0.44
CA LEU A 85 -6.94 2.32 -0.43
C LEU A 85 -7.29 3.37 -1.52
N TYR A 86 -6.31 4.22 -1.84
CA TYR A 86 -6.43 5.18 -2.95
C TYR A 86 -5.12 5.02 -3.76
N VAL A 87 -5.27 4.53 -5.00
CA VAL A 87 -4.11 4.21 -5.87
C VAL A 87 -4.24 5.09 -7.13
N MET A 88 -3.18 5.86 -7.41
CA MET A 88 -2.97 6.52 -8.72
C MET A 88 -1.79 5.90 -9.46
N ARG A 89 -2.03 5.65 -10.75
CA ARG A 89 -0.96 5.27 -11.68
C ARG A 89 -0.42 6.52 -12.40
N ARG A 90 0.91 6.57 -12.49
CA ARG A 90 1.61 7.70 -13.12
C ARG A 90 1.73 7.45 -14.64
N LYS A 91 1.19 8.40 -15.41
CA LYS A 91 1.38 8.46 -16.88
C LYS A 91 2.87 8.70 -17.29
N PRO A 92 3.62 9.75 -16.85
CA PRO A 92 5.07 9.88 -17.13
C PRO A 92 5.90 8.70 -16.49
N PRO A 93 6.71 7.90 -17.25
CA PRO A 93 7.50 6.77 -16.68
C PRO A 93 8.59 7.25 -15.70
N TYR B 1 16.86 -0.18 -0.44
CA TYR B 1 15.45 -0.37 -0.06
C TYR B 1 15.28 -1.67 0.80
N LYS B 2 14.02 -1.85 1.23
CA LYS B 2 13.55 -3.07 1.92
C LYS B 2 12.02 -3.04 1.80
N LYS B 3 11.50 -4.12 1.21
CA LYS B 3 10.05 -4.32 1.11
C LYS B 3 9.52 -4.91 2.44
N THR B 4 8.56 -4.19 3.04
CA THR B 4 7.81 -4.73 4.20
C THR B 4 6.69 -5.65 3.67
N GLU B 5 6.68 -6.85 4.22
CA GLU B 5 5.70 -7.91 3.89
C GLU B 5 4.55 -7.73 4.91
N VAL B 6 3.45 -7.15 4.43
CA VAL B 6 2.34 -6.68 5.31
C VAL B 6 1.25 -7.79 5.32
N GLU A 1 -5.41 9.69 -12.66
CA GLU A 1 -6.48 9.65 -11.63
C GLU A 1 -6.19 8.59 -10.55
N TYR A 2 -6.97 8.69 -9.45
CA TYR A 2 -6.87 7.80 -8.28
C TYR A 2 -8.13 6.90 -8.16
N GLU A 3 -7.88 5.62 -7.88
CA GLU A 3 -8.92 4.61 -7.64
C GLU A 3 -9.06 4.36 -6.12
N GLU A 4 -10.31 4.25 -5.69
CA GLU A 4 -10.66 4.01 -4.26
C GLU A 4 -11.14 2.55 -4.16
N ILE A 5 -10.51 1.80 -3.25
CA ILE A 5 -10.77 0.36 -3.10
C ILE A 5 -10.72 0.06 -1.58
N THR A 6 -11.89 -0.29 -1.03
CA THR A 6 -12.00 -0.79 0.35
C THR A 6 -11.73 -2.32 0.33
N LEU A 7 -10.82 -2.70 1.22
CA LEU A 7 -10.32 -4.08 1.36
C LEU A 7 -10.25 -4.38 2.86
N GLU A 8 -10.85 -5.49 3.29
CA GLU A 8 -10.83 -5.89 4.71
C GLU A 8 -9.43 -6.38 5.12
N ARG A 9 -8.88 -5.86 6.23
CA ARG A 9 -7.61 -6.36 6.79
C ARG A 9 -7.86 -7.71 7.48
N GLY A 10 -7.10 -8.71 7.01
CA GLY A 10 -7.06 -10.03 7.65
C GLY A 10 -6.47 -9.98 9.07
N ASN A 11 -6.87 -10.98 9.85
CA ASN A 11 -6.50 -11.11 11.28
C ASN A 11 -4.97 -11.31 11.51
N SER A 12 -4.39 -12.29 10.80
CA SER A 12 -2.92 -12.57 10.80
C SER A 12 -2.14 -12.02 9.57
N GLY A 13 -2.82 -11.63 8.46
CA GLY A 13 -2.17 -11.08 7.27
C GLY A 13 -3.16 -10.20 6.52
N LEU A 14 -2.82 -8.92 6.38
CA LEU A 14 -3.53 -7.99 5.46
C LEU A 14 -3.43 -8.39 3.95
N GLY A 15 -2.31 -8.96 3.50
CA GLY A 15 -2.21 -9.60 2.17
C GLY A 15 -1.50 -8.79 1.09
N PHE A 16 -0.39 -8.14 1.45
CA PHE A 16 0.43 -7.32 0.54
C PHE A 16 1.91 -7.29 1.00
N SER A 17 2.76 -6.84 0.09
CA SER A 17 4.17 -6.50 0.37
C SER A 17 4.46 -5.16 -0.32
N ILE A 18 4.88 -4.22 0.53
CA ILE A 18 5.16 -2.84 0.13
C ILE A 18 6.64 -2.67 -0.26
N ALA A 19 6.90 -2.01 -1.38
CA ALA A 19 8.20 -1.38 -1.65
C ALA A 19 8.22 0.06 -1.08
N GLY A 20 9.32 0.76 -1.35
CA GLY A 20 9.87 1.72 -0.39
C GLY A 20 9.47 3.19 -0.60
N GLY A 21 9.63 3.91 0.50
CA GLY A 21 9.25 5.33 0.62
C GLY A 21 10.46 6.25 0.69
N THR A 22 10.27 7.49 1.11
CA THR A 22 11.36 8.52 1.19
C THR A 22 12.69 8.16 1.89
N ASP A 23 12.63 7.41 3.00
CA ASP A 23 13.83 6.82 3.67
C ASP A 23 14.48 5.60 2.95
N ASN A 24 13.73 4.87 2.12
CA ASN A 24 14.20 3.67 1.38
C ASN A 24 13.54 3.81 -0.04
N PRO A 25 13.94 4.69 -1.00
CA PRO A 25 13.09 5.01 -2.18
C PRO A 25 13.65 4.36 -3.46
N HIS A 26 12.89 3.43 -4.05
CA HIS A 26 13.31 2.72 -5.30
C HIS A 26 12.52 3.15 -6.57
N ILE A 27 11.20 3.28 -6.48
CA ILE A 27 10.27 2.99 -7.60
C ILE A 27 9.76 4.34 -8.15
N GLY A 28 9.64 4.40 -9.47
CA GLY A 28 8.98 5.53 -10.17
C GLY A 28 9.85 6.78 -10.16
N ASP A 29 9.38 7.79 -9.40
CA ASP A 29 10.18 9.00 -9.08
C ASP A 29 11.21 8.84 -7.90
N ASP A 30 11.26 7.68 -7.21
CA ASP A 30 12.05 7.42 -5.98
C ASP A 30 11.08 7.45 -4.77
N PRO A 31 10.64 8.60 -4.17
CA PRO A 31 9.92 8.62 -2.87
C PRO A 31 8.39 8.62 -3.05
N SER A 32 7.86 7.41 -3.10
CA SER A 32 6.41 7.17 -3.21
C SER A 32 6.23 5.75 -2.70
N ILE A 33 5.16 5.52 -1.94
CA ILE A 33 4.90 4.19 -1.32
C ILE A 33 4.26 3.33 -2.40
N PHE A 34 4.84 2.13 -2.54
CA PHE A 34 4.30 1.13 -3.44
C PHE A 34 3.92 -0.13 -2.67
N ILE A 35 2.90 -0.81 -3.20
CA ILE A 35 2.80 -2.28 -3.08
C ILE A 35 3.15 -2.80 -4.48
N THR A 36 4.28 -3.51 -4.55
CA THR A 36 4.66 -4.30 -5.74
C THR A 36 4.35 -5.83 -5.65
N LYS A 37 3.89 -6.34 -4.49
CA LYS A 37 3.62 -7.77 -4.26
C LYS A 37 2.36 -7.92 -3.39
N ILE A 38 1.64 -9.01 -3.67
CA ILE A 38 0.38 -9.39 -2.99
C ILE A 38 0.79 -10.61 -2.14
N ILE A 39 0.56 -10.56 -0.82
CA ILE A 39 0.75 -11.76 0.05
C ILE A 39 -0.32 -12.84 -0.33
N PRO A 40 0.08 -14.05 -0.82
CA PRO A 40 -0.86 -15.17 -1.09
C PRO A 40 -1.46 -15.76 0.21
N GLY A 41 -2.74 -16.13 0.15
CA GLY A 41 -3.49 -16.48 1.39
C GLY A 41 -3.91 -15.32 2.33
N GLY A 42 -3.46 -14.07 2.06
CA GLY A 42 -3.88 -12.89 2.82
C GLY A 42 -5.21 -12.34 2.34
N ALA A 43 -5.52 -11.16 2.89
CA ALA A 43 -6.82 -10.53 2.66
C ALA A 43 -7.08 -10.04 1.22
N ALA A 44 -6.09 -9.40 0.56
CA ALA A 44 -6.26 -8.94 -0.83
C ALA A 44 -6.40 -9.95 -1.96
N ALA A 45 -5.85 -11.17 -1.77
CA ALA A 45 -6.15 -12.33 -2.63
C ALA A 45 -7.65 -12.77 -2.64
N GLN A 46 -8.29 -12.86 -1.45
CA GLN A 46 -9.75 -13.14 -1.29
C GLN A 46 -10.65 -11.93 -1.66
N ASP A 47 -10.40 -10.76 -1.03
CA ASP A 47 -11.20 -9.52 -1.21
C ASP A 47 -11.18 -9.04 -2.69
N GLY A 48 -9.98 -9.06 -3.32
CA GLY A 48 -9.81 -8.95 -4.78
C GLY A 48 -10.37 -7.65 -5.34
N ARG A 49 -9.70 -6.56 -4.95
CA ARG A 49 -10.14 -5.18 -5.28
C ARG A 49 -9.24 -4.53 -6.34
N LEU A 50 -7.93 -4.81 -6.25
CA LEU A 50 -6.92 -4.18 -7.08
C LEU A 50 -5.85 -5.28 -7.39
N ARG A 51 -4.71 -4.78 -7.82
CA ARG A 51 -3.46 -5.54 -7.86
C ARG A 51 -2.84 -5.72 -6.45
N VAL A 52 -1.51 -5.77 -6.48
CA VAL A 52 -0.60 -5.34 -5.41
C VAL A 52 -1.09 -4.04 -4.69
N ASN A 53 -1.08 -2.94 -5.40
CA ASN A 53 -1.51 -1.56 -4.98
C ASN A 53 -0.85 -0.56 -5.94
N ASP A 54 0.41 -0.80 -6.32
CA ASP A 54 1.21 0.01 -7.23
C ASP A 54 1.47 1.34 -6.53
N SER A 55 0.78 2.41 -6.86
CA SER A 55 1.10 3.75 -6.32
C SER A 55 0.12 4.11 -5.18
N ILE A 56 0.23 3.41 -4.03
CA ILE A 56 -0.56 3.73 -2.81
C ILE A 56 -0.10 5.10 -2.24
N LEU A 57 -1.09 5.98 -2.11
CA LEU A 57 -0.90 7.34 -1.59
C LEU A 57 -1.63 7.64 -0.29
N PHE A 58 -2.92 7.27 -0.25
CA PHE A 58 -3.78 7.53 0.91
C PHE A 58 -4.25 6.15 1.40
N VAL A 59 -4.29 6.06 2.73
CA VAL A 59 -4.76 4.85 3.42
C VAL A 59 -5.78 5.42 4.42
N ASN A 60 -7.09 5.14 4.21
CA ASN A 60 -8.19 5.60 5.10
C ASN A 60 -8.58 7.04 4.71
N GLU A 61 -7.76 7.91 5.29
CA GLU A 61 -7.76 9.37 5.14
C GLU A 61 -6.32 9.94 5.39
N VAL A 62 -5.38 9.17 5.99
CA VAL A 62 -3.96 9.53 6.17
C VAL A 62 -3.28 9.69 4.78
N ASP A 63 -2.49 10.75 4.73
CA ASP A 63 -1.69 11.15 3.56
C ASP A 63 -0.23 10.71 3.80
N VAL A 64 0.09 9.55 3.23
CA VAL A 64 1.44 8.94 3.31
C VAL A 64 2.21 9.34 2.04
N ARG A 65 2.32 8.45 1.01
CA ARG A 65 3.07 8.68 -0.26
C ARG A 65 4.54 9.17 -0.12
N GLU A 66 4.69 10.49 0.03
CA GLU A 66 5.95 11.16 0.42
C GLU A 66 6.20 11.04 1.95
N VAL A 67 6.47 9.80 2.34
CA VAL A 67 6.70 9.38 3.73
C VAL A 67 7.73 8.23 3.66
N THR A 68 8.25 7.88 4.83
CA THR A 68 8.86 6.55 5.07
C THR A 68 7.81 5.42 4.85
N HIS A 69 8.21 4.36 4.12
CA HIS A 69 7.43 3.09 4.01
C HIS A 69 6.86 2.48 5.32
N SER A 70 7.60 2.64 6.42
CA SER A 70 7.20 2.27 7.78
C SER A 70 5.93 2.99 8.32
N ALA A 71 5.72 4.30 8.03
CA ALA A 71 4.43 5.00 8.28
C ALA A 71 3.25 4.59 7.35
N ALA A 72 3.51 4.26 6.08
CA ALA A 72 2.50 3.71 5.14
C ALA A 72 2.08 2.25 5.36
N VAL A 73 3.05 1.36 5.61
CA VAL A 73 2.77 0.06 6.28
C VAL A 73 2.06 0.17 7.64
N GLU A 74 2.45 1.12 8.50
CA GLU A 74 1.69 1.44 9.71
C GLU A 74 0.25 1.92 9.43
N ALA A 75 0.01 2.85 8.48
CA ALA A 75 -1.34 3.26 8.04
C ALA A 75 -2.25 2.15 7.45
N LEU A 76 -1.67 1.15 6.78
CA LEU A 76 -2.31 -0.15 6.45
C LEU A 76 -2.80 -0.97 7.68
N LYS A 77 -1.95 -1.13 8.71
CA LYS A 77 -2.34 -1.67 10.05
C LYS A 77 -3.34 -0.76 10.84
N GLU A 78 -3.06 0.55 10.86
CA GLU A 78 -3.93 1.61 11.44
C GLU A 78 -5.32 1.82 10.80
N ALA A 79 -5.51 1.32 9.58
CA ALA A 79 -6.85 1.07 9.03
C ALA A 79 -7.86 0.22 9.83
N GLY A 80 -7.38 -0.60 10.78
CA GLY A 80 -8.22 -1.35 11.71
C GLY A 80 -8.52 -2.74 11.11
N SER A 81 -9.80 -3.08 11.02
CA SER A 81 -10.23 -4.27 10.23
C SER A 81 -10.58 -3.98 8.73
N ILE A 82 -10.46 -2.73 8.24
CA ILE A 82 -11.02 -2.27 6.95
C ILE A 82 -10.08 -1.16 6.41
N VAL A 83 -9.41 -1.53 5.33
CA VAL A 83 -8.33 -0.72 4.70
C VAL A 83 -8.92 -0.06 3.46
N ARG A 84 -8.95 1.28 3.51
CA ARG A 84 -9.40 2.08 2.36
C ARG A 84 -8.14 2.52 1.60
N LEU A 85 -7.88 1.81 0.51
CA LEU A 85 -6.64 2.00 -0.26
C LEU A 85 -6.96 2.95 -1.42
N TYR A 86 -6.03 3.86 -1.63
CA TYR A 86 -6.11 4.88 -2.70
C TYR A 86 -4.82 4.71 -3.51
N VAL A 87 -4.98 4.54 -4.82
CA VAL A 87 -3.84 4.40 -5.76
C VAL A 87 -4.12 5.36 -6.95
N MET A 88 -3.16 6.27 -7.17
CA MET A 88 -3.13 7.15 -8.35
C MET A 88 -1.89 6.77 -9.16
N ARG A 89 -2.16 6.48 -10.43
CA ARG A 89 -1.12 6.03 -11.36
C ARG A 89 -0.60 7.28 -12.10
N ARG A 90 0.68 7.58 -11.85
CA ARG A 90 1.45 8.54 -12.68
C ARG A 90 1.46 8.14 -14.17
N LYS A 91 1.62 9.15 -15.03
CA LYS A 91 1.61 8.94 -16.49
C LYS A 91 2.96 8.28 -16.92
N PRO A 92 2.97 7.09 -17.59
CA PRO A 92 4.21 6.37 -17.96
C PRO A 92 5.24 7.25 -18.73
N PRO A 93 6.51 7.48 -18.25
CA PRO A 93 7.48 8.38 -18.92
C PRO A 93 7.91 7.87 -20.32
N TYR B 1 17.22 -0.85 -1.17
CA TYR B 1 15.78 -0.80 -0.84
C TYR B 1 15.32 -2.14 -0.21
N LYS B 2 14.31 -2.05 0.67
CA LYS B 2 13.69 -3.23 1.30
C LYS B 2 12.16 -3.17 1.15
N LYS B 3 11.60 -4.37 1.04
CA LYS B 3 10.15 -4.57 0.89
C LYS B 3 9.62 -5.17 2.22
N THR B 4 8.79 -4.37 2.91
CA THR B 4 8.08 -4.82 4.13
C THR B 4 6.77 -5.55 3.73
N GLU B 5 6.52 -6.67 4.43
CA GLU B 5 5.29 -7.47 4.27
C GLU B 5 4.16 -6.89 5.16
N VAL B 6 2.92 -7.14 4.75
CA VAL B 6 1.71 -6.54 5.35
C VAL B 6 0.52 -7.35 4.80
N GLU A 1 -5.42 11.41 -11.11
CA GLU A 1 -6.42 10.33 -11.04
C GLU A 1 -6.03 9.37 -9.90
N TYR A 2 -7.00 9.13 -9.01
CA TYR A 2 -6.84 8.22 -7.87
C TYR A 2 -8.02 7.20 -7.84
N GLU A 3 -7.65 5.96 -7.52
CA GLU A 3 -8.54 4.79 -7.49
C GLU A 3 -8.83 4.49 -6.00
N GLU A 4 -10.11 4.25 -5.70
CA GLU A 4 -10.59 4.06 -4.32
C GLU A 4 -10.85 2.55 -4.14
N ILE A 5 -10.12 1.95 -3.20
CA ILE A 5 -10.04 0.48 -3.04
C ILE A 5 -10.14 0.20 -1.54
N THR A 6 -11.31 -0.26 -1.09
CA THR A 6 -11.51 -0.71 0.30
C THR A 6 -11.40 -2.24 0.32
N LEU A 7 -10.50 -2.73 1.19
CA LEU A 7 -10.26 -4.18 1.38
C LEU A 7 -10.38 -4.48 2.89
N GLU A 8 -10.95 -5.64 3.23
CA GLU A 8 -11.18 -6.03 4.64
C GLU A 8 -9.94 -6.74 5.22
N ARG A 9 -9.13 -5.96 5.97
CA ARG A 9 -7.86 -6.41 6.59
C ARG A 9 -7.19 -5.30 7.44
N GLY A 10 -6.08 -5.66 8.07
CA GLY A 10 -5.29 -4.74 8.90
C GLY A 10 -5.04 -5.43 10.23
N ASN A 11 -4.74 -4.55 11.18
CA ASN A 11 -4.58 -4.89 12.62
C ASN A 11 -3.20 -5.58 12.80
N SER A 12 -3.25 -6.92 12.68
CA SER A 12 -2.09 -7.82 12.75
C SER A 12 -1.67 -8.43 11.36
N GLY A 13 -2.54 -8.42 10.34
CA GLY A 13 -2.25 -9.08 9.05
C GLY A 13 -3.18 -8.53 7.96
N LEU A 14 -2.52 -8.14 6.88
CA LEU A 14 -3.14 -7.64 5.66
C LEU A 14 -3.00 -8.73 4.58
N GLY A 15 -1.77 -9.06 4.17
CA GLY A 15 -1.51 -9.96 3.03
C GLY A 15 -1.13 -9.31 1.71
N PHE A 16 -0.34 -8.23 1.75
CA PHE A 16 0.32 -7.64 0.57
C PHE A 16 1.67 -7.03 1.07
N SER A 17 2.57 -6.84 0.13
CA SER A 17 3.88 -6.23 0.35
C SER A 17 3.88 -4.79 -0.09
N ILE A 18 4.79 -4.02 0.51
CA ILE A 18 5.01 -2.63 0.15
C ILE A 18 6.52 -2.43 -0.08
N ALA A 19 6.84 -1.77 -1.20
CA ALA A 19 8.16 -1.18 -1.40
C ALA A 19 8.14 0.28 -0.89
N GLY A 20 9.22 0.96 -1.22
CA GLY A 20 9.79 1.94 -0.30
C GLY A 20 9.35 3.38 -0.55
N GLY A 21 9.54 4.13 0.54
CA GLY A 21 9.13 5.53 0.62
C GLY A 21 10.33 6.48 0.60
N THR A 22 10.12 7.68 1.11
CA THR A 22 11.14 8.76 1.11
C THR A 22 12.53 8.44 1.75
N ASP A 23 12.54 7.71 2.86
CA ASP A 23 13.79 7.16 3.46
C ASP A 23 14.45 5.94 2.73
N ASN A 24 13.66 5.17 1.97
CA ASN A 24 14.12 3.94 1.28
C ASN A 24 13.40 4.02 -0.09
N PRO A 25 13.84 4.75 -1.16
CA PRO A 25 12.98 4.94 -2.36
C PRO A 25 13.50 4.11 -3.56
N HIS A 26 12.67 3.17 -4.05
CA HIS A 26 13.04 2.28 -5.17
C HIS A 26 12.36 2.61 -6.53
N ILE A 27 11.07 2.99 -6.52
CA ILE A 27 10.12 2.68 -7.61
C ILE A 27 9.70 4.03 -8.25
N GLY A 28 9.74 4.06 -9.58
CA GLY A 28 9.12 5.14 -10.38
C GLY A 28 9.87 6.47 -10.24
N ASP A 29 9.22 7.40 -9.55
CA ASP A 29 9.84 8.70 -9.14
C ASP A 29 10.83 8.63 -7.94
N ASP A 30 10.94 7.49 -7.22
CA ASP A 30 11.79 7.30 -6.01
C ASP A 30 10.85 7.39 -4.76
N PRO A 31 10.49 8.56 -4.16
CA PRO A 31 9.89 8.65 -2.81
C PRO A 31 8.34 8.65 -2.84
N SER A 32 7.79 7.45 -2.97
CA SER A 32 6.34 7.24 -3.08
C SER A 32 6.12 5.80 -2.63
N ILE A 33 5.11 5.60 -1.78
CA ILE A 33 4.82 4.27 -1.21
C ILE A 33 4.12 3.47 -2.31
N PHE A 34 4.75 2.34 -2.63
CA PHE A 34 4.21 1.38 -3.60
C PHE A 34 3.87 0.10 -2.84
N ILE A 35 2.87 -0.60 -3.37
CA ILE A 35 2.60 -1.99 -2.98
C ILE A 35 3.36 -2.87 -4.01
N THR A 36 4.26 -3.74 -3.54
CA THR A 36 5.05 -4.66 -4.39
C THR A 36 4.25 -5.91 -4.85
N LYS A 37 3.68 -6.65 -3.87
CA LYS A 37 3.16 -8.01 -4.08
C LYS A 37 1.97 -8.29 -3.18
N ILE A 38 1.27 -9.34 -3.59
CA ILE A 38 -0.03 -9.75 -3.07
C ILE A 38 0.36 -11.05 -2.36
N ILE A 39 0.44 -11.02 -1.02
CA ILE A 39 0.88 -12.18 -0.24
C ILE A 39 -0.18 -13.32 -0.42
N PRO A 40 0.17 -14.51 -0.99
CA PRO A 40 -0.74 -15.67 -1.06
C PRO A 40 -1.20 -16.18 0.32
N GLY A 41 -2.50 -16.43 0.45
CA GLY A 41 -3.10 -16.77 1.77
C GLY A 41 -3.53 -15.62 2.70
N GLY A 42 -3.27 -14.35 2.33
CA GLY A 42 -3.74 -13.19 3.09
C GLY A 42 -5.11 -12.69 2.63
N ALA A 43 -5.48 -11.56 3.22
CA ALA A 43 -6.77 -10.91 2.92
C ALA A 43 -6.91 -10.25 1.53
N ALA A 44 -5.84 -9.68 0.94
CA ALA A 44 -5.81 -9.36 -0.52
C ALA A 44 -6.15 -10.55 -1.43
N ALA A 45 -5.62 -11.75 -1.14
CA ALA A 45 -5.98 -12.97 -1.91
C ALA A 45 -7.50 -13.29 -2.02
N GLN A 46 -8.25 -13.09 -0.91
CA GLN A 46 -9.73 -13.23 -0.87
C GLN A 46 -10.50 -12.10 -1.60
N ASP A 47 -10.23 -10.81 -1.28
CA ASP A 47 -11.08 -9.67 -1.72
C ASP A 47 -10.61 -8.95 -3.03
N GLY A 48 -9.30 -8.95 -3.34
CA GLY A 48 -8.78 -8.38 -4.59
C GLY A 48 -7.31 -8.80 -4.76
N ARG A 49 -7.09 -9.99 -5.37
CA ARG A 49 -5.73 -10.57 -5.53
C ARG A 49 -5.07 -10.09 -6.84
N LEU A 50 -4.73 -8.82 -6.91
CA LEU A 50 -4.14 -8.21 -8.13
C LEU A 50 -3.45 -6.88 -7.79
N ARG A 51 -2.92 -6.24 -8.86
CA ARG A 51 -2.70 -4.75 -8.93
C ARG A 51 -1.95 -4.06 -7.77
N VAL A 52 -1.12 -4.80 -7.10
CA VAL A 52 -0.31 -4.35 -5.96
C VAL A 52 0.40 -3.04 -6.25
N ASN A 53 1.24 -2.98 -7.28
CA ASN A 53 1.77 -1.73 -7.91
C ASN A 53 0.79 -0.56 -8.17
N ASP A 54 0.40 0.05 -7.06
CA ASP A 54 -0.65 1.06 -6.97
C ASP A 54 -0.09 2.03 -5.92
N SER A 55 0.12 3.27 -6.38
CA SER A 55 0.85 4.31 -5.64
C SER A 55 -0.03 4.85 -4.47
N ILE A 56 0.04 4.17 -3.31
CA ILE A 56 -0.78 4.51 -2.13
C ILE A 56 -0.43 5.92 -1.61
N LEU A 57 -1.44 6.77 -1.69
CA LEU A 57 -1.43 8.16 -1.17
C LEU A 57 -2.06 8.30 0.22
N PHE A 58 -3.25 7.73 0.40
CA PHE A 58 -4.04 7.87 1.63
C PHE A 58 -4.55 6.47 1.96
N VAL A 59 -4.30 6.07 3.20
CA VAL A 59 -4.85 4.82 3.78
C VAL A 59 -5.65 5.27 5.03
N ASN A 60 -6.96 4.93 5.07
CA ASN A 60 -7.91 5.40 6.13
C ASN A 60 -8.39 6.85 5.87
N GLU A 61 -7.40 7.73 5.96
CA GLU A 61 -7.48 9.20 6.12
C GLU A 61 -6.04 9.82 6.26
N VAL A 62 -5.03 9.02 6.73
CA VAL A 62 -3.62 9.46 6.89
C VAL A 62 -2.98 9.65 5.49
N ASP A 63 -2.26 10.77 5.40
CA ASP A 63 -1.49 11.16 4.21
C ASP A 63 -0.06 10.55 4.29
N VAL A 64 0.10 9.44 3.56
CA VAL A 64 1.41 8.75 3.39
C VAL A 64 2.05 9.27 2.08
N ARG A 65 2.33 8.40 1.09
CA ARG A 65 3.06 8.72 -0.18
C ARG A 65 4.47 9.35 0.00
N GLU A 66 4.47 10.65 0.31
CA GLU A 66 5.63 11.44 0.76
C GLU A 66 5.91 11.22 2.28
N VAL A 67 6.31 9.99 2.57
CA VAL A 67 6.59 9.50 3.92
C VAL A 67 7.63 8.36 3.75
N THR A 68 8.19 7.95 4.88
CA THR A 68 8.82 6.61 5.03
C THR A 68 7.75 5.49 4.87
N HIS A 69 8.06 4.46 4.08
CA HIS A 69 7.25 3.20 3.99
C HIS A 69 6.81 2.52 5.31
N SER A 70 7.64 2.63 6.34
CA SER A 70 7.34 2.20 7.72
C SER A 70 6.11 2.92 8.39
N ALA A 71 5.92 4.23 8.16
CA ALA A 71 4.65 4.93 8.50
C ALA A 71 3.41 4.52 7.64
N ALA A 72 3.60 4.27 6.33
CA ALA A 72 2.56 3.67 5.48
C ALA A 72 2.13 2.27 5.84
N VAL A 73 3.06 1.33 5.98
CA VAL A 73 2.77 0.01 6.56
C VAL A 73 2.11 0.03 7.97
N GLU A 74 2.55 0.94 8.86
CA GLU A 74 1.90 1.14 10.17
C GLU A 74 0.45 1.69 10.07
N ALA A 75 0.15 2.63 9.17
CA ALA A 75 -1.24 3.02 8.83
C ALA A 75 -2.10 1.96 8.08
N LEU A 76 -1.49 1.13 7.22
CA LEU A 76 -2.03 -0.18 6.74
C LEU A 76 -2.44 -1.15 7.90
N LYS A 77 -1.55 -1.37 8.89
CA LYS A 77 -1.90 -2.08 10.16
C LYS A 77 -2.91 -1.34 11.06
N GLU A 78 -2.78 -0.01 11.22
CA GLU A 78 -3.79 0.83 11.92
C GLU A 78 -5.19 0.93 11.27
N ALA A 79 -5.31 0.59 9.98
CA ALA A 79 -6.59 0.31 9.33
C ALA A 79 -7.53 -0.71 10.01
N GLY A 80 -6.97 -1.82 10.50
CA GLY A 80 -7.62 -2.64 11.53
C GLY A 80 -8.83 -3.42 11.04
N SER A 81 -8.61 -4.48 10.24
CA SER A 81 -9.71 -5.24 9.57
C SER A 81 -10.53 -4.52 8.43
N ILE A 82 -10.25 -3.23 8.15
CA ILE A 82 -10.79 -2.46 7.00
C ILE A 82 -9.70 -1.44 6.57
N VAL A 83 -8.98 -1.74 5.48
CA VAL A 83 -8.07 -0.77 4.79
C VAL A 83 -8.89 0.07 3.80
N ARG A 84 -8.87 1.40 3.97
CA ARG A 84 -9.45 2.33 2.99
C ARG A 84 -8.30 2.92 2.15
N LEU A 85 -7.95 2.21 1.09
CA LEU A 85 -6.75 2.54 0.28
C LEU A 85 -7.20 3.48 -0.87
N TYR A 86 -6.39 4.51 -1.10
CA TYR A 86 -6.60 5.50 -2.16
C TYR A 86 -5.23 5.63 -2.85
N VAL A 87 -5.20 5.29 -4.13
CA VAL A 87 -3.92 5.08 -4.87
C VAL A 87 -3.95 5.96 -6.14
N MET A 88 -2.89 6.71 -6.45
CA MET A 88 -2.82 7.50 -7.69
C MET A 88 -2.14 6.71 -8.84
N ARG A 89 -2.62 7.04 -10.04
CA ARG A 89 -1.94 6.72 -11.30
C ARG A 89 -1.08 7.91 -11.71
N ARG A 90 0.22 7.61 -11.90
CA ARG A 90 1.20 8.58 -12.43
C ARG A 90 0.78 9.22 -13.79
N LYS A 91 0.52 8.38 -14.81
CA LYS A 91 0.14 8.81 -16.15
C LYS A 91 -0.19 7.58 -17.01
N PRO A 92 -1.41 7.40 -17.63
CA PRO A 92 -1.70 6.29 -18.56
C PRO A 92 -1.03 6.50 -19.96
N PRO A 93 -0.08 5.66 -20.45
CA PRO A 93 0.54 5.82 -21.79
C PRO A 93 -0.47 5.54 -22.94
N TYR B 1 17.30 -0.66 -1.01
CA TYR B 1 15.87 -0.62 -0.66
C TYR B 1 15.46 -1.84 0.23
N LYS B 2 14.26 -1.71 0.82
CA LYS B 2 13.61 -2.81 1.57
C LYS B 2 12.10 -2.84 1.26
N LYS B 3 11.61 -4.07 1.11
CA LYS B 3 10.17 -4.35 0.98
C LYS B 3 9.65 -4.91 2.33
N THR B 4 8.62 -4.23 2.86
CA THR B 4 7.89 -4.71 4.06
C THR B 4 6.68 -5.56 3.63
N GLU B 5 6.59 -6.74 4.22
CA GLU B 5 5.58 -7.76 3.86
C GLU B 5 4.52 -7.70 4.96
N VAL B 6 3.40 -7.04 4.65
CA VAL B 6 2.31 -6.83 5.62
C VAL B 6 1.14 -7.80 5.39
N GLU A 1 -5.79 11.05 -10.63
CA GLU A 1 -6.44 9.74 -10.76
C GLU A 1 -6.18 8.97 -9.47
N TYR A 2 -7.22 8.87 -8.62
CA TYR A 2 -7.14 8.18 -7.31
C TYR A 2 -8.31 7.19 -7.18
N GLU A 3 -7.96 5.98 -6.73
CA GLU A 3 -8.91 4.87 -6.57
C GLU A 3 -9.08 4.56 -5.06
N GLU A 4 -10.33 4.28 -4.70
CA GLU A 4 -10.75 3.99 -3.32
C GLU A 4 -11.25 2.53 -3.26
N ILE A 5 -10.53 1.72 -2.47
CA ILE A 5 -10.71 0.27 -2.41
C ILE A 5 -10.72 -0.08 -0.91
N THR A 6 -11.79 -0.76 -0.48
CA THR A 6 -11.85 -1.37 0.87
C THR A 6 -11.47 -2.86 0.71
N LEU A 7 -10.47 -3.26 1.49
CA LEU A 7 -9.90 -4.62 1.48
C LEU A 7 -9.99 -5.18 2.91
N GLU A 8 -10.38 -6.44 3.02
CA GLU A 8 -10.67 -7.08 4.34
C GLU A 8 -9.61 -8.15 4.60
N ARG A 9 -9.04 -8.12 5.81
CA ARG A 9 -8.12 -9.16 6.28
C ARG A 9 -8.05 -9.19 7.83
N GLY A 10 -6.90 -8.81 8.40
CA GLY A 10 -6.61 -8.92 9.83
C GLY A 10 -5.85 -10.20 10.16
N ASN A 11 -6.03 -10.63 11.42
CA ASN A 11 -5.38 -11.85 11.96
C ASN A 11 -3.85 -11.61 12.20
N SER A 12 -3.05 -11.92 11.18
CA SER A 12 -1.58 -11.74 11.15
C SER A 12 -1.09 -10.53 10.27
N GLY A 13 -1.94 -10.01 9.37
CA GLY A 13 -1.62 -8.85 8.54
C GLY A 13 -2.82 -8.48 7.67
N LEU A 14 -2.44 -7.94 6.54
CA LEU A 14 -3.34 -7.45 5.45
C LEU A 14 -2.94 -8.01 4.07
N GLY A 15 -1.83 -8.77 3.96
CA GLY A 15 -1.52 -9.64 2.84
C GLY A 15 -1.11 -9.02 1.50
N PHE A 16 -0.26 -8.00 1.60
CA PHE A 16 0.33 -7.30 0.46
C PHE A 16 1.61 -6.64 0.97
N SER A 17 2.67 -6.90 0.24
CA SER A 17 3.99 -6.33 0.49
C SER A 17 4.13 -4.95 -0.19
N ILE A 18 4.87 -4.10 0.52
CA ILE A 18 5.11 -2.69 0.13
C ILE A 18 6.61 -2.46 -0.07
N ALA A 19 6.97 -1.92 -1.23
CA ALA A 19 8.26 -1.23 -1.44
C ALA A 19 8.23 0.20 -0.85
N GLY A 20 9.24 0.97 -1.24
CA GLY A 20 9.85 1.93 -0.34
C GLY A 20 9.32 3.35 -0.45
N GLY A 21 9.58 4.05 0.65
CA GLY A 21 9.21 5.46 0.83
C GLY A 21 10.41 6.40 0.73
N THR A 22 10.20 7.61 1.27
CA THR A 22 11.19 8.71 1.25
C THR A 22 12.61 8.40 1.82
N ASP A 23 12.70 7.64 2.92
CA ASP A 23 14.00 7.19 3.50
C ASP A 23 14.53 5.80 3.03
N ASN A 24 13.87 5.18 2.03
CA ASN A 24 14.26 3.87 1.47
C ASN A 24 13.51 3.90 0.11
N PRO A 25 14.01 4.45 -1.03
CA PRO A 25 13.21 4.58 -2.26
C PRO A 25 13.65 3.60 -3.36
N HIS A 26 12.73 2.78 -3.86
CA HIS A 26 13.00 1.83 -4.98
C HIS A 26 12.35 2.19 -6.34
N ILE A 27 11.14 2.76 -6.32
CA ILE A 27 10.14 2.63 -7.41
C ILE A 27 9.31 3.93 -7.50
N GLY A 28 8.66 4.07 -8.66
CA GLY A 28 7.75 5.19 -8.95
C GLY A 28 8.57 6.43 -9.34
N ASP A 29 8.52 7.39 -8.43
CA ASP A 29 9.42 8.57 -8.45
C ASP A 29 10.59 8.52 -7.42
N ASP A 30 10.78 7.40 -6.68
CA ASP A 30 11.64 7.28 -5.47
C ASP A 30 10.72 7.34 -4.19
N PRO A 31 10.17 8.49 -3.70
CA PRO A 31 9.37 8.54 -2.45
C PRO A 31 7.86 8.27 -2.68
N SER A 32 7.50 6.99 -2.80
CA SER A 32 6.13 6.59 -3.15
C SER A 32 5.96 5.17 -2.62
N ILE A 33 5.14 5.04 -1.57
CA ILE A 33 4.82 3.73 -0.94
C ILE A 33 3.98 2.94 -1.95
N PHE A 34 4.56 1.81 -2.35
CA PHE A 34 4.12 1.11 -3.54
C PHE A 34 3.90 -0.34 -3.16
N ILE A 35 2.84 -0.93 -3.70
CA ILE A 35 2.55 -2.36 -3.51
C ILE A 35 3.36 -3.09 -4.62
N THR A 36 4.45 -3.77 -4.23
CA THR A 36 5.27 -4.59 -5.16
C THR A 36 4.83 -6.06 -5.24
N LYS A 37 4.36 -6.68 -4.15
CA LYS A 37 3.84 -8.06 -4.21
C LYS A 37 2.64 -8.25 -3.26
N ILE A 38 1.94 -9.37 -3.50
CA ILE A 38 0.71 -9.77 -2.80
C ILE A 38 1.14 -11.02 -2.00
N ILE A 39 0.87 -10.99 -0.68
CA ILE A 39 1.02 -12.19 0.17
C ILE A 39 -0.14 -13.19 -0.16
N PRO A 40 0.12 -14.50 -0.42
CA PRO A 40 -0.92 -15.53 -0.63
C PRO A 40 -1.90 -15.70 0.56
N GLY A 41 -3.21 -15.69 0.25
CA GLY A 41 -4.25 -15.56 1.31
C GLY A 41 -4.39 -14.17 1.99
N GLY A 42 -3.91 -13.11 1.34
CA GLY A 42 -4.03 -11.75 1.81
C GLY A 42 -5.33 -11.01 1.47
N ALA A 43 -5.40 -9.73 1.86
CA ALA A 43 -6.59 -8.87 1.56
C ALA A 43 -6.82 -8.63 0.06
N ALA A 44 -5.79 -8.18 -0.66
CA ALA A 44 -5.83 -8.03 -2.14
C ALA A 44 -6.08 -9.32 -2.95
N ALA A 45 -5.48 -10.44 -2.51
CA ALA A 45 -5.78 -11.78 -3.05
C ALA A 45 -7.21 -12.35 -2.72
N GLN A 46 -7.69 -12.18 -1.47
CA GLN A 46 -9.04 -12.63 -1.02
C GLN A 46 -10.22 -11.79 -1.58
N ASP A 47 -10.13 -10.45 -1.44
CA ASP A 47 -11.19 -9.50 -1.84
C ASP A 47 -11.31 -9.38 -3.38
N GLY A 48 -10.17 -9.15 -4.07
CA GLY A 48 -10.15 -9.04 -5.52
C GLY A 48 -9.04 -9.87 -6.16
N ARG A 49 -8.82 -9.50 -7.42
CA ARG A 49 -7.84 -10.16 -8.32
C ARG A 49 -7.11 -9.06 -9.13
N LEU A 50 -6.50 -8.13 -8.39
CA LEU A 50 -5.87 -6.94 -8.95
C LEU A 50 -4.40 -7.30 -9.28
N ARG A 51 -3.66 -6.23 -9.41
CA ARG A 51 -2.21 -6.25 -9.37
C ARG A 51 -1.90 -5.31 -8.19
N VAL A 52 -0.80 -5.67 -7.60
CA VAL A 52 -0.10 -4.92 -6.53
C VAL A 52 0.02 -3.43 -6.85
N ASN A 53 0.85 -3.12 -7.86
CA ASN A 53 1.07 -1.81 -8.50
C ASN A 53 -0.02 -0.70 -8.37
N ASP A 54 -0.03 -0.14 -7.17
CA ASP A 54 -1.01 0.87 -6.76
C ASP A 54 -0.25 1.68 -5.70
N SER A 55 -0.06 2.96 -6.00
CA SER A 55 0.72 3.87 -5.13
C SER A 55 -0.19 4.34 -3.97
N ILE A 56 -0.13 3.61 -2.84
CA ILE A 56 -0.91 3.93 -1.62
C ILE A 56 -0.58 5.35 -1.09
N LEU A 57 -1.61 6.21 -1.20
CA LEU A 57 -1.53 7.64 -0.88
C LEU A 57 -2.19 8.09 0.44
N PHE A 58 -3.34 7.49 0.72
CA PHE A 58 -4.06 7.64 1.99
C PHE A 58 -4.52 6.22 2.34
N VAL A 59 -4.31 5.89 3.60
CA VAL A 59 -4.86 4.66 4.20
C VAL A 59 -5.69 5.14 5.43
N ASN A 60 -7.00 4.82 5.47
CA ASN A 60 -7.94 5.31 6.52
C ASN A 60 -8.31 6.78 6.22
N GLU A 61 -7.37 7.64 6.59
CA GLU A 61 -7.38 9.10 6.49
C GLU A 61 -5.93 9.68 6.72
N VAL A 62 -4.93 8.86 7.11
CA VAL A 62 -3.53 9.26 7.36
C VAL A 62 -2.83 9.56 6.00
N ASP A 63 -2.11 10.67 6.02
CA ASP A 63 -1.20 11.09 4.94
C ASP A 63 0.12 10.28 4.97
N VAL A 64 0.17 9.30 4.06
CA VAL A 64 1.37 8.44 3.84
C VAL A 64 1.98 8.83 2.46
N ARG A 65 1.96 7.94 1.44
CA ARG A 65 2.57 8.13 0.09
C ARG A 65 4.03 8.66 0.03
N GLU A 66 4.16 9.98 0.15
CA GLU A 66 5.43 10.68 0.28
C GLU A 66 5.79 10.77 1.79
N VAL A 67 6.12 9.59 2.30
CA VAL A 67 6.48 9.36 3.71
C VAL A 67 7.59 8.28 3.67
N THR A 68 8.23 8.13 4.83
CA THR A 68 8.99 6.90 5.17
C THR A 68 8.06 5.66 5.11
N HIS A 69 8.52 4.58 4.44
CA HIS A 69 7.79 3.28 4.43
C HIS A 69 7.29 2.73 5.78
N SER A 70 8.06 2.98 6.84
CA SER A 70 7.76 2.66 8.25
C SER A 70 6.46 3.32 8.82
N ALA A 71 6.20 4.60 8.52
CA ALA A 71 4.87 5.24 8.77
C ALA A 71 3.69 4.69 7.91
N ALA A 72 3.95 4.35 6.63
CA ALA A 72 2.96 3.70 5.76
C ALA A 72 2.59 2.27 6.15
N VAL A 73 3.57 1.37 6.28
CA VAL A 73 3.37 0.06 6.93
C VAL A 73 2.63 0.08 8.29
N GLU A 74 3.01 1.01 9.18
CA GLU A 74 2.32 1.22 10.47
C GLU A 74 0.84 1.61 10.26
N ALA A 75 0.52 2.65 9.48
CA ALA A 75 -0.87 3.04 9.12
C ALA A 75 -1.71 2.01 8.31
N LEU A 76 -1.06 1.25 7.41
CA LEU A 76 -1.59 0.02 6.77
C LEU A 76 -2.00 -1.08 7.79
N LYS A 77 -1.08 -1.50 8.67
CA LYS A 77 -1.40 -2.40 9.81
C LYS A 77 -2.37 -1.83 10.89
N GLU A 78 -2.29 -0.51 11.15
CA GLU A 78 -3.24 0.26 11.99
C GLU A 78 -4.68 0.44 11.45
N ALA A 79 -4.87 0.35 10.13
CA ALA A 79 -6.17 0.00 9.55
C ALA A 79 -6.84 -1.31 10.07
N GLY A 80 -6.03 -2.30 10.51
CA GLY A 80 -6.50 -3.45 11.27
C GLY A 80 -6.86 -4.60 10.33
N SER A 81 -8.04 -5.14 10.62
CA SER A 81 -8.71 -6.11 9.72
C SER A 81 -9.45 -5.53 8.47
N ILE A 82 -9.48 -4.21 8.29
CA ILE A 82 -10.26 -3.54 7.24
C ILE A 82 -9.44 -2.31 6.83
N VAL A 83 -8.79 -2.46 5.68
CA VAL A 83 -7.93 -1.44 5.10
C VAL A 83 -8.76 -0.58 4.14
N ARG A 84 -8.85 0.71 4.47
CA ARG A 84 -9.41 1.72 3.57
C ARG A 84 -8.24 2.24 2.72
N LEU A 85 -8.07 1.65 1.55
CA LEU A 85 -6.91 1.94 0.68
C LEU A 85 -7.37 2.97 -0.36
N TYR A 86 -6.60 4.04 -0.42
CA TYR A 86 -6.80 5.12 -1.38
C TYR A 86 -5.44 5.23 -2.08
N VAL A 87 -5.41 5.04 -3.39
CA VAL A 87 -4.14 4.98 -4.17
C VAL A 87 -4.24 6.04 -5.30
N MET A 88 -3.21 6.87 -5.51
CA MET A 88 -3.13 7.71 -6.72
C MET A 88 -2.19 7.05 -7.74
N ARG A 89 -2.77 6.59 -8.85
CA ARG A 89 -2.00 5.90 -9.90
C ARG A 89 -1.48 6.98 -10.86
N ARG A 90 -0.15 6.93 -11.05
CA ARG A 90 0.54 7.72 -12.10
C ARG A 90 0.08 7.49 -13.56
N LYS A 91 -0.43 6.28 -13.89
CA LYS A 91 -1.02 5.95 -15.21
C LYS A 91 0.07 5.76 -16.32
N PRO A 92 -0.22 5.16 -17.51
CA PRO A 92 0.69 5.18 -18.66
C PRO A 92 0.45 6.47 -19.52
N PRO A 93 1.34 7.51 -19.55
CA PRO A 93 1.13 8.73 -20.35
C PRO A 93 1.34 8.46 -21.87
N TYR B 1 17.12 -0.73 -0.89
CA TYR B 1 15.73 -0.65 -0.42
C TYR B 1 15.41 -1.81 0.57
N LYS B 2 14.21 -1.74 1.16
CA LYS B 2 13.66 -2.80 2.01
C LYS B 2 12.12 -2.81 1.87
N LYS B 3 11.61 -3.95 1.43
CA LYS B 3 10.15 -4.18 1.35
C LYS B 3 9.66 -4.84 2.64
N THR B 4 8.66 -4.19 3.27
CA THR B 4 7.91 -4.80 4.40
C THR B 4 6.74 -5.63 3.84
N GLU B 5 6.50 -6.76 4.51
CA GLU B 5 5.40 -7.70 4.20
C GLU B 5 4.23 -7.33 5.11
N VAL B 6 3.09 -6.99 4.50
CA VAL B 6 2.05 -6.23 5.23
C VAL B 6 0.78 -7.01 4.97
N GLU A 1 -5.20 9.92 -11.95
CA GLU A 1 -6.28 10.10 -10.95
C GLU A 1 -6.14 9.07 -9.82
N TYR A 2 -6.73 9.40 -8.67
CA TYR A 2 -6.78 8.51 -7.49
C TYR A 2 -8.18 7.91 -7.29
N GLU A 3 -8.18 6.59 -7.02
CA GLU A 3 -9.42 5.79 -6.86
C GLU A 3 -9.34 5.09 -5.50
N GLU A 4 -10.47 5.14 -4.78
CA GLU A 4 -10.63 4.44 -3.50
C GLU A 4 -10.93 2.94 -3.69
N ILE A 5 -10.14 2.13 -2.99
CA ILE A 5 -10.22 0.65 -3.03
C ILE A 5 -10.27 0.26 -1.54
N THR A 6 -11.38 -0.38 -1.15
CA THR A 6 -11.51 -0.94 0.21
C THR A 6 -11.17 -2.43 0.12
N LEU A 7 -10.17 -2.79 0.92
CA LEU A 7 -9.72 -4.18 1.12
C LEU A 7 -9.90 -4.51 2.62
N GLU A 8 -9.93 -5.80 2.96
CA GLU A 8 -9.95 -6.26 4.37
C GLU A 8 -8.51 -6.25 4.93
N ARG A 9 -8.29 -5.87 6.20
CA ARG A 9 -6.99 -6.09 6.86
C ARG A 9 -6.90 -7.56 7.34
N GLY A 10 -6.54 -8.47 6.41
CA GLY A 10 -6.21 -9.89 6.65
C GLY A 10 -6.94 -10.58 7.81
N ASN A 11 -6.11 -11.02 8.75
CA ASN A 11 -6.56 -11.53 10.06
C ASN A 11 -5.39 -11.31 11.07
N SER A 12 -4.28 -12.06 10.84
CA SER A 12 -2.99 -11.84 11.54
C SER A 12 -2.07 -10.74 10.89
N GLY A 13 -2.28 -10.42 9.61
CA GLY A 13 -1.69 -9.25 8.96
C GLY A 13 -2.75 -8.60 8.06
N LEU A 14 -2.33 -8.30 6.84
CA LEU A 14 -3.19 -7.67 5.80
C LEU A 14 -3.25 -8.59 4.54
N GLY A 15 -2.08 -8.97 3.98
CA GLY A 15 -2.00 -9.87 2.80
C GLY A 15 -1.37 -9.31 1.53
N PHE A 16 -0.53 -8.29 1.66
CA PHE A 16 0.31 -7.75 0.57
C PHE A 16 1.65 -7.26 1.19
N SER A 17 2.55 -6.80 0.35
CA SER A 17 3.89 -6.31 0.72
C SER A 17 4.13 -5.02 -0.01
N ILE A 18 4.84 -4.12 0.67
CA ILE A 18 5.06 -2.75 0.19
C ILE A 18 6.52 -2.50 -0.19
N ALA A 19 6.68 -1.81 -1.32
CA ALA A 19 7.93 -1.12 -1.64
C ALA A 19 7.96 0.30 -1.03
N GLY A 20 9.03 1.00 -1.39
CA GLY A 20 9.66 1.95 -0.51
C GLY A 20 9.22 3.40 -0.67
N GLY A 21 9.44 4.12 0.42
CA GLY A 21 9.14 5.55 0.53
C GLY A 21 10.37 6.45 0.45
N THR A 22 10.19 7.66 0.98
CA THR A 22 11.22 8.74 0.99
C THR A 22 12.61 8.37 1.60
N ASP A 23 12.64 7.58 2.69
CA ASP A 23 13.90 7.07 3.30
C ASP A 23 14.51 5.77 2.64
N ASN A 24 13.78 5.10 1.74
CA ASN A 24 14.16 3.79 1.16
C ASN A 24 13.35 3.82 -0.16
N PRO A 25 13.81 4.27 -1.35
CA PRO A 25 12.95 4.32 -2.57
C PRO A 25 13.10 3.04 -3.42
N HIS A 26 11.96 2.55 -3.94
CA HIS A 26 11.95 1.50 -4.99
C HIS A 26 11.71 1.99 -6.45
N ILE A 27 10.94 3.07 -6.60
CA ILE A 27 10.42 3.56 -7.88
C ILE A 27 11.30 4.71 -8.42
N GLY A 28 11.28 4.84 -9.76
CA GLY A 28 11.99 5.93 -10.46
C GLY A 28 11.41 7.36 -10.41
N ASP A 29 10.44 7.62 -9.53
CA ASP A 29 10.06 8.98 -9.11
C ASP A 29 10.80 9.50 -7.83
N ASP A 30 11.55 8.65 -7.07
CA ASP A 30 12.12 8.93 -5.74
C ASP A 30 11.08 8.56 -4.63
N PRO A 31 10.07 9.37 -4.18
CA PRO A 31 9.32 9.12 -2.94
C PRO A 31 7.82 8.85 -3.18
N SER A 32 7.46 7.58 -3.20
CA SER A 32 6.08 7.17 -3.51
C SER A 32 5.94 5.77 -2.91
N ILE A 33 4.94 5.62 -2.05
CA ILE A 33 4.65 4.31 -1.42
C ILE A 33 3.92 3.45 -2.46
N PHE A 34 4.54 2.30 -2.69
CA PHE A 34 4.02 1.29 -3.62
C PHE A 34 3.71 0.03 -2.81
N ILE A 35 2.78 -0.75 -3.35
CA ILE A 35 2.63 -2.16 -2.97
C ILE A 35 3.44 -2.97 -4.04
N THR A 36 4.41 -3.79 -3.60
CA THR A 36 5.16 -4.77 -4.45
C THR A 36 4.32 -6.01 -4.82
N LYS A 37 3.87 -6.79 -3.81
CA LYS A 37 3.37 -8.16 -4.03
C LYS A 37 2.24 -8.52 -3.06
N ILE A 38 1.54 -9.57 -3.46
CA ILE A 38 0.35 -10.07 -2.78
C ILE A 38 0.83 -11.33 -2.04
N ILE A 39 0.63 -11.30 -0.72
CA ILE A 39 0.90 -12.48 0.13
C ILE A 39 -0.25 -13.51 -0.11
N PRO A 40 0.05 -14.77 -0.57
CA PRO A 40 -0.95 -15.85 -0.68
C PRO A 40 -1.61 -16.24 0.67
N GLY A 41 -2.93 -16.45 0.65
CA GLY A 41 -3.69 -16.64 1.90
C GLY A 41 -4.08 -15.38 2.72
N GLY A 42 -3.71 -14.17 2.27
CA GLY A 42 -4.14 -12.93 2.90
C GLY A 42 -5.46 -12.38 2.34
N ALA A 43 -5.84 -11.21 2.85
CA ALA A 43 -7.06 -10.52 2.37
C ALA A 43 -7.00 -9.92 0.95
N ALA A 44 -5.82 -9.46 0.50
CA ALA A 44 -5.64 -9.10 -0.92
C ALA A 44 -5.81 -10.29 -1.88
N ALA A 45 -5.45 -11.52 -1.47
CA ALA A 45 -5.87 -12.75 -2.18
C ALA A 45 -7.38 -12.89 -2.53
N GLN A 46 -8.26 -12.55 -1.58
CA GLN A 46 -9.73 -12.52 -1.76
C GLN A 46 -10.25 -11.31 -2.59
N ASP A 47 -9.87 -10.06 -2.21
CA ASP A 47 -10.38 -8.82 -2.84
C ASP A 47 -9.81 -8.56 -4.26
N GLY A 48 -8.48 -8.60 -4.41
CA GLY A 48 -7.82 -8.45 -5.71
C GLY A 48 -6.36 -8.86 -5.56
N ARG A 49 -6.07 -10.15 -5.82
CA ARG A 49 -4.69 -10.72 -5.72
C ARG A 49 -3.74 -10.39 -6.93
N LEU A 50 -3.66 -9.13 -7.34
CA LEU A 50 -3.17 -8.75 -8.69
C LEU A 50 -2.74 -7.26 -8.85
N ARG A 51 -3.27 -6.37 -8.00
CA ARG A 51 -3.21 -4.89 -8.15
C ARG A 51 -2.11 -4.14 -7.39
N VAL A 52 -1.25 -4.91 -6.72
CA VAL A 52 -0.25 -4.47 -5.74
C VAL A 52 0.42 -3.16 -6.11
N ASN A 53 1.12 -3.10 -7.25
CA ASN A 53 1.61 -1.85 -7.87
C ASN A 53 0.50 -0.78 -8.15
N ASP A 54 0.18 -0.11 -7.06
CA ASP A 54 -0.84 0.91 -6.92
C ASP A 54 -0.14 1.90 -5.97
N SER A 55 -0.06 3.15 -6.44
CA SER A 55 0.62 4.24 -5.70
C SER A 55 -0.28 4.70 -4.53
N ILE A 56 -0.17 3.99 -3.40
CA ILE A 56 -0.94 4.28 -2.17
C ILE A 56 -0.52 5.66 -1.62
N LEU A 57 -1.52 6.54 -1.64
CA LEU A 57 -1.41 7.93 -1.17
C LEU A 57 -2.13 8.23 0.15
N PHE A 58 -3.36 7.74 0.30
CA PHE A 58 -4.17 7.97 1.50
C PHE A 58 -4.71 6.60 1.91
N VAL A 59 -4.62 6.36 3.21
CA VAL A 59 -5.21 5.17 3.84
C VAL A 59 -6.09 5.71 4.99
N ASN A 60 -7.41 5.42 4.91
CA ASN A 60 -8.45 5.95 5.84
C ASN A 60 -8.72 7.43 5.45
N GLU A 61 -7.91 8.28 6.07
CA GLU A 61 -7.82 9.74 5.91
C GLU A 61 -6.35 10.24 6.14
N VAL A 62 -5.39 9.38 6.58
CA VAL A 62 -3.97 9.71 6.80
C VAL A 62 -3.27 9.95 5.43
N ASP A 63 -2.46 11.02 5.44
CA ASP A 63 -1.61 11.40 4.31
C ASP A 63 -0.24 10.69 4.46
N VAL A 64 -0.08 9.62 3.68
CA VAL A 64 1.19 8.88 3.55
C VAL A 64 1.89 9.34 2.25
N ARG A 65 1.76 8.61 1.11
CA ARG A 65 2.38 8.95 -0.22
C ARG A 65 3.88 9.36 -0.22
N GLU A 66 4.13 10.67 -0.03
CA GLU A 66 5.46 11.21 0.21
C GLU A 66 5.80 11.11 1.72
N VAL A 67 6.12 9.87 2.10
CA VAL A 67 6.46 9.49 3.47
C VAL A 67 7.52 8.37 3.35
N THR A 68 8.14 8.05 4.49
CA THR A 68 8.80 6.75 4.71
C THR A 68 7.77 5.58 4.61
N HIS A 69 8.15 4.49 3.93
CA HIS A 69 7.39 3.20 3.95
C HIS A 69 6.92 2.66 5.33
N SER A 70 7.72 2.92 6.38
CA SER A 70 7.40 2.60 7.78
C SER A 70 6.13 3.29 8.35
N ALA A 71 5.87 4.58 8.06
CA ALA A 71 4.56 5.21 8.33
C ALA A 71 3.38 4.72 7.44
N ALA A 72 3.63 4.41 6.15
CA ALA A 72 2.65 3.78 5.25
C ALA A 72 2.25 2.35 5.61
N VAL A 73 3.21 1.43 5.78
CA VAL A 73 2.97 0.11 6.41
C VAL A 73 2.22 0.19 7.76
N GLU A 74 2.62 1.16 8.63
CA GLU A 74 1.95 1.46 9.91
C GLU A 74 0.48 1.88 9.73
N ALA A 75 0.17 2.91 8.93
CA ALA A 75 -1.22 3.32 8.63
C ALA A 75 -2.10 2.31 7.82
N LEU A 76 -1.48 1.47 6.96
CA LEU A 76 -2.12 0.28 6.33
C LEU A 76 -2.58 -0.80 7.33
N LYS A 77 -1.71 -1.29 8.21
CA LYS A 77 -2.13 -2.12 9.37
C LYS A 77 -2.98 -1.39 10.47
N GLU A 78 -2.73 -0.07 10.69
CA GLU A 78 -3.56 0.80 11.55
C GLU A 78 -4.97 1.19 11.04
N ALA A 79 -5.29 0.91 9.77
CA ALA A 79 -6.69 0.92 9.30
C ALA A 79 -7.71 -0.06 9.96
N GLY A 80 -7.26 -0.88 10.92
CA GLY A 80 -8.14 -1.71 11.76
C GLY A 80 -8.27 -3.09 11.14
N SER A 81 -9.53 -3.51 10.95
CA SER A 81 -9.88 -4.72 10.16
C SER A 81 -10.21 -4.46 8.65
N ILE A 82 -10.17 -3.20 8.18
CA ILE A 82 -10.73 -2.75 6.89
C ILE A 82 -9.86 -1.56 6.45
N VAL A 83 -9.09 -1.79 5.39
CA VAL A 83 -8.17 -0.79 4.81
C VAL A 83 -8.92 0.02 3.74
N ARG A 84 -8.97 1.33 3.94
CA ARG A 84 -9.64 2.24 2.99
C ARG A 84 -8.53 2.95 2.21
N LEU A 85 -8.11 2.31 1.11
CA LEU A 85 -6.95 2.76 0.33
C LEU A 85 -7.44 3.74 -0.74
N TYR A 86 -6.64 4.77 -1.00
CA TYR A 86 -6.80 5.68 -2.14
C TYR A 86 -5.45 5.60 -2.88
N VAL A 87 -5.50 5.25 -4.16
CA VAL A 87 -4.29 4.92 -4.94
C VAL A 87 -4.34 5.68 -6.27
N MET A 88 -3.23 6.34 -6.63
CA MET A 88 -3.12 7.07 -7.92
C MET A 88 -2.44 6.18 -8.98
N ARG A 89 -3.03 6.23 -10.17
CA ARG A 89 -2.38 5.82 -11.41
C ARG A 89 -1.94 7.08 -12.18
N ARG A 90 -0.73 7.02 -12.77
CA ARG A 90 -0.19 8.11 -13.62
C ARG A 90 -0.02 9.42 -12.82
N LYS A 91 0.95 9.43 -11.89
CA LYS A 91 1.13 10.56 -10.98
C LYS A 91 1.81 11.72 -11.77
N PRO A 92 1.18 12.91 -11.99
CA PRO A 92 1.77 13.98 -12.81
C PRO A 92 2.88 14.77 -12.04
N PRO A 93 4.10 15.02 -12.60
CA PRO A 93 5.09 15.94 -12.00
C PRO A 93 4.57 17.40 -11.83
N TYR B 1 16.84 -0.58 -1.54
CA TYR B 1 15.48 -0.61 -0.98
C TYR B 1 15.29 -1.88 -0.08
N LYS B 2 14.25 -1.84 0.74
CA LYS B 2 13.76 -3.02 1.48
C LYS B 2 12.22 -2.98 1.50
N LYS B 3 11.65 -4.08 1.00
CA LYS B 3 10.19 -4.28 1.00
C LYS B 3 9.75 -4.84 2.38
N THR B 4 8.73 -4.17 2.95
CA THR B 4 8.10 -4.59 4.22
C THR B 4 6.76 -5.29 3.90
N GLU B 5 6.57 -6.46 4.53
CA GLU B 5 5.31 -7.22 4.47
C GLU B 5 4.22 -6.55 5.34
N VAL B 6 2.98 -6.70 4.89
CA VAL B 6 1.80 -6.13 5.55
C VAL B 6 0.65 -7.02 5.08
#